data_7WH9
#
_entry.id   7WH9
#
_cell.length_a   162.093
_cell.length_b   162.093
_cell.length_c   130.219
_cell.angle_alpha   90.000
_cell.angle_beta   90.000
_cell.angle_gamma   120.000
#
_symmetry.space_group_name_H-M   'P 31 2 1'
#
loop_
_entity.id
_entity.type
_entity.pdbx_description
1 polymer 'O-methyltransferase gedA'
2 non-polymer 3-METHYL-1,6,8-TRIHYDROXYANTHRAQUINONE
3 non-polymer S-ADENOSYL-L-HOMOCYSTEINE
4 water water
#
_entity_poly.entity_id   1
_entity_poly.type   'polypeptide(L)'
_entity_poly.pdbx_seq_one_letter_code
;MGSSHHHHHHSSGLVPRGSHMERQPKSLSDAVQLLQTTEIISKCTQTIIAEWSNEAETFKKRASSGRAGAELVLPSHELF
NAQRTITAAIGKLIELVSEPSVRILEIAGQYQESRALYIAVERRIPDILASQDNEGGMPVKELSSRTGIEHRKLSRILRY
LCSMGTFRQVGPDVFANNTISACLVANEPLRAYVRLTGSEAFTASDRLPKTLLDPSTGPSYDVTRTAWQDAIGTTKPRWE
WIEERVEPDKLLDSGFHYPGIPSLILEPQAPGEDGLVARPELEIMGLAMVGGGRVFGAAHVFDFPWASLGNALVVDVGGG
VGGFALQLSKVYPDLRFVIQDRGPVIQQALESVWPNENPAALKDQRVQFMEHSFFDKNPVEGADVYYLRYVLHDWSDDYC
VNILSRIRESMAPHSRLLICEQVMNTTIGDPDLTSAPAPLPANYGFHARFSHSRDLTMMAAINGIERTPEEFKTILKSAG
LALKQIWECRSQVSLLEAVRADARTA
;
_entity_poly.pdbx_strand_id   A,B,C
#
# COMPACT_ATOMS: atom_id res chain seq x y z
N MET A 21 -2.37 58.94 -4.68
CA MET A 21 -2.56 57.81 -5.57
C MET A 21 -3.81 57.04 -5.13
N GLU A 22 -4.77 56.87 -6.03
CA GLU A 22 -5.95 56.13 -5.64
C GLU A 22 -5.85 54.69 -6.11
N ARG A 23 -6.59 53.83 -5.42
CA ARG A 23 -6.65 52.43 -5.81
C ARG A 23 -7.43 52.31 -7.12
N GLN A 24 -7.05 51.37 -7.93
CA GLN A 24 -7.74 51.23 -9.20
C GLN A 24 -8.57 49.96 -9.24
N PRO A 25 -9.66 49.96 -9.98
CA PRO A 25 -10.42 48.71 -10.13
C PRO A 25 -9.63 47.71 -10.94
N LYS A 26 -9.79 46.44 -10.60
CA LYS A 26 -9.10 45.40 -11.36
C LYS A 26 -9.86 45.08 -12.64
N SER A 27 -9.11 44.67 -13.65
CA SER A 27 -9.64 44.41 -14.97
C SER A 27 -10.11 42.96 -15.09
N LEU A 28 -10.87 42.70 -16.17
CA LEU A 28 -11.20 41.33 -16.51
C LEU A 28 -9.94 40.47 -16.67
N SER A 29 -8.90 41.01 -17.31
CA SER A 29 -7.71 40.20 -17.53
C SER A 29 -7.04 39.84 -16.22
N ASP A 30 -7.01 40.77 -15.27
CA ASP A 30 -6.41 40.44 -13.99
C ASP A 30 -7.10 39.23 -13.37
N ALA A 31 -8.45 39.21 -13.42
CA ALA A 31 -9.19 38.09 -12.85
C ALA A 31 -8.90 36.80 -13.59
N VAL A 32 -8.94 36.86 -14.92
CA VAL A 32 -8.81 35.63 -15.69
C VAL A 32 -7.42 35.05 -15.50
N GLN A 33 -6.38 35.88 -15.51
CA GLN A 33 -5.04 35.32 -15.28
C GLN A 33 -4.85 34.87 -13.84
N LEU A 34 -5.46 35.54 -12.87
CA LEU A 34 -5.30 35.03 -11.52
C LEU A 34 -5.91 33.63 -11.42
N LEU A 35 -7.02 33.39 -12.14
CA LEU A 35 -7.56 32.04 -12.20
C LEU A 35 -6.64 31.08 -12.92
N GLN A 36 -6.21 31.45 -14.13
CA GLN A 36 -5.35 30.57 -14.91
C GLN A 36 -4.07 30.21 -14.15
N THR A 37 -3.38 31.19 -13.54
CA THR A 37 -2.14 30.83 -12.84
C THR A 37 -2.41 30.03 -11.56
N THR A 38 -3.52 30.32 -10.87
CA THR A 38 -3.87 29.45 -9.75
C THR A 38 -4.08 28.03 -10.21
N GLU A 39 -4.75 27.86 -11.35
CA GLU A 39 -4.92 26.50 -11.85
C GLU A 39 -3.57 25.89 -12.24
N ILE A 40 -2.62 26.71 -12.72
CA ILE A 40 -1.29 26.19 -13.00
C ILE A 40 -0.57 25.79 -11.71
N ILE A 41 -0.67 26.62 -10.68
CA ILE A 41 -0.08 26.28 -9.39
C ILE A 41 -0.61 24.96 -8.90
N SER A 42 -1.90 24.74 -9.10
CA SER A 42 -2.51 23.55 -8.56
C SER A 42 -2.11 22.31 -9.36
N LYS A 43 -1.94 22.43 -10.68
CA LYS A 43 -1.46 21.27 -11.43
C LYS A 43 -0.01 20.95 -11.06
N CYS A 44 0.81 21.98 -10.88
CA CYS A 44 2.20 21.78 -10.49
C CYS A 44 2.32 21.10 -9.14
N THR A 45 1.42 21.42 -8.20
CA THR A 45 1.49 20.76 -6.91
C THR A 45 1.30 19.26 -7.04
N GLN A 46 0.40 18.81 -7.91
CA GLN A 46 0.18 17.38 -8.03
C GLN A 46 1.39 16.71 -8.66
N THR A 47 2.02 17.36 -9.65
CA THR A 47 3.22 16.78 -10.24
C THR A 47 4.34 16.71 -9.21
N ILE A 48 4.52 17.78 -8.44
CA ILE A 48 5.62 17.82 -7.49
C ILE A 48 5.46 16.71 -6.45
N ILE A 49 4.23 16.43 -6.03
CA ILE A 49 3.99 15.42 -5.03
C ILE A 49 4.29 14.04 -5.61
N ALA A 50 3.82 13.79 -6.84
CA ALA A 50 4.13 12.54 -7.53
C ALA A 50 5.63 12.34 -7.67
N GLU A 51 6.38 13.40 -7.99
CA GLU A 51 7.79 13.19 -8.21
C GLU A 51 8.60 13.19 -6.92
N TRP A 52 8.11 13.85 -5.88
CA TRP A 52 8.71 13.61 -4.58
C TRP A 52 8.61 12.14 -4.21
N SER A 53 7.51 11.48 -4.55
CA SER A 53 7.38 10.09 -4.16
C SER A 53 8.20 9.17 -5.05
N ASN A 54 8.37 9.51 -6.34
CA ASN A 54 9.29 8.75 -7.17
C ASN A 54 10.73 8.97 -6.76
N GLU A 55 11.06 10.21 -6.44
CA GLU A 55 12.42 10.52 -6.01
C GLU A 55 12.78 9.79 -4.72
N ALA A 56 11.88 9.81 -3.74
CA ALA A 56 12.15 9.12 -2.47
C ALA A 56 12.43 7.63 -2.69
N GLU A 57 11.69 6.99 -3.60
CA GLU A 57 11.93 5.57 -3.80
C GLU A 57 13.29 5.30 -4.44
N THR A 58 13.75 6.20 -5.29
CA THR A 58 15.07 6.13 -5.85
C THR A 58 16.11 6.26 -4.76
N PHE A 59 15.96 7.24 -3.90
CA PHE A 59 16.92 7.43 -2.82
C PHE A 59 17.09 6.14 -2.04
N LYS A 60 16.00 5.41 -1.80
CA LYS A 60 16.07 4.20 -0.98
C LYS A 60 16.68 3.04 -1.77
N LYS A 61 16.24 2.87 -3.02
CA LYS A 61 16.71 1.77 -3.86
C LYS A 61 18.24 1.79 -3.99
N ARG A 62 18.82 2.99 -4.12
CA ARG A 62 20.27 3.13 -4.13
C ARG A 62 20.78 3.23 -2.70
N ALA A 63 20.70 2.10 -2.01
CA ALA A 63 21.15 1.98 -0.61
C ALA A 63 22.58 2.51 -0.42
N ALA A 68 24.14 4.88 -6.20
CA ALA A 68 24.38 6.32 -6.32
C ALA A 68 23.96 6.82 -7.70
N GLY A 69 23.77 8.14 -7.84
CA GLY A 69 23.41 8.74 -9.11
C GLY A 69 23.18 10.25 -9.08
N ALA A 70 22.36 10.74 -10.01
CA ALA A 70 22.12 12.18 -10.16
C ALA A 70 21.11 12.71 -9.15
N GLU A 71 20.19 11.86 -8.68
CA GLU A 71 19.20 12.22 -7.65
C GLU A 71 19.84 12.99 -6.50
N LEU A 72 21.08 12.67 -6.17
CA LEU A 72 21.76 13.30 -5.03
C LEU A 72 22.25 14.72 -5.32
N VAL A 73 22.10 15.16 -6.57
CA VAL A 73 22.54 16.49 -6.98
C VAL A 73 21.48 17.22 -7.79
N LEU A 74 20.53 16.53 -8.42
CA LEU A 74 19.67 17.14 -9.41
C LEU A 74 18.24 16.63 -9.26
N PRO A 75 17.26 17.52 -9.31
CA PRO A 75 15.89 17.05 -9.47
C PRO A 75 15.74 16.40 -10.83
N SER A 76 14.81 15.46 -10.90
CA SER A 76 14.42 14.88 -12.17
C SER A 76 13.97 15.95 -13.16
N HIS A 77 13.92 15.61 -14.44
CA HIS A 77 13.41 16.56 -15.43
C HIS A 77 11.99 16.98 -15.09
N GLU A 78 11.12 16.00 -14.77
CA GLU A 78 9.74 16.34 -14.47
C GLU A 78 9.63 17.18 -13.21
N LEU A 79 10.45 16.90 -12.19
CA LEU A 79 10.37 17.73 -10.99
C LEU A 79 10.93 19.13 -11.23
N PHE A 80 12.00 19.25 -12.02
CA PHE A 80 12.57 20.58 -12.27
C PHE A 80 11.63 21.45 -13.08
N ASN A 81 10.91 20.87 -14.05
CA ASN A 81 9.96 21.67 -14.83
C ASN A 81 8.78 22.14 -13.99
N ALA A 82 8.32 21.31 -13.05
CA ALA A 82 7.23 21.72 -12.16
C ALA A 82 7.70 22.80 -11.20
N GLN A 83 8.94 22.69 -10.72
CA GLN A 83 9.47 23.75 -9.87
C GLN A 83 9.56 25.04 -10.64
N ARG A 84 10.01 24.96 -11.88
CA ARG A 84 10.21 26.19 -12.63
C ARG A 84 8.86 26.83 -12.92
N THR A 85 7.89 26.03 -13.38
CA THR A 85 6.57 26.53 -13.70
C THR A 85 5.85 27.07 -12.48
N ILE A 86 5.90 26.36 -11.35
CA ILE A 86 5.17 26.83 -10.19
C ILE A 86 5.81 28.09 -9.64
N THR A 87 7.15 28.20 -9.70
CA THR A 87 7.79 29.45 -9.34
C THR A 87 7.33 30.60 -10.25
N ALA A 88 7.32 30.39 -11.56
CA ALA A 88 6.85 31.45 -12.45
C ALA A 88 5.43 31.89 -12.09
N ALA A 89 4.55 30.92 -11.81
CA ALA A 89 3.17 31.26 -11.45
C ALA A 89 3.08 31.95 -10.11
N ILE A 90 3.88 31.52 -9.13
CA ILE A 90 3.96 32.23 -7.83
C ILE A 90 4.24 33.71 -8.08
N GLY A 91 5.25 33.99 -8.90
CA GLY A 91 5.56 35.37 -9.21
C GLY A 91 4.40 36.12 -9.82
N LYS A 92 3.69 35.50 -10.76
CA LYS A 92 2.64 36.27 -11.41
C LYS A 92 1.45 36.48 -10.48
N LEU A 93 1.24 35.55 -9.56
CA LEU A 93 0.17 35.73 -8.59
C LEU A 93 0.46 36.92 -7.68
N ILE A 94 1.71 37.07 -7.22
CA ILE A 94 2.07 38.20 -6.36
C ILE A 94 1.81 39.52 -7.07
N GLU A 95 2.24 39.62 -8.33
CA GLU A 95 2.00 40.82 -9.11
C GLU A 95 0.51 41.14 -9.23
N LEU A 96 -0.36 40.11 -9.28
CA LEU A 96 -1.78 40.35 -9.51
C LEU A 96 -2.61 40.51 -8.24
N VAL A 97 -2.22 39.93 -7.11
CA VAL A 97 -3.04 40.06 -5.91
C VAL A 97 -2.57 41.20 -5.01
N SER A 98 -1.35 41.68 -5.17
CA SER A 98 -0.83 42.68 -4.24
C SER A 98 -1.44 44.05 -4.46
N GLU A 99 -1.57 44.78 -3.37
CA GLU A 99 -1.70 46.23 -3.48
C GLU A 99 -0.41 46.77 -4.06
N PRO A 100 -0.48 47.57 -5.13
CA PRO A 100 0.75 48.03 -5.79
C PRO A 100 1.73 48.74 -4.86
N SER A 101 1.27 49.68 -4.03
CA SER A 101 2.23 50.39 -3.18
C SER A 101 2.84 49.46 -2.15
N VAL A 102 2.05 48.54 -1.59
CA VAL A 102 2.62 47.59 -0.65
C VAL A 102 3.75 46.84 -1.32
N ARG A 103 3.55 46.39 -2.55
CA ARG A 103 4.54 45.53 -3.18
C ARG A 103 5.77 46.32 -3.61
N ILE A 104 5.58 47.58 -4.00
CA ILE A 104 6.72 48.45 -4.28
C ILE A 104 7.58 48.60 -3.03
N LEU A 105 6.97 48.82 -1.86
CA LEU A 105 7.83 48.99 -0.70
C LEU A 105 8.35 47.70 -0.13
N GLU A 106 7.69 46.56 -0.39
CA GLU A 106 8.29 45.30 -0.01
C GLU A 106 9.57 45.03 -0.81
N ILE A 107 9.53 45.22 -2.14
CA ILE A 107 10.75 45.07 -2.96
C ILE A 107 11.85 46.01 -2.49
N ALA A 108 11.50 47.28 -2.24
CA ALA A 108 12.51 48.29 -1.97
C ALA A 108 13.35 47.95 -0.75
N GLY A 109 12.75 47.37 0.29
CA GLY A 109 13.46 47.08 1.52
C GLY A 109 13.88 45.65 1.70
N GLN A 110 13.61 44.79 0.72
CA GLN A 110 13.94 43.38 0.84
C GLN A 110 15.45 43.11 0.87
N TYR A 111 16.28 44.12 0.65
CA TYR A 111 17.71 43.86 0.78
C TYR A 111 18.07 43.47 2.22
N GLN A 112 17.24 43.87 3.19
CA GLN A 112 17.53 43.54 4.58
C GLN A 112 17.42 42.05 4.84
N GLU A 113 16.57 41.35 4.09
CA GLU A 113 16.56 39.90 4.27
C GLU A 113 17.87 39.31 3.78
N SER A 114 18.46 39.89 2.75
CA SER A 114 19.79 39.46 2.31
C SER A 114 20.82 39.71 3.40
N ARG A 115 20.71 40.83 4.12
CA ARG A 115 21.70 41.12 5.15
C ARG A 115 21.52 40.22 6.36
N ALA A 116 20.26 39.91 6.71
CA ALA A 116 19.98 38.96 7.77
C ALA A 116 20.57 37.59 7.46
N LEU A 117 20.35 37.08 6.26
CA LEU A 117 20.88 35.75 5.96
C LEU A 117 22.41 35.76 5.96
N TYR A 118 23.00 36.82 5.40
CA TYR A 118 24.45 36.99 5.40
C TYR A 118 25.00 36.94 6.81
N ILE A 119 24.38 37.70 7.72
CA ILE A 119 24.84 37.72 9.11
C ILE A 119 24.76 36.32 9.70
N ALA A 120 23.64 35.63 9.50
CA ALA A 120 23.50 34.30 10.09
C ALA A 120 24.51 33.33 9.52
N VAL A 121 24.74 33.39 8.21
CA VAL A 121 25.65 32.43 7.58
C VAL A 121 27.09 32.77 7.92
N GLU A 122 27.37 34.07 8.13
CA GLU A 122 28.74 34.48 8.41
C GLU A 122 29.18 33.98 9.78
N ARG A 123 28.28 33.84 10.74
CA ARG A 123 28.63 33.31 12.05
C ARG A 123 28.22 31.83 12.21
N ARG A 124 28.05 31.12 11.11
CA ARG A 124 27.82 29.67 11.09
C ARG A 124 26.64 29.22 11.95
N ILE A 125 25.56 30.01 11.96
CA ILE A 125 24.38 29.62 12.71
C ILE A 125 23.81 28.28 12.24
N PRO A 126 23.73 27.97 10.93
CA PRO A 126 23.32 26.60 10.53
C PRO A 126 24.15 25.52 11.21
N ASP A 127 25.47 25.65 11.16
CA ASP A 127 26.32 24.65 11.80
C ASP A 127 26.04 24.58 13.30
N ILE A 128 25.81 25.73 13.94
CA ILE A 128 25.64 25.72 15.40
C ILE A 128 24.36 25.03 15.77
N LEU A 129 23.28 25.34 15.08
CA LEU A 129 22.03 24.69 15.45
C LEU A 129 22.04 23.20 15.12
N ALA A 130 22.77 22.77 14.10
CA ALA A 130 22.87 21.36 13.79
C ALA A 130 23.77 20.59 14.76
N SER A 131 24.52 21.26 15.61
CA SER A 131 25.35 20.57 16.60
C SER A 131 24.53 20.08 17.80
N GLN A 132 23.22 20.34 17.83
CA GLN A 132 22.38 19.92 18.93
C GLN A 132 21.89 18.48 18.75
N GLU A 135 17.61 18.49 16.96
CA GLU A 135 16.69 19.51 16.45
C GLU A 135 15.60 19.83 17.48
N GLY A 136 15.98 19.82 18.76
CA GLY A 136 15.19 20.48 19.78
C GLY A 136 15.49 21.94 19.93
N GLY A 137 16.42 22.48 19.14
CA GLY A 137 16.71 23.89 19.14
C GLY A 137 17.81 24.31 20.10
N MET A 138 18.15 25.59 20.01
CA MET A 138 19.11 26.22 20.90
C MET A 138 18.52 27.56 21.33
N PRO A 139 18.59 27.91 22.62
CA PRO A 139 18.16 29.25 23.04
C PRO A 139 19.02 30.33 22.42
N VAL A 140 18.41 31.46 22.11
CA VAL A 140 19.15 32.51 21.43
C VAL A 140 20.24 33.08 22.33
N LYS A 141 20.07 32.99 23.65
CA LYS A 141 21.13 33.45 24.55
C LYS A 141 22.39 32.63 24.37
N GLU A 142 22.28 31.31 24.21
CA GLU A 142 23.51 30.55 24.05
C GLU A 142 24.03 30.68 22.64
N LEU A 143 23.13 30.86 21.67
CA LEU A 143 23.54 31.24 20.33
C LEU A 143 24.30 32.56 20.36
N SER A 144 23.87 33.49 21.20
CA SER A 144 24.54 34.78 21.28
C SER A 144 25.97 34.62 21.77
N SER A 145 26.21 33.77 22.77
CA SER A 145 27.58 33.56 23.25
C SER A 145 28.48 33.01 22.16
N ARG A 146 27.95 32.24 21.22
CA ARG A 146 28.81 31.61 20.23
C ARG A 146 28.90 32.39 18.93
N THR A 147 28.00 33.33 18.65
CA THR A 147 28.13 34.10 17.42
C THR A 147 28.77 35.46 17.64
N GLY A 148 28.73 35.98 18.87
CA GLY A 148 29.17 37.31 19.16
C GLY A 148 28.13 38.38 18.94
N ILE A 149 26.90 38.00 18.50
CA ILE A 149 25.80 38.95 18.31
C ILE A 149 24.95 39.00 19.58
N GLU A 150 24.49 40.19 19.93
CA GLU A 150 23.78 40.36 21.18
C GLU A 150 22.41 39.72 21.03
N HIS A 151 21.94 39.08 22.10
CA HIS A 151 20.90 38.08 21.92
C HIS A 151 19.58 38.70 21.47
N ARG A 152 19.26 39.92 21.91
CA ARG A 152 17.95 40.40 21.45
C ARG A 152 18.02 40.89 20.02
N LYS A 153 19.18 41.32 19.57
CA LYS A 153 19.33 41.61 18.15
C LYS A 153 19.37 40.32 17.35
N LEU A 154 19.96 39.26 17.89
CA LEU A 154 20.04 38.06 17.08
C LEU A 154 18.67 37.41 16.97
N SER A 155 17.82 37.59 17.98
CA SER A 155 16.43 37.16 17.88
C SER A 155 15.73 37.89 16.73
N ARG A 156 15.98 39.19 16.57
CA ARG A 156 15.27 39.90 15.50
C ARG A 156 15.78 39.53 14.13
N ILE A 157 17.05 39.16 14.04
CA ILE A 157 17.57 38.70 12.78
C ILE A 157 17.01 37.31 12.45
N LEU A 158 16.92 36.43 13.45
CA LEU A 158 16.47 35.10 13.12
C LEU A 158 14.95 35.02 12.94
N ARG A 159 14.22 35.86 13.63
CA ARG A 159 12.80 35.99 13.44
C ARG A 159 12.48 36.47 12.03
N TYR A 160 13.23 37.42 11.52
CA TYR A 160 13.13 37.86 10.14
C TYR A 160 13.22 36.66 9.22
N LEU A 161 14.33 35.93 9.33
CA LEU A 161 14.52 34.78 8.47
C LEU A 161 13.44 33.73 8.69
N CYS A 162 13.05 33.49 9.95
CA CYS A 162 12.01 32.48 10.17
C CYS A 162 10.71 32.88 9.46
N SER A 163 10.31 34.15 9.52
CA SER A 163 9.09 34.57 8.81
C SER A 163 9.19 34.32 7.32
N MET A 164 10.40 34.30 6.76
CA MET A 164 10.58 34.10 5.32
C MET A 164 11.00 32.68 4.96
N GLY A 165 10.83 31.71 5.86
CA GLY A 165 11.04 30.32 5.53
C GLY A 165 12.46 29.80 5.64
N THR A 166 13.38 30.56 6.25
CA THR A 166 14.74 30.11 6.53
C THR A 166 14.92 30.03 8.03
N PHE A 167 15.32 28.86 8.53
CA PHE A 167 15.29 28.52 9.95
C PHE A 167 13.83 28.37 10.41
N ARG A 168 13.62 27.81 11.60
CA ARG A 168 12.29 27.74 12.20
C ARG A 168 12.46 28.15 13.66
N GLN A 169 11.41 28.74 14.24
CA GLN A 169 11.34 28.99 15.67
C GLN A 169 10.51 27.90 16.34
N VAL A 170 11.08 27.26 17.35
CA VAL A 170 10.47 26.11 18.00
C VAL A 170 10.04 26.40 19.43
N GLY A 171 10.37 27.57 19.97
CA GLY A 171 9.96 27.93 21.31
C GLY A 171 10.15 29.42 21.50
N PRO A 172 9.92 29.91 22.70
CA PRO A 172 10.21 31.34 22.96
C PRO A 172 11.70 31.63 22.80
N ASP A 173 12.10 32.29 21.72
CA ASP A 173 13.51 32.56 21.44
C ASP A 173 14.33 31.27 21.48
N VAL A 174 13.81 30.23 20.84
CA VAL A 174 14.52 28.97 20.65
C VAL A 174 14.41 28.62 19.17
N PHE A 175 15.53 28.38 18.55
CA PHE A 175 15.56 28.31 17.09
C PHE A 175 16.24 27.02 16.67
N ALA A 176 15.91 26.59 15.44
CA ALA A 176 16.50 25.39 14.88
C ALA A 176 16.50 25.53 13.37
N ASN A 177 17.21 24.60 12.73
CA ASN A 177 17.21 24.57 11.28
C ASN A 177 15.86 24.15 10.74
N ASN A 178 15.53 24.65 9.58
CA ASN A 178 14.38 24.15 8.86
C ASN A 178 14.91 23.47 7.61
N THR A 179 14.00 23.06 6.74
CA THR A 179 14.44 22.28 5.61
C THR A 179 15.35 23.06 4.66
N ILE A 180 15.23 24.40 4.66
CA ILE A 180 16.00 25.25 3.77
C ILE A 180 17.36 25.58 4.33
N SER A 181 17.41 26.00 5.60
CA SER A 181 18.69 26.39 6.19
C SER A 181 19.60 25.19 6.40
N ALA A 182 19.05 23.98 6.39
CA ALA A 182 19.85 22.79 6.59
C ALA A 182 20.91 22.64 5.51
N CYS A 183 20.65 23.16 4.32
CA CYS A 183 21.58 22.88 3.23
C CYS A 183 22.89 23.62 3.39
N LEU A 184 22.99 24.45 4.44
CA LEU A 184 24.20 25.21 4.78
C LEU A 184 25.03 24.51 5.84
N VAL A 185 24.56 23.38 6.36
CA VAL A 185 25.29 22.67 7.39
C VAL A 185 26.46 21.93 6.77
N ALA A 186 27.66 22.24 7.25
CA ALA A 186 28.85 21.59 6.73
C ALA A 186 28.92 21.72 5.22
N ASN A 187 28.74 22.95 4.75
CA ASN A 187 28.71 23.26 3.33
C ASN A 187 29.56 24.52 3.11
N GLU A 188 30.88 24.39 3.28
CA GLU A 188 31.73 25.56 3.16
C GLU A 188 31.70 26.21 1.78
N PRO A 189 31.66 25.47 0.66
CA PRO A 189 31.51 26.17 -0.62
C PRO A 189 30.21 26.98 -0.70
N LEU A 190 29.10 26.44 -0.19
CA LEU A 190 27.87 27.21 -0.30
C LEU A 190 27.93 28.40 0.64
N ARG A 191 28.45 28.19 1.86
CA ARG A 191 28.61 29.34 2.74
C ARG A 191 29.55 30.38 2.13
N ALA A 192 30.60 29.94 1.42
CA ALA A 192 31.50 30.90 0.79
C ALA A 192 30.75 31.77 -0.22
N TYR A 193 29.84 31.16 -0.99
CA TYR A 193 29.09 31.92 -1.98
C TYR A 193 28.20 32.98 -1.34
N VAL A 194 27.50 32.63 -0.26
CA VAL A 194 26.74 33.65 0.46
C VAL A 194 27.65 34.80 0.86
N ARG A 195 28.81 34.48 1.42
CA ARG A 195 29.76 35.50 1.84
C ARG A 195 30.22 36.33 0.67
N LEU A 196 30.40 35.72 -0.49
CA LEU A 196 30.79 36.51 -1.65
C LEU A 196 29.69 37.49 -2.04
N THR A 197 28.42 37.05 -2.00
CA THR A 197 27.35 37.96 -2.42
C THR A 197 27.16 39.10 -1.42
N GLY A 198 27.52 38.89 -0.17
CA GLY A 198 27.25 39.88 0.83
C GLY A 198 28.38 40.80 1.20
N SER A 199 29.55 40.67 0.55
CA SER A 199 30.71 41.41 0.99
C SER A 199 31.03 42.49 -0.04
N GLU A 200 31.98 42.27 -0.95
CA GLU A 200 32.33 43.30 -1.93
C GLU A 200 31.12 43.67 -2.76
N ALA A 201 30.38 42.66 -3.20
CA ALA A 201 29.25 42.89 -4.10
C ALA A 201 28.23 43.84 -3.49
N PHE A 202 28.05 43.80 -2.16
CA PHE A 202 27.05 44.66 -1.54
C PHE A 202 27.47 46.12 -1.63
N THR A 203 28.74 46.41 -1.35
CA THR A 203 29.18 47.80 -1.39
C THR A 203 29.22 48.32 -2.81
N ALA A 204 29.63 47.47 -3.76
CA ALA A 204 29.53 47.84 -5.17
C ALA A 204 28.09 48.17 -5.55
N SER A 205 27.13 47.40 -5.04
CA SER A 205 25.73 47.69 -5.31
C SER A 205 25.34 49.04 -4.75
N ASP A 206 25.84 49.38 -3.57
CA ASP A 206 25.51 50.68 -2.96
C ASP A 206 26.00 51.85 -3.82
N ARG A 207 27.15 51.71 -4.46
CA ARG A 207 27.68 52.77 -5.32
C ARG A 207 27.34 52.55 -6.79
N LEU A 208 26.44 51.62 -7.09
CA LEU A 208 26.19 51.42 -8.52
C LEU A 208 25.29 52.51 -9.09
N PRO A 209 24.28 53.02 -8.36
CA PRO A 209 23.50 54.14 -8.91
C PRO A 209 24.33 55.33 -9.32
N LYS A 210 25.20 55.81 -8.43
CA LYS A 210 26.07 56.95 -8.72
C LYS A 210 27.03 56.67 -9.87
N THR A 211 27.55 55.46 -9.96
CA THR A 211 28.43 55.10 -11.07
C THR A 211 27.70 55.16 -12.39
N LEU A 212 26.44 54.72 -12.41
CA LEU A 212 25.64 54.71 -13.63
C LEU A 212 25.30 56.11 -14.11
N LEU A 213 25.18 57.07 -13.19
CA LEU A 213 24.78 58.40 -13.63
C LEU A 213 25.94 59.32 -13.87
N ASP A 214 27.08 59.07 -13.23
CA ASP A 214 28.25 59.89 -13.48
C ASP A 214 28.59 59.86 -14.97
N PRO A 215 28.79 61.02 -15.61
CA PRO A 215 29.02 61.02 -17.06
C PRO A 215 30.31 60.35 -17.51
N SER A 216 31.23 60.06 -16.59
CA SER A 216 32.48 59.42 -16.94
C SER A 216 32.39 57.91 -16.86
N THR A 217 31.91 57.38 -15.74
CA THR A 217 31.77 55.93 -15.62
C THR A 217 30.50 55.41 -16.24
N GLY A 218 29.47 56.23 -16.34
CA GLY A 218 28.16 55.76 -16.77
C GLY A 218 28.17 55.01 -18.08
N PRO A 219 28.76 55.60 -19.12
CA PRO A 219 28.84 54.91 -20.43
C PRO A 219 29.92 53.86 -20.48
N SER A 220 30.86 53.86 -19.54
CA SER A 220 32.04 52.99 -19.66
C SER A 220 31.69 51.52 -19.51
N TYR A 221 32.38 50.68 -20.28
CA TYR A 221 32.41 49.23 -20.08
C TYR A 221 33.79 48.74 -19.68
N ASP A 222 34.60 49.59 -19.08
CA ASP A 222 35.97 49.26 -18.73
C ASP A 222 35.99 48.49 -17.41
N VAL A 223 36.79 47.42 -17.36
CA VAL A 223 36.83 46.59 -16.15
C VAL A 223 37.38 47.34 -14.95
N THR A 224 38.00 48.50 -15.14
CA THR A 224 38.58 49.27 -14.04
C THR A 224 37.79 50.53 -13.72
N ARG A 225 36.58 50.70 -14.25
CA ARG A 225 35.86 51.93 -13.97
C ARG A 225 34.42 51.60 -13.56
N THR A 226 34.32 50.76 -12.53
CA THR A 226 33.08 50.21 -12.06
C THR A 226 32.72 50.78 -10.71
N ALA A 227 31.51 50.45 -10.26
CA ALA A 227 31.14 50.80 -8.91
C ALA A 227 32.14 50.24 -7.93
N TRP A 228 32.71 49.08 -8.21
CA TRP A 228 33.63 48.43 -7.29
C TRP A 228 34.90 49.26 -7.10
N GLN A 229 35.50 49.76 -8.19
CA GLN A 229 36.64 50.65 -8.00
C GLN A 229 36.28 51.86 -7.16
N ASP A 230 35.06 52.39 -7.31
CA ASP A 230 34.66 53.55 -6.51
C ASP A 230 34.61 53.22 -5.03
N ALA A 231 34.12 52.02 -4.69
CA ALA A 231 34.05 51.63 -3.28
C ALA A 231 35.45 51.37 -2.69
N ILE A 232 36.32 50.69 -3.45
CA ILE A 232 37.63 50.28 -2.96
C ILE A 232 38.63 51.43 -3.07
N GLY A 233 38.37 52.38 -3.95
CA GLY A 233 39.33 53.46 -4.16
C GLY A 233 40.61 52.94 -4.79
N THR A 234 40.50 52.08 -5.78
CA THR A 234 41.69 51.61 -6.47
C THR A 234 41.40 51.68 -7.95
N THR A 235 42.45 51.52 -8.74
CA THR A 235 42.35 51.50 -10.19
C THR A 235 42.58 50.11 -10.75
N LYS A 236 42.89 49.15 -9.90
CA LYS A 236 43.22 47.80 -10.28
C LYS A 236 41.95 47.03 -10.62
N PRO A 237 41.98 46.16 -11.60
CA PRO A 237 40.87 45.22 -11.78
C PRO A 237 40.69 44.44 -10.51
N ARG A 238 39.47 43.99 -10.27
CA ARG A 238 39.22 43.33 -9.01
C ARG A 238 39.97 42.00 -8.87
N TRP A 239 40.33 41.35 -9.98
CA TRP A 239 41.05 40.09 -9.88
C TRP A 239 42.42 40.26 -9.27
N GLU A 240 43.05 41.41 -9.51
CA GLU A 240 44.37 41.64 -8.96
C GLU A 240 44.28 42.07 -7.50
N TRP A 241 43.28 42.89 -7.17
CA TRP A 241 43.19 43.43 -5.82
C TRP A 241 43.03 42.32 -4.80
N ILE A 242 42.15 41.34 -5.06
CA ILE A 242 41.95 40.24 -4.11
C ILE A 242 43.20 39.40 -3.91
N GLU A 243 44.21 39.58 -4.75
CA GLU A 243 45.46 38.86 -4.66
C GLU A 243 46.57 39.62 -3.94
N GLU A 244 46.31 40.84 -3.46
CA GLU A 244 47.34 41.59 -2.73
C GLU A 244 47.67 40.90 -1.41
N ARG A 245 48.90 41.10 -0.97
CA ARG A 245 49.36 40.71 0.35
C ARG A 245 49.44 41.98 1.18
N VAL A 246 48.72 42.03 2.30
CA VAL A 246 48.53 43.26 3.06
C VAL A 246 49.22 43.13 4.42
N GLU A 247 49.54 44.27 5.03
CA GLU A 247 50.14 44.20 6.37
C GLU A 247 49.05 44.02 7.42
N PRO A 248 49.31 43.24 8.47
CA PRO A 248 48.22 42.89 9.40
C PRO A 248 47.48 44.10 9.93
N ASP A 249 48.18 45.20 10.26
CA ASP A 249 47.52 46.36 10.85
C ASP A 249 46.65 47.10 9.86
N LYS A 250 46.83 46.85 8.57
CA LYS A 250 46.12 47.58 7.54
C LYS A 250 44.95 46.83 6.92
N LEU A 251 44.73 45.55 7.23
CA LEU A 251 43.83 44.79 6.37
C LEU A 251 42.37 45.19 6.59
N LEU A 252 42.00 45.53 7.83
CA LEU A 252 40.59 45.67 8.20
C LEU A 252 39.93 46.85 7.50
N ASP A 253 40.65 47.96 7.29
CA ASP A 253 40.07 49.11 6.59
C ASP A 253 40.67 49.36 5.21
N SER A 254 41.46 48.43 4.67
CA SER A 254 41.95 48.51 3.30
C SER A 254 40.82 48.51 2.25
N GLY A 255 39.64 48.08 2.60
CA GLY A 255 38.62 48.15 1.58
C GLY A 255 38.01 49.52 1.36
N PHE A 256 38.52 50.54 2.06
CA PHE A 256 37.99 51.89 1.92
C PHE A 256 36.50 51.92 2.29
N HIS A 257 35.59 52.15 1.34
CA HIS A 257 34.16 52.16 1.67
C HIS A 257 33.62 50.75 1.89
N TYR A 258 34.22 49.75 1.27
CA TYR A 258 33.91 48.35 1.57
C TYR A 258 34.36 48.02 3.00
N PRO A 259 33.45 47.66 3.90
CA PRO A 259 33.84 47.39 5.29
C PRO A 259 34.73 46.17 5.45
N GLY A 260 34.73 45.22 4.50
CA GLY A 260 35.49 44.00 4.64
C GLY A 260 34.63 42.86 5.14
N ILE A 261 35.26 41.69 5.20
CA ILE A 261 34.63 40.49 5.75
C ILE A 261 34.29 40.75 7.21
N PRO A 262 33.03 40.58 7.63
CA PRO A 262 32.65 41.05 8.97
C PRO A 262 33.38 40.36 10.11
N SER A 263 33.71 39.07 9.99
CA SER A 263 34.28 38.37 11.14
C SER A 263 35.67 38.85 11.49
N LEU A 264 36.30 39.64 10.63
CA LEU A 264 37.65 40.13 10.86
C LEU A 264 37.72 40.94 12.14
N ILE A 265 36.61 41.62 12.48
CA ILE A 265 36.51 42.39 13.72
C ILE A 265 36.85 41.51 14.91
N LEU A 266 36.51 40.22 14.84
CA LEU A 266 36.71 39.35 15.98
C LEU A 266 37.76 38.28 15.77
N GLU A 267 38.02 37.91 14.52
CA GLU A 267 38.94 36.83 14.18
C GLU A 267 39.83 37.28 13.03
N PRO A 268 40.82 38.13 13.31
CA PRO A 268 41.70 38.61 12.24
C PRO A 268 42.44 37.48 11.53
N GLN A 269 42.91 37.78 10.33
CA GLN A 269 43.67 36.80 9.56
C GLN A 269 45.01 36.50 10.22
N ALA A 270 45.40 35.22 10.19
CA ALA A 270 46.75 34.90 10.64
C ALA A 270 47.74 35.22 9.54
N PRO A 271 48.86 35.86 9.88
CA PRO A 271 49.86 36.16 8.85
C PRO A 271 50.34 34.88 8.22
N GLY A 272 50.57 34.93 6.91
CA GLY A 272 51.14 33.82 6.18
C GLY A 272 52.65 33.75 6.31
N GLU A 273 53.26 32.97 5.42
CA GLU A 273 54.69 32.71 5.56
C GLU A 273 55.54 33.95 5.33
N ASP A 274 54.99 35.00 4.72
CA ASP A 274 55.74 36.23 4.50
C ASP A 274 55.48 37.29 5.56
N GLY A 275 54.72 36.95 6.59
CA GLY A 275 54.35 37.93 7.59
C GLY A 275 53.21 38.84 7.19
N LEU A 276 52.65 38.66 6.00
CA LEU A 276 51.53 39.45 5.51
C LEU A 276 50.28 38.59 5.55
N VAL A 277 49.13 39.23 5.45
CA VAL A 277 47.87 38.52 5.46
C VAL A 277 47.31 38.47 4.07
N ALA A 278 46.58 37.42 3.78
CA ALA A 278 45.85 37.35 2.54
C ALA A 278 44.54 38.10 2.68
N ARG A 279 44.02 38.55 1.56
CA ARG A 279 42.70 39.11 1.66
C ARG A 279 41.71 37.97 1.78
N PRO A 280 40.80 38.00 2.76
CA PRO A 280 39.87 36.86 2.92
C PRO A 280 39.14 36.58 1.66
N GLU A 281 38.96 37.61 0.84
CA GLU A 281 38.14 37.50 -0.34
C GLU A 281 38.73 36.53 -1.36
N LEU A 282 40.05 36.32 -1.34
CA LEU A 282 40.63 35.40 -2.29
C LEU A 282 40.17 33.98 -2.05
N GLU A 283 40.27 33.51 -0.82
CA GLU A 283 39.90 32.12 -0.57
C GLU A 283 38.41 31.93 -0.69
N ILE A 284 37.64 32.96 -0.32
CA ILE A 284 36.19 32.90 -0.42
C ILE A 284 35.76 32.74 -1.88
N MET A 285 36.40 33.49 -2.78
CA MET A 285 36.00 33.42 -4.18
C MET A 285 36.35 32.05 -4.74
N GLY A 286 37.48 31.47 -4.31
CA GLY A 286 37.83 30.14 -4.78
C GLY A 286 36.75 29.13 -4.46
N LEU A 287 36.27 29.13 -3.21
CA LEU A 287 35.25 28.17 -2.82
C LEU A 287 33.86 28.58 -3.31
N ALA A 288 33.61 29.87 -3.47
CA ALA A 288 32.29 30.29 -3.90
C ALA A 288 31.97 29.71 -5.26
N MET A 289 32.95 29.65 -6.14
CA MET A 289 32.63 29.14 -7.46
C MET A 289 32.47 27.62 -7.46
N VAL A 290 33.14 26.90 -6.57
CA VAL A 290 32.75 25.52 -6.31
C VAL A 290 31.30 25.45 -5.84
N GLY A 291 30.98 26.19 -4.76
CA GLY A 291 29.64 26.17 -4.20
C GLY A 291 28.57 26.55 -5.21
N GLY A 292 28.77 27.68 -5.89
CA GLY A 292 27.80 28.11 -6.88
C GLY A 292 27.71 27.16 -8.06
N GLY A 293 28.86 26.67 -8.50
CA GLY A 293 28.86 25.75 -9.61
C GLY A 293 28.11 24.48 -9.30
N ARG A 294 28.08 24.08 -8.01
CA ARG A 294 27.33 22.88 -7.67
C ARG A 294 25.84 23.15 -7.60
N VAL A 295 25.43 24.41 -7.53
CA VAL A 295 24.00 24.66 -7.44
C VAL A 295 23.40 24.80 -8.83
N PHE A 296 23.86 25.79 -9.61
CA PHE A 296 23.25 26.05 -10.92
C PHE A 296 24.02 25.43 -12.07
N GLY A 297 25.16 24.79 -11.79
CA GLY A 297 25.96 24.18 -12.83
C GLY A 297 25.97 22.67 -12.77
N ALA A 298 25.22 22.08 -11.85
CA ALA A 298 25.15 20.63 -11.77
C ALA A 298 24.49 20.05 -13.01
N ALA A 299 23.52 20.76 -13.59
CA ALA A 299 22.78 20.20 -14.72
C ALA A 299 23.72 19.79 -15.85
N HIS A 300 24.74 20.61 -16.14
CA HIS A 300 25.59 20.39 -17.28
C HIS A 300 26.43 19.13 -17.14
N VAL A 301 26.53 18.58 -15.92
CA VAL A 301 27.22 17.32 -15.73
C VAL A 301 26.43 16.18 -16.35
N PHE A 302 25.11 16.31 -16.38
CA PHE A 302 24.24 15.24 -16.82
C PHE A 302 23.39 15.55 -18.05
N ASP A 303 23.16 16.81 -18.40
CA ASP A 303 22.35 17.09 -19.58
C ASP A 303 23.19 17.41 -20.80
N PHE A 304 24.47 17.07 -20.79
CA PHE A 304 25.32 17.01 -21.97
C PHE A 304 25.93 15.61 -22.00
N PRO A 305 25.97 14.95 -23.14
CA PRO A 305 26.45 13.55 -23.17
C PRO A 305 27.95 13.38 -22.99
N TRP A 306 28.52 13.71 -21.83
CA TRP A 306 29.96 13.64 -21.69
C TRP A 306 30.49 12.23 -21.90
N ALA A 307 29.73 11.21 -21.49
CA ALA A 307 30.21 9.85 -21.65
C ALA A 307 30.56 9.54 -23.11
N SER A 308 29.77 10.08 -24.04
CA SER A 308 30.02 9.77 -25.44
C SER A 308 31.37 10.30 -25.93
N LEU A 309 32.06 11.15 -25.15
CA LEU A 309 33.35 11.69 -25.58
C LEU A 309 34.53 10.77 -25.29
N GLY A 310 34.38 9.78 -24.41
CA GLY A 310 35.46 8.83 -24.19
C GLY A 310 36.59 9.39 -23.35
N ASN A 311 37.82 9.09 -23.75
CA ASN A 311 39.02 9.60 -23.09
C ASN A 311 39.35 10.99 -23.64
N ALA A 312 38.38 11.87 -23.53
CA ALA A 312 38.55 13.21 -24.06
C ALA A 312 39.36 14.08 -23.09
N LEU A 313 39.94 15.15 -23.62
CA LEU A 313 40.68 16.13 -22.85
C LEU A 313 39.85 17.40 -22.77
N VAL A 314 39.46 17.77 -21.56
CA VAL A 314 38.66 18.95 -21.29
C VAL A 314 39.59 20.02 -20.74
N VAL A 315 39.63 21.18 -21.39
CA VAL A 315 40.42 22.29 -20.88
C VAL A 315 39.47 23.30 -20.27
N ASP A 316 39.61 23.52 -18.97
CA ASP A 316 38.71 24.35 -18.17
C ASP A 316 39.30 25.76 -18.15
N VAL A 317 38.98 26.58 -19.17
CA VAL A 317 39.60 27.90 -19.26
C VAL A 317 39.02 28.82 -18.20
N GLY A 318 39.88 29.44 -17.41
CA GLY A 318 39.39 30.14 -16.23
C GLY A 318 38.69 29.23 -15.25
N GLY A 319 39.17 27.98 -15.11
CA GLY A 319 38.47 26.99 -14.29
C GLY A 319 38.44 27.29 -12.79
N GLY A 320 39.09 28.36 -12.34
CA GLY A 320 39.18 28.59 -10.91
C GLY A 320 39.94 27.46 -10.24
N VAL A 321 39.49 27.09 -9.05
CA VAL A 321 39.99 25.92 -8.32
C VAL A 321 39.62 24.62 -9.01
N GLY A 322 38.78 24.68 -10.05
CA GLY A 322 38.39 23.48 -10.77
C GLY A 322 37.17 22.79 -10.23
N GLY A 323 36.25 23.55 -9.65
CA GLY A 323 35.05 22.95 -9.10
C GLY A 323 34.26 22.16 -10.12
N PHE A 324 34.37 22.50 -11.40
CA PHE A 324 33.61 21.75 -12.40
C PHE A 324 34.31 20.47 -12.83
N ALA A 325 35.64 20.45 -12.82
CA ALA A 325 36.36 19.19 -12.96
C ALA A 325 36.05 18.25 -11.80
N LEU A 326 35.88 18.81 -10.59
CA LEU A 326 35.45 17.98 -9.47
C LEU A 326 34.10 17.35 -9.74
N GLN A 327 33.15 18.11 -10.30
CA GLN A 327 31.82 17.57 -10.54
C GLN A 327 31.82 16.55 -11.67
N LEU A 328 32.63 16.75 -12.70
CA LEU A 328 32.62 15.82 -13.82
C LEU A 328 33.46 14.59 -13.53
N SER A 329 34.61 14.76 -12.86
CA SER A 329 35.50 13.61 -12.66
C SER A 329 34.80 12.50 -11.87
N LYS A 330 33.92 12.84 -10.93
CA LYS A 330 33.23 11.78 -10.16
C LYS A 330 32.42 10.89 -11.07
N VAL A 331 31.86 11.46 -12.12
CA VAL A 331 30.83 10.81 -12.90
C VAL A 331 31.39 10.22 -14.18
N TYR A 332 32.37 10.89 -14.78
CA TYR A 332 32.98 10.42 -16.02
C TYR A 332 34.45 10.06 -15.82
N PRO A 333 34.75 8.79 -15.62
CA PRO A 333 36.11 8.39 -15.25
C PRO A 333 37.11 8.46 -16.38
N ASP A 334 36.67 8.58 -17.62
CA ASP A 334 37.61 8.56 -18.74
C ASP A 334 38.05 9.94 -19.19
N LEU A 335 37.55 11.02 -18.60
CA LEU A 335 37.93 12.36 -19.03
C LEU A 335 39.15 12.83 -18.26
N ARG A 336 39.99 13.57 -18.97
CA ARG A 336 41.14 14.23 -18.38
C ARG A 336 40.97 15.74 -18.50
N PHE A 337 41.55 16.46 -17.54
CA PHE A 337 41.32 17.89 -17.43
C PHE A 337 42.65 18.61 -17.34
N VAL A 338 42.62 19.84 -17.81
CA VAL A 338 43.67 20.81 -17.59
C VAL A 338 42.92 22.05 -17.16
N ILE A 339 43.21 22.54 -15.97
CA ILE A 339 42.53 23.69 -15.41
C ILE A 339 43.49 24.86 -15.46
N GLN A 340 43.05 25.95 -16.07
CA GLN A 340 43.90 27.09 -16.36
C GLN A 340 43.34 28.29 -15.63
N ASP A 341 44.12 28.89 -14.74
CA ASP A 341 43.62 30.09 -14.09
C ASP A 341 44.82 30.89 -13.56
N ARG A 342 44.59 31.74 -12.57
CA ARG A 342 45.62 32.62 -12.09
C ARG A 342 46.49 31.98 -11.06
N GLY A 343 47.73 32.37 -11.01
CA GLY A 343 48.65 31.78 -10.06
C GLY A 343 48.07 31.50 -8.68
N PRO A 344 47.68 32.55 -7.96
CA PRO A 344 47.24 32.34 -6.57
C PRO A 344 46.03 31.44 -6.46
N VAL A 345 45.18 31.41 -7.48
CA VAL A 345 44.02 30.53 -7.49
C VAL A 345 44.44 29.08 -7.67
N ILE A 346 45.23 28.81 -8.71
CA ILE A 346 45.82 27.49 -8.89
C ILE A 346 46.46 27.01 -7.60
N GLN A 347 47.10 27.91 -6.87
CA GLN A 347 47.76 27.47 -5.65
C GLN A 347 46.74 27.04 -4.61
N GLN A 348 45.59 27.71 -4.55
CA GLN A 348 44.57 27.28 -3.60
C GLN A 348 44.05 25.90 -3.96
N ALA A 349 43.93 25.65 -5.27
CA ALA A 349 43.46 24.35 -5.71
C ALA A 349 44.41 23.25 -5.28
N LEU A 350 45.72 23.50 -5.37
CA LEU A 350 46.64 22.42 -5.05
C LEU A 350 46.87 22.25 -3.56
N GLU A 351 46.75 23.32 -2.78
CA GLU A 351 47.15 23.27 -1.39
C GLU A 351 46.00 23.02 -0.44
N SER A 352 44.77 23.33 -0.83
CA SER A 352 43.67 23.06 0.08
C SER A 352 42.42 22.45 -0.55
N VAL A 353 42.23 22.52 -1.86
CA VAL A 353 40.95 22.05 -2.38
C VAL A 353 41.07 20.60 -2.83
N TRP A 354 41.92 20.33 -3.81
CA TRP A 354 41.98 18.97 -4.34
C TRP A 354 42.55 17.92 -3.39
N PRO A 355 43.57 18.23 -2.53
CA PRO A 355 43.93 17.27 -1.48
C PRO A 355 42.76 16.68 -0.71
N ASN A 356 41.74 17.48 -0.36
CA ASN A 356 40.65 17.00 0.48
C ASN A 356 39.42 16.65 -0.33
N GLU A 357 39.48 16.80 -1.64
CA GLU A 357 38.28 16.59 -2.43
C GLU A 357 38.45 15.52 -3.50
N ASN A 358 39.67 15.26 -3.94
CA ASN A 358 39.97 14.21 -4.90
C ASN A 358 41.48 14.16 -5.06
N PRO A 359 42.22 13.66 -4.06
CA PRO A 359 43.68 13.63 -4.22
C PRO A 359 44.15 12.61 -5.24
N ALA A 360 43.39 11.53 -5.46
CA ALA A 360 43.82 10.51 -6.42
C ALA A 360 43.86 11.05 -7.84
N ALA A 361 42.99 12.02 -8.15
CA ALA A 361 42.95 12.56 -9.50
C ALA A 361 44.21 13.34 -9.84
N LEU A 362 44.91 13.87 -8.82
CA LEU A 362 46.16 14.56 -9.10
C LEU A 362 47.33 13.59 -9.22
N LYS A 363 47.28 12.46 -8.52
CA LYS A 363 48.40 11.54 -8.58
C LYS A 363 48.52 10.90 -9.96
N ASP A 364 47.41 10.45 -10.56
CA ASP A 364 47.49 9.83 -11.88
C ASP A 364 47.52 10.86 -13.02
N GLN A 365 47.51 12.14 -12.69
CA GLN A 365 47.55 13.24 -13.65
C GLN A 365 46.32 13.29 -14.55
N ARG A 366 45.23 12.64 -14.13
CA ARG A 366 43.94 12.87 -14.79
C ARG A 366 43.53 14.34 -14.72
N VAL A 367 43.88 15.04 -13.64
CA VAL A 367 43.63 16.47 -13.52
C VAL A 367 44.97 17.18 -13.42
N GLN A 368 45.21 18.15 -14.28
CA GLN A 368 46.40 18.97 -14.20
C GLN A 368 46.05 20.45 -14.08
N PHE A 369 46.94 21.22 -13.45
CA PHE A 369 46.75 22.65 -13.30
C PHE A 369 47.84 23.41 -14.03
N MET A 370 47.47 24.60 -14.53
CA MET A 370 48.34 25.36 -15.41
C MET A 370 48.06 26.82 -15.16
N GLU A 371 49.08 27.56 -14.75
CA GLU A 371 48.88 29.00 -14.62
C GLU A 371 48.87 29.57 -16.01
N HIS A 372 47.79 30.24 -16.36
CA HIS A 372 47.62 30.71 -17.71
C HIS A 372 46.69 31.91 -17.68
N SER A 373 46.96 32.88 -18.54
CA SER A 373 46.08 34.04 -18.70
C SER A 373 45.27 33.88 -19.96
N PHE A 374 43.95 33.85 -19.83
CA PHE A 374 43.19 33.61 -21.05
C PHE A 374 43.21 34.81 -22.02
N PHE A 375 43.96 35.89 -21.79
CA PHE A 375 44.23 36.84 -22.86
C PHE A 375 45.40 36.41 -23.72
N ASP A 376 46.03 35.27 -23.45
CA ASP A 376 47.03 34.71 -24.35
C ASP A 376 46.50 33.50 -25.13
N LYS A 377 47.06 33.31 -26.32
CA LYS A 377 46.80 32.11 -27.11
C LYS A 377 46.96 30.89 -26.23
N ASN A 378 45.98 29.99 -26.28
CA ASN A 378 45.94 28.91 -25.33
C ASN A 378 47.04 27.88 -25.59
N PRO A 379 47.82 27.51 -24.56
CA PRO A 379 48.94 26.57 -24.77
C PRO A 379 48.51 25.17 -25.16
N VAL A 380 47.26 24.77 -24.92
CA VAL A 380 46.79 23.42 -25.21
C VAL A 380 46.05 23.46 -26.53
N GLU A 381 46.55 22.74 -27.54
CA GLU A 381 45.99 22.85 -28.87
C GLU A 381 45.22 21.61 -29.25
N GLY A 382 44.07 21.81 -29.88
CA GLY A 382 43.34 20.67 -30.37
C GLY A 382 42.68 19.82 -29.32
N ALA A 383 42.38 20.37 -28.15
CA ALA A 383 41.69 19.57 -27.16
C ALA A 383 40.27 19.27 -27.63
N ASP A 384 39.73 18.20 -27.06
CA ASP A 384 38.35 17.83 -27.37
C ASP A 384 37.37 18.92 -26.96
N VAL A 385 37.46 19.41 -25.74
CA VAL A 385 36.49 20.34 -25.20
C VAL A 385 37.24 21.49 -24.55
N TYR A 386 36.90 22.71 -24.93
CA TYR A 386 37.31 23.89 -24.18
C TYR A 386 36.07 24.34 -23.43
N TYR A 387 36.10 24.22 -22.11
CA TYR A 387 35.00 24.58 -21.23
C TYR A 387 35.23 25.98 -20.70
N LEU A 388 34.23 26.83 -20.83
CA LEU A 388 34.36 28.22 -20.41
C LEU A 388 33.10 28.53 -19.62
N ARG A 389 33.19 28.48 -18.30
CA ARG A 389 32.04 28.66 -17.43
C ARG A 389 32.13 29.90 -16.59
N TYR A 390 31.14 30.77 -16.68
CA TYR A 390 31.11 32.01 -15.90
C TYR A 390 32.38 32.83 -16.11
N VAL A 391 32.95 32.79 -17.31
CA VAL A 391 34.08 33.66 -17.64
C VAL A 391 33.65 34.83 -18.50
N LEU A 392 32.91 34.55 -19.57
CA LEU A 392 32.55 35.63 -20.47
C LEU A 392 31.64 36.66 -19.80
N HIS A 393 30.83 36.26 -18.81
CA HIS A 393 29.97 37.26 -18.18
C HIS A 393 30.72 38.21 -17.26
N ASP A 394 32.02 37.99 -16.98
CA ASP A 394 32.82 38.91 -16.18
C ASP A 394 33.43 40.03 -17.00
N TRP A 395 33.15 40.10 -18.30
CA TRP A 395 33.82 41.05 -19.15
C TRP A 395 32.87 41.55 -20.22
N SER A 396 33.07 42.81 -20.62
CA SER A 396 32.34 43.41 -21.72
C SER A 396 32.90 42.90 -23.05
N ASP A 397 32.32 43.33 -24.18
CA ASP A 397 32.47 42.52 -25.39
C ASP A 397 33.92 42.50 -25.90
N ASP A 398 34.63 43.63 -25.82
CA ASP A 398 35.97 43.63 -26.40
C ASP A 398 36.89 42.66 -25.67
N TYR A 399 36.79 42.57 -24.35
CA TYR A 399 37.57 41.54 -23.69
C TYR A 399 37.10 40.15 -24.11
N CYS A 400 35.79 39.95 -24.23
CA CYS A 400 35.31 38.61 -24.58
C CYS A 400 35.79 38.19 -25.96
N VAL A 401 35.86 39.13 -26.91
CA VAL A 401 36.27 38.73 -28.25
C VAL A 401 37.72 38.32 -28.25
N ASN A 402 38.52 38.89 -27.36
CA ASN A 402 39.91 38.46 -27.26
C ASN A 402 40.03 37.13 -26.56
N ILE A 403 39.23 36.91 -25.53
CA ILE A 403 39.29 35.62 -24.85
C ILE A 403 38.87 34.52 -25.79
N LEU A 404 37.80 34.74 -26.57
CA LEU A 404 37.30 33.71 -27.47
C LEU A 404 38.23 33.46 -28.64
N SER A 405 38.91 34.51 -29.13
CA SER A 405 39.86 34.30 -30.21
C SER A 405 41.12 33.58 -29.73
N ARG A 406 41.53 33.83 -28.49
CA ARG A 406 42.71 33.13 -27.97
C ARG A 406 42.44 31.64 -27.87
N ILE A 407 41.20 31.26 -27.55
CA ILE A 407 40.79 29.86 -27.57
C ILE A 407 40.74 29.33 -29.00
N ARG A 408 40.02 30.05 -29.85
CA ARG A 408 39.81 29.65 -31.23
C ARG A 408 41.13 29.37 -31.93
N GLU A 409 42.08 30.28 -31.77
CA GLU A 409 43.39 30.10 -32.40
C GLU A 409 44.05 28.78 -32.06
N SER A 410 43.53 28.03 -31.08
CA SER A 410 44.12 26.76 -30.70
C SER A 410 43.17 25.58 -30.85
N MET A 411 41.97 25.78 -31.39
CA MET A 411 41.05 24.68 -31.54
C MET A 411 41.33 23.96 -32.84
N ALA A 412 41.25 22.65 -32.79
CA ALA A 412 41.33 21.80 -33.97
C ALA A 412 39.95 21.73 -34.60
N PRO A 413 39.84 21.19 -35.83
CA PRO A 413 38.52 21.14 -36.47
C PRO A 413 37.51 20.34 -35.66
N HIS A 414 37.96 19.33 -34.91
CA HIS A 414 37.06 18.55 -34.07
C HIS A 414 36.88 19.15 -32.69
N SER A 415 37.55 20.25 -32.40
CA SER A 415 37.44 20.81 -31.07
C SER A 415 36.10 21.48 -30.91
N ARG A 416 35.62 21.48 -29.68
CA ARG A 416 34.31 21.96 -29.32
C ARG A 416 34.51 22.89 -28.15
N LEU A 417 33.94 24.09 -28.24
CA LEU A 417 33.94 25.03 -27.13
C LEU A 417 32.56 25.04 -26.53
N LEU A 418 32.47 24.75 -25.23
CA LEU A 418 31.19 24.73 -24.51
C LEU A 418 31.21 25.89 -23.53
N ILE A 419 30.31 26.86 -23.72
CA ILE A 419 30.21 28.01 -22.85
C ILE A 419 29.07 27.77 -21.88
N CYS A 420 29.36 27.90 -20.60
CA CYS A 420 28.37 27.59 -19.58
C CYS A 420 28.06 28.91 -18.93
N GLU A 421 26.96 29.53 -19.36
CA GLU A 421 26.56 30.83 -18.88
C GLU A 421 25.05 30.92 -18.97
N GLN A 422 24.50 31.93 -18.31
CA GLN A 422 23.13 32.32 -18.53
C GLN A 422 22.95 32.75 -19.97
N VAL A 423 21.98 32.18 -20.66
CA VAL A 423 21.55 32.66 -21.97
C VAL A 423 20.24 33.42 -21.76
N MET A 424 20.31 34.74 -21.68
CA MET A 424 19.17 35.45 -21.12
C MET A 424 17.96 35.48 -22.03
N ASN A 425 16.81 35.10 -21.48
CA ASN A 425 15.50 35.25 -22.09
C ASN A 425 14.86 36.49 -21.49
N THR A 426 13.68 36.86 -21.99
CA THR A 426 12.95 38.01 -21.50
C THR A 426 11.50 37.62 -21.28
N THR A 427 10.72 38.55 -20.74
CA THR A 427 9.31 38.28 -20.47
C THR A 427 8.51 38.15 -21.75
N ILE A 428 9.06 38.54 -22.90
CA ILE A 428 8.35 38.34 -24.15
C ILE A 428 8.99 37.25 -25.00
N GLY A 429 9.91 36.48 -24.43
CA GLY A 429 10.34 35.26 -25.06
C GLY A 429 11.37 35.50 -26.15
N ASP A 430 12.04 34.40 -26.52
CA ASP A 430 13.08 34.44 -27.50
C ASP A 430 12.94 33.26 -28.46
N PRO A 431 13.08 33.48 -29.77
CA PRO A 431 12.95 32.38 -30.74
C PRO A 431 13.81 31.17 -30.44
N ASP A 432 14.99 31.34 -29.84
CA ASP A 432 15.88 30.22 -29.63
C ASP A 432 15.77 29.66 -28.23
N LEU A 433 14.78 30.10 -27.44
CA LEU A 433 14.57 29.59 -26.10
C LEU A 433 13.10 29.27 -25.88
N THR A 434 12.83 28.30 -25.01
CA THR A 434 11.47 27.82 -24.79
C THR A 434 10.72 28.77 -23.88
N SER A 435 9.50 29.08 -24.27
CA SER A 435 8.69 30.03 -23.53
C SER A 435 7.86 29.27 -22.50
N ALA A 436 7.56 29.92 -21.39
CA ALA A 436 6.65 29.35 -20.42
C ALA A 436 5.23 29.36 -20.98
N PRO A 437 4.34 28.50 -20.46
CA PRO A 437 2.93 28.57 -20.86
C PRO A 437 2.34 29.94 -20.60
N ALA A 438 1.42 30.38 -21.43
CA ALA A 438 0.66 31.60 -21.09
C ALA A 438 -0.29 31.25 -19.94
N PRO A 439 -0.56 32.21 -19.03
CA PRO A 439 -0.18 33.63 -18.96
C PRO A 439 1.12 33.95 -18.26
N LEU A 440 2.06 33.05 -18.21
CA LEU A 440 3.24 33.33 -17.39
C LEU A 440 4.23 34.16 -18.17
N PRO A 441 5.16 34.84 -17.49
CA PRO A 441 6.26 35.50 -18.22
C PRO A 441 6.98 34.45 -19.04
N ALA A 442 7.35 34.83 -20.27
CA ALA A 442 7.88 33.83 -21.18
C ALA A 442 9.16 33.21 -20.65
N ASN A 443 9.92 33.94 -19.83
CA ASN A 443 11.21 33.49 -19.32
C ASN A 443 11.10 32.83 -17.96
N TYR A 444 9.86 32.52 -17.53
CA TYR A 444 9.53 31.95 -16.23
C TYR A 444 9.77 32.92 -15.07
N GLY A 445 9.83 34.23 -15.35
CA GLY A 445 9.84 35.25 -14.32
C GLY A 445 10.69 35.03 -13.08
N PHE A 446 10.06 34.85 -11.91
CA PHE A 446 10.80 34.68 -10.66
C PHE A 446 11.84 33.57 -10.75
N HIS A 447 11.58 32.56 -11.58
CA HIS A 447 12.51 31.45 -11.69
C HIS A 447 13.89 31.92 -12.07
N ALA A 448 13.99 33.09 -12.71
CA ALA A 448 15.24 33.62 -13.21
C ALA A 448 15.82 34.74 -12.34
N ARG A 449 15.29 34.94 -11.12
CA ARG A 449 15.73 36.05 -10.29
C ARG A 449 17.23 35.98 -9.99
N PHE A 450 17.78 34.77 -9.81
CA PHE A 450 19.21 34.66 -9.58
C PHE A 450 19.98 35.14 -10.81
N SER A 451 19.49 34.83 -12.01
CA SER A 451 20.20 35.30 -13.21
C SER A 451 20.28 36.80 -13.26
N HIS A 452 19.21 37.49 -12.87
CA HIS A 452 19.20 38.94 -12.94
C HIS A 452 20.02 39.55 -11.82
N SER A 453 19.95 38.96 -10.63
CA SER A 453 20.79 39.48 -9.55
C SER A 453 22.24 39.40 -9.96
N ARG A 454 22.64 38.32 -10.62
CA ARG A 454 24.04 38.21 -10.98
C ARG A 454 24.35 39.17 -12.12
N ASP A 455 23.37 39.43 -12.97
CA ASP A 455 23.56 40.45 -14.00
C ASP A 455 24.00 41.79 -13.42
N LEU A 456 23.43 42.20 -12.26
CA LEU A 456 23.84 43.48 -11.67
C LEU A 456 25.15 43.38 -10.89
N THR A 457 25.45 42.22 -10.29
CA THR A 457 26.76 42.05 -9.71
C THR A 457 27.82 42.21 -10.78
N MET A 458 27.59 41.64 -11.96
CA MET A 458 28.57 41.78 -13.02
C MET A 458 28.71 43.22 -13.45
N MET A 459 27.61 43.95 -13.44
CA MET A 459 27.69 45.35 -13.84
C MET A 459 28.42 46.15 -12.81
N ALA A 460 28.17 45.85 -11.55
CA ALA A 460 28.73 46.66 -10.49
C ALA A 460 30.20 46.36 -10.26
N ALA A 461 30.64 45.11 -10.40
CA ALA A 461 31.99 44.80 -9.93
C ALA A 461 33.02 44.76 -11.03
N ILE A 462 32.64 44.46 -12.28
CA ILE A 462 33.62 44.19 -13.32
C ILE A 462 33.14 44.63 -14.68
N ASN A 463 32.04 45.38 -14.71
CA ASN A 463 31.39 45.81 -15.94
C ASN A 463 31.19 44.62 -16.89
N GLY A 464 30.84 43.47 -16.34
CA GLY A 464 30.46 42.32 -17.13
C GLY A 464 29.05 42.46 -17.64
N ILE A 465 28.61 41.41 -18.33
CA ILE A 465 27.28 41.42 -18.95
C ILE A 465 26.74 40.00 -19.01
N GLU A 466 25.50 39.79 -18.57
CA GLU A 466 24.84 38.55 -18.95
C GLU A 466 24.09 38.78 -20.24
N ARG A 467 24.17 37.80 -21.15
CA ARG A 467 23.91 38.05 -22.56
C ARG A 467 22.77 37.19 -23.09
N THR A 468 22.08 37.75 -24.06
CA THR A 468 21.00 37.11 -24.79
C THR A 468 21.59 36.21 -25.86
N PRO A 469 20.77 35.36 -26.48
CA PRO A 469 21.32 34.56 -27.59
C PRO A 469 21.93 35.43 -28.68
N GLU A 470 21.30 36.57 -28.99
CA GLU A 470 21.84 37.41 -30.05
C GLU A 470 23.17 38.03 -29.67
N GLU A 471 23.36 38.36 -28.38
CA GLU A 471 24.61 39.02 -28.01
C GLU A 471 25.75 38.03 -27.92
N PHE A 472 25.47 36.78 -27.60
CA PHE A 472 26.47 35.73 -27.71
C PHE A 472 26.84 35.47 -29.18
N LYS A 473 25.85 35.50 -30.08
CA LYS A 473 26.16 35.29 -31.50
C LYS A 473 27.13 36.36 -31.99
N THR A 474 26.97 37.60 -31.52
CA THR A 474 27.79 38.68 -32.04
C THR A 474 29.26 38.53 -31.62
N ILE A 475 29.51 38.17 -30.37
CA ILE A 475 30.92 38.09 -29.98
C ILE A 475 31.54 36.80 -30.49
N LEU A 476 30.72 35.77 -30.70
CA LEU A 476 31.25 34.53 -31.25
C LEU A 476 31.63 34.70 -32.71
N LYS A 477 30.87 35.50 -33.45
CA LYS A 477 31.22 35.74 -34.84
C LYS A 477 32.38 36.71 -34.96
N SER A 478 32.59 37.59 -33.97
CA SER A 478 33.77 38.47 -34.07
C SER A 478 35.05 37.70 -33.81
N ALA A 479 34.97 36.65 -33.00
CA ALA A 479 36.11 35.80 -32.67
C ALA A 479 36.29 34.67 -33.68
N GLY A 480 35.47 34.64 -34.72
CA GLY A 480 35.60 33.61 -35.73
C GLY A 480 35.06 32.28 -35.31
N LEU A 481 34.02 32.28 -34.47
CA LEU A 481 33.37 31.07 -34.00
C LEU A 481 31.91 31.07 -34.47
N ALA A 482 31.37 29.87 -34.61
CA ALA A 482 29.98 29.68 -35.00
C ALA A 482 29.22 29.04 -33.86
N LEU A 483 27.97 29.47 -33.66
CA LEU A 483 27.11 28.90 -32.62
C LEU A 483 26.44 27.68 -33.21
N LYS A 484 26.76 26.51 -32.69
CA LYS A 484 26.18 25.30 -33.26
C LYS A 484 24.84 24.96 -32.62
N GLN A 485 24.73 25.13 -31.31
CA GLN A 485 23.57 24.68 -30.56
C GLN A 485 23.51 25.39 -29.22
N ILE A 486 22.29 25.60 -28.73
CA ILE A 486 22.04 25.92 -27.34
C ILE A 486 21.51 24.66 -26.65
N TRP A 487 22.10 24.31 -25.50
CA TRP A 487 21.63 23.18 -24.71
C TRP A 487 20.85 23.71 -23.51
N GLU A 488 19.53 23.59 -23.57
CA GLU A 488 18.71 23.92 -22.43
C GLU A 488 18.71 22.75 -21.46
N CYS A 489 19.00 23.03 -20.20
CA CYS A 489 19.20 22.00 -19.18
C CYS A 489 18.34 22.29 -17.97
N ARG A 490 18.47 21.43 -16.97
CA ARG A 490 17.77 21.62 -15.71
C ARG A 490 18.44 22.73 -14.90
N SER A 491 18.61 23.91 -15.49
CA SER A 491 19.17 25.07 -14.83
C SER A 491 18.83 26.32 -15.65
N GLN A 492 18.77 27.48 -14.98
CA GLN A 492 18.65 28.71 -15.75
C GLN A 492 19.94 29.05 -16.44
N VAL A 493 21.01 28.32 -16.12
CA VAL A 493 22.26 28.38 -16.87
C VAL A 493 22.24 27.33 -17.96
N SER A 494 22.72 27.67 -19.12
CA SER A 494 22.72 26.77 -20.26
C SER A 494 24.13 26.60 -20.80
N LEU A 495 24.25 25.79 -21.85
CA LEU A 495 25.51 25.58 -22.53
C LEU A 495 25.34 26.05 -23.97
N LEU A 496 26.30 26.82 -24.43
CA LEU A 496 26.43 27.17 -25.83
C LEU A 496 27.55 26.31 -26.40
N GLU A 497 27.23 25.56 -27.45
CA GLU A 497 28.22 24.75 -28.15
C GLU A 497 28.65 25.52 -29.40
N ALA A 498 29.93 25.89 -29.43
CA ALA A 498 30.52 26.63 -30.53
C ALA A 498 31.69 25.83 -31.11
N VAL A 499 31.90 25.93 -32.42
CA VAL A 499 33.07 25.37 -33.08
C VAL A 499 33.75 26.47 -33.90
N ARG A 500 34.84 26.10 -34.57
CA ARG A 500 35.46 27.09 -35.45
C ARG A 500 34.56 27.30 -36.65
N ALA A 501 34.44 28.57 -37.08
CA ALA A 501 33.55 28.90 -38.18
C ALA A 501 33.96 28.21 -39.48
N ASP A 502 35.14 27.61 -39.55
CA ASP A 502 35.48 26.81 -40.71
C ASP A 502 34.55 25.63 -40.79
N MET B 21 -30.15 -16.70 -14.98
CA MET B 21 -30.32 -15.40 -14.34
C MET B 21 -29.69 -14.33 -15.22
N GLU B 22 -30.46 -13.30 -15.56
CA GLU B 22 -30.00 -12.22 -16.44
C GLU B 22 -29.52 -11.02 -15.64
N ARG B 23 -28.71 -10.21 -16.30
CA ARG B 23 -28.18 -9.00 -15.72
C ARG B 23 -29.25 -7.95 -15.65
N GLN B 24 -29.27 -7.12 -14.61
CA GLN B 24 -30.32 -6.12 -14.48
C GLN B 24 -29.78 -4.72 -14.71
N PRO B 25 -30.58 -3.80 -15.25
CA PRO B 25 -30.11 -2.42 -15.38
C PRO B 25 -29.96 -1.83 -13.99
N LYS B 26 -28.95 -0.98 -13.83
CA LYS B 26 -28.80 -0.34 -12.53
C LYS B 26 -29.75 0.87 -12.47
N SER B 27 -30.17 1.20 -11.27
CA SER B 27 -31.11 2.27 -11.03
C SER B 27 -30.42 3.63 -10.83
N LEU B 28 -31.23 4.70 -10.90
CA LEU B 28 -30.76 6.04 -10.53
C LEU B 28 -30.16 6.03 -9.14
N SER B 29 -30.82 5.34 -8.20
CA SER B 29 -30.35 5.34 -6.83
C SER B 29 -29.00 4.65 -6.71
N ASP B 30 -28.76 3.59 -7.50
CA ASP B 30 -27.43 3.01 -7.48
C ASP B 30 -26.39 4.05 -7.86
N ALA B 31 -26.64 4.79 -8.93
CA ALA B 31 -25.68 5.80 -9.36
C ALA B 31 -25.54 6.93 -8.33
N VAL B 32 -26.67 7.43 -7.81
CA VAL B 32 -26.55 8.56 -6.90
C VAL B 32 -25.79 8.16 -5.65
N GLN B 33 -26.08 6.98 -5.11
CA GLN B 33 -25.33 6.53 -3.95
C GLN B 33 -23.90 6.14 -4.30
N LEU B 34 -23.66 5.62 -5.50
CA LEU B 34 -22.27 5.37 -5.86
C LEU B 34 -21.49 6.68 -5.90
N LEU B 35 -22.11 7.76 -6.38
CA LEU B 35 -21.43 9.05 -6.30
C LEU B 35 -21.24 9.49 -4.85
N GLN B 36 -22.33 9.56 -4.09
CA GLN B 36 -22.23 10.01 -2.70
C GLN B 36 -21.17 9.20 -1.96
N THR B 37 -21.12 7.88 -2.23
CA THR B 37 -20.14 7.03 -1.56
C THR B 37 -18.73 7.35 -2.02
N THR B 38 -18.54 7.54 -3.33
CA THR B 38 -17.23 7.92 -3.84
C THR B 38 -16.74 9.25 -3.28
N GLU B 39 -17.64 10.25 -3.16
CA GLU B 39 -17.23 11.51 -2.56
C GLU B 39 -16.86 11.34 -1.09
N ILE B 40 -17.50 10.40 -0.40
CA ILE B 40 -17.13 10.17 1.00
C ILE B 40 -15.71 9.59 1.11
N ILE B 41 -15.38 8.62 0.26
CA ILE B 41 -14.03 8.08 0.22
C ILE B 41 -13.04 9.19 -0.06
N SER B 42 -13.38 10.09 -0.96
CA SER B 42 -12.42 11.12 -1.33
C SER B 42 -12.20 12.11 -0.19
N LYS B 43 -13.26 12.45 0.58
CA LYS B 43 -13.05 13.29 1.74
C LYS B 43 -12.26 12.56 2.82
N CYS B 44 -12.50 11.26 2.99
CA CYS B 44 -11.77 10.52 4.01
C CYS B 44 -10.28 10.48 3.71
N THR B 45 -9.91 10.34 2.44
CA THR B 45 -8.49 10.28 2.10
C THR B 45 -7.80 11.59 2.48
N GLN B 46 -8.47 12.72 2.25
CA GLN B 46 -7.84 13.98 2.62
C GLN B 46 -7.70 14.08 4.13
N THR B 47 -8.68 13.60 4.89
CA THR B 47 -8.52 13.55 6.35
C THR B 47 -7.43 12.57 6.77
N ILE B 48 -7.37 11.40 6.14
CA ILE B 48 -6.41 10.41 6.59
C ILE B 48 -4.99 10.90 6.41
N ILE B 49 -4.68 11.53 5.28
CA ILE B 49 -3.30 11.95 5.08
C ILE B 49 -2.97 13.13 5.98
N ALA B 50 -3.95 14.00 6.25
CA ALA B 50 -3.76 15.07 7.23
C ALA B 50 -3.39 14.51 8.59
N GLU B 51 -4.04 13.43 9.02
CA GLU B 51 -3.76 12.92 10.35
C GLU B 51 -2.55 11.99 10.40
N TRP B 52 -2.19 11.37 9.29
CA TRP B 52 -0.88 10.75 9.20
C TRP B 52 0.22 11.75 9.44
N SER B 53 0.03 12.99 8.95
CA SER B 53 1.09 13.97 9.10
C SER B 53 1.15 14.55 10.50
N ASN B 54 0.01 14.66 11.19
CA ASN B 54 0.02 15.01 12.61
C ASN B 54 0.63 13.88 13.41
N GLU B 55 0.38 12.63 13.01
CA GLU B 55 1.02 11.48 13.64
C GLU B 55 2.54 11.56 13.49
N ALA B 56 3.02 11.84 12.28
CA ALA B 56 4.45 11.91 12.07
C ALA B 56 5.09 12.93 13.00
N GLU B 57 4.46 14.10 13.16
CA GLU B 57 5.05 15.12 14.02
C GLU B 57 5.04 14.71 15.48
N THR B 58 4.04 13.93 15.90
CA THR B 58 3.97 13.48 17.29
C THR B 58 4.89 12.30 17.55
N PHE B 59 5.05 11.39 16.59
CA PHE B 59 6.06 10.32 16.71
C PHE B 59 7.45 10.88 16.86
N LYS B 60 7.72 12.03 16.25
CA LYS B 60 9.07 12.60 16.24
C LYS B 60 9.41 13.26 17.57
N LYS B 61 8.51 14.12 18.07
CA LYS B 61 8.72 14.78 19.35
C LYS B 61 9.09 13.79 20.45
N ARG B 62 8.40 12.64 20.48
CA ARG B 62 8.63 11.63 21.51
C ARG B 62 9.87 10.80 21.15
N GLY B 69 3.66 7.14 24.89
CA GLY B 69 2.31 7.65 24.99
C GLY B 69 1.33 6.85 24.18
N ALA B 70 0.22 7.49 23.76
CA ALA B 70 -0.85 6.80 23.04
C ALA B 70 -0.56 6.63 21.54
N GLU B 71 0.29 7.48 20.97
CA GLU B 71 0.69 7.38 19.56
C GLU B 71 1.05 5.96 19.12
N LEU B 72 1.75 5.23 19.98
CA LEU B 72 2.34 3.94 19.61
C LEU B 72 1.38 2.79 19.80
N VAL B 73 0.15 3.04 20.22
CA VAL B 73 -0.80 1.97 20.49
C VAL B 73 -2.09 2.12 19.71
N LEU B 74 -2.45 3.33 19.34
CA LEU B 74 -3.74 3.51 18.72
C LEU B 74 -3.91 4.83 18.03
N PRO B 75 -4.71 4.83 16.97
CA PRO B 75 -4.94 6.05 16.18
C PRO B 75 -5.65 7.16 16.94
N SER B 76 -5.44 8.39 16.46
CA SER B 76 -6.20 9.54 16.88
C SER B 76 -7.70 9.36 16.67
N HIS B 77 -8.52 10.14 17.42
CA HIS B 77 -9.96 10.09 17.23
C HIS B 77 -10.35 10.46 15.81
N GLU B 78 -9.78 11.54 15.28
CA GLU B 78 -10.12 11.96 13.93
C GLU B 78 -9.65 10.95 12.91
N LEU B 79 -8.49 10.34 13.14
CA LEU B 79 -8.03 9.30 12.22
C LEU B 79 -8.90 8.05 12.36
N PHE B 80 -9.35 7.73 13.57
CA PHE B 80 -10.11 6.51 13.72
C PHE B 80 -11.46 6.65 13.03
N ASN B 81 -12.09 7.82 13.14
CA ASN B 81 -13.38 8.03 12.48
C ASN B 81 -13.23 8.02 10.97
N ALA B 82 -12.07 8.45 10.46
CA ALA B 82 -11.80 8.42 9.03
C ALA B 82 -11.52 7.00 8.53
N GLN B 83 -10.81 6.19 9.32
CA GLN B 83 -10.67 4.81 8.89
C GLN B 83 -12.00 4.08 8.91
N ARG B 84 -12.80 4.31 9.96
CA ARG B 84 -14.06 3.62 10.09
C ARG B 84 -15.04 4.02 8.99
N THR B 85 -15.13 5.33 8.71
CA THR B 85 -16.00 5.81 7.65
C THR B 85 -15.53 5.33 6.27
N ILE B 86 -14.23 5.36 5.99
CA ILE B 86 -13.79 4.98 4.65
C ILE B 86 -13.97 3.47 4.43
N THR B 87 -13.73 2.67 5.47
CA THR B 87 -14.05 1.24 5.35
C THR B 87 -15.54 1.03 5.09
N ALA B 88 -16.40 1.76 5.81
CA ALA B 88 -17.84 1.65 5.53
C ALA B 88 -18.13 1.99 4.08
N ALA B 89 -17.51 3.04 3.56
CA ALA B 89 -17.73 3.44 2.16
C ALA B 89 -17.15 2.42 1.18
N ILE B 90 -15.97 1.86 1.50
CA ILE B 90 -15.39 0.80 0.67
C ILE B 90 -16.37 -0.34 0.50
N GLY B 91 -16.93 -0.82 1.63
CA GLY B 91 -17.88 -1.91 1.58
C GLY B 91 -19.07 -1.62 0.70
N LYS B 92 -19.62 -0.41 0.79
CA LYS B 92 -20.80 -0.07 0.01
C LYS B 92 -20.46 0.09 -1.46
N LEU B 93 -19.24 0.55 -1.76
CA LEU B 93 -18.82 0.66 -3.16
C LEU B 93 -18.71 -0.71 -3.82
N ILE B 94 -18.17 -1.70 -3.12
CA ILE B 94 -18.12 -3.05 -3.67
C ILE B 94 -19.53 -3.55 -3.97
N GLU B 95 -20.47 -3.35 -3.04
CA GLU B 95 -21.85 -3.77 -3.22
C GLU B 95 -22.51 -3.12 -4.43
N LEU B 96 -22.16 -1.88 -4.76
CA LEU B 96 -22.83 -1.16 -5.83
C LEU B 96 -22.22 -1.38 -7.22
N VAL B 97 -20.91 -1.60 -7.31
CA VAL B 97 -20.25 -1.76 -8.60
C VAL B 97 -20.07 -3.23 -9.03
N SER B 98 -20.15 -4.19 -8.10
CA SER B 98 -19.83 -5.58 -8.46
C SER B 98 -20.92 -6.20 -9.31
N GLU B 99 -20.52 -7.13 -10.15
CA GLU B 99 -21.51 -8.05 -10.69
C GLU B 99 -22.00 -8.91 -9.54
N PRO B 100 -23.31 -8.99 -9.32
CA PRO B 100 -23.80 -9.72 -8.14
C PRO B 100 -23.25 -11.14 -8.05
N SER B 101 -23.25 -11.89 -9.16
CA SER B 101 -22.81 -13.27 -9.10
C SER B 101 -21.32 -13.38 -8.83
N VAL B 102 -20.51 -12.52 -9.47
CA VAL B 102 -19.08 -12.49 -9.18
C VAL B 102 -18.88 -12.30 -7.71
N ARG B 103 -19.66 -11.38 -7.13
CA ARG B 103 -19.49 -11.01 -5.74
C ARG B 103 -19.97 -12.13 -4.83
N ILE B 104 -21.04 -12.84 -5.22
CA ILE B 104 -21.46 -13.99 -4.44
C ILE B 104 -20.39 -15.07 -4.42
N LEU B 105 -19.74 -15.33 -5.56
CA LEU B 105 -18.77 -16.41 -5.52
C LEU B 105 -17.46 -16.01 -4.89
N GLU B 106 -17.16 -14.70 -4.86
CA GLU B 106 -15.97 -14.24 -4.16
C GLU B 106 -16.11 -14.43 -2.66
N ILE B 107 -17.25 -14.02 -2.08
CA ILE B 107 -17.49 -14.26 -0.66
C ILE B 107 -17.45 -15.74 -0.36
N ALA B 108 -18.07 -16.55 -1.21
CA ALA B 108 -18.19 -17.99 -0.95
C ALA B 108 -16.83 -18.64 -0.81
N GLY B 109 -15.85 -18.23 -1.60
CA GLY B 109 -14.56 -18.87 -1.53
C GLY B 109 -13.50 -18.14 -0.74
N GLN B 110 -13.80 -16.98 -0.15
CA GLN B 110 -12.80 -16.16 0.52
C GLN B 110 -12.22 -16.78 1.79
N TYR B 111 -12.65 -17.97 2.18
CA TYR B 111 -12.11 -18.61 3.37
C TYR B 111 -10.73 -19.15 3.13
N GLN B 112 -10.36 -19.28 1.88
CA GLN B 112 -9.10 -19.87 1.57
C GLN B 112 -8.02 -18.87 1.77
N GLU B 113 -8.41 -17.64 2.02
CA GLU B 113 -7.42 -16.63 2.25
C GLU B 113 -7.20 -16.64 3.71
N SER B 114 -8.22 -16.97 4.47
CA SER B 114 -7.98 -17.14 5.91
C SER B 114 -6.98 -18.27 6.15
N ARG B 115 -7.15 -19.37 5.42
CA ARG B 115 -6.28 -20.52 5.53
C ARG B 115 -4.85 -20.18 5.12
N ALA B 116 -4.71 -19.57 3.94
CA ALA B 116 -3.39 -19.19 3.44
C ALA B 116 -2.63 -18.38 4.48
N LEU B 117 -3.31 -17.39 5.08
CA LEU B 117 -2.66 -16.60 6.11
C LEU B 117 -2.32 -17.46 7.32
N TYR B 118 -3.25 -18.33 7.71
CA TYR B 118 -3.02 -19.26 8.80
C TYR B 118 -1.77 -20.08 8.55
N ILE B 119 -1.68 -20.65 7.36
CA ILE B 119 -0.52 -21.46 6.99
C ILE B 119 0.76 -20.63 7.08
N ALA B 120 0.75 -19.43 6.48
CA ALA B 120 1.95 -18.61 6.50
C ALA B 120 2.31 -18.18 7.92
N VAL B 121 1.33 -17.89 8.73
CA VAL B 121 1.57 -17.43 10.06
C VAL B 121 1.93 -18.53 11.01
N GLU B 122 1.46 -19.72 10.73
CA GLU B 122 1.79 -20.88 11.54
C GLU B 122 3.26 -21.22 11.47
N ARG B 123 3.84 -21.07 10.30
CA ARG B 123 5.23 -21.38 10.05
C ARG B 123 6.12 -20.16 10.22
N ARG B 124 5.62 -19.13 10.92
CA ARG B 124 6.40 -17.95 11.27
C ARG B 124 7.07 -17.34 10.05
N ILE B 125 6.37 -17.32 8.92
CA ILE B 125 6.92 -16.70 7.72
C ILE B 125 7.21 -15.21 7.92
N PRO B 126 6.37 -14.42 8.60
CA PRO B 126 6.79 -13.04 8.92
C PRO B 126 8.13 -12.97 9.63
N ASP B 127 8.28 -13.72 10.73
CA ASP B 127 9.53 -13.73 11.48
C ASP B 127 10.69 -14.16 10.62
N ILE B 128 10.46 -15.09 9.69
CA ILE B 128 11.55 -15.59 8.86
C ILE B 128 12.01 -14.52 7.88
N LEU B 129 11.07 -13.81 7.23
CA LEU B 129 11.50 -12.83 6.22
C LEU B 129 12.11 -11.59 6.86
N ALA B 130 11.74 -11.27 8.10
CA ALA B 130 12.36 -10.13 8.76
C ALA B 130 13.79 -10.42 9.18
N SER B 131 14.22 -11.68 9.08
CA SER B 131 15.57 -12.07 9.48
C SER B 131 16.64 -11.72 8.45
N GLN B 132 16.26 -11.24 7.27
CA GLN B 132 17.25 -10.93 6.24
C GLN B 132 17.70 -9.47 6.33
N GLY B 136 15.95 -7.11 0.87
CA GLY B 136 15.92 -7.49 -0.53
C GLY B 136 15.03 -8.69 -0.87
N GLY B 137 14.36 -9.25 0.14
CA GLY B 137 13.50 -10.39 -0.07
C GLY B 137 14.21 -11.71 0.14
N MET B 138 13.43 -12.80 0.07
CA MET B 138 13.98 -14.14 0.20
C MET B 138 13.44 -15.05 -0.90
N PRO B 139 14.32 -15.85 -1.52
CA PRO B 139 13.86 -16.85 -2.48
C PRO B 139 12.87 -17.83 -1.86
N VAL B 140 11.87 -18.23 -2.65
CA VAL B 140 10.83 -19.12 -2.12
C VAL B 140 11.37 -20.52 -1.85
N LYS B 141 12.40 -20.95 -2.58
CA LYS B 141 12.98 -22.25 -2.31
C LYS B 141 13.59 -22.31 -0.91
N GLU B 142 14.26 -21.23 -0.51
CA GLU B 142 14.81 -21.22 0.85
C GLU B 142 13.72 -20.93 1.88
N LEU B 143 12.67 -20.21 1.48
CA LEU B 143 11.50 -20.13 2.35
C LEU B 143 10.91 -21.51 2.59
N SER B 144 10.90 -22.37 1.56
CA SER B 144 10.42 -23.73 1.69
C SER B 144 11.24 -24.52 2.70
N SER B 145 12.56 -24.35 2.66
CA SER B 145 13.44 -25.12 3.55
C SER B 145 13.13 -24.85 5.01
N ARG B 146 12.85 -23.59 5.35
CA ARG B 146 12.69 -23.20 6.74
C ARG B 146 11.26 -23.25 7.21
N THR B 147 10.33 -23.69 6.37
CA THR B 147 8.94 -23.86 6.76
C THR B 147 8.48 -25.29 6.71
N GLY B 148 9.10 -26.12 5.87
CA GLY B 148 8.60 -27.45 5.65
C GLY B 148 7.49 -27.56 4.63
N ILE B 149 7.04 -26.42 4.05
CA ILE B 149 6.06 -26.45 2.98
C ILE B 149 6.84 -26.49 1.67
N GLU B 150 6.31 -27.22 0.70
CA GLU B 150 7.00 -27.46 -0.55
C GLU B 150 6.95 -26.20 -1.42
N HIS B 151 8.02 -25.95 -2.17
CA HIS B 151 8.24 -24.58 -2.64
C HIS B 151 7.22 -24.16 -3.71
N ARG B 152 6.86 -25.08 -4.60
CA ARG B 152 5.91 -24.76 -5.67
C ARG B 152 4.55 -24.39 -5.12
N LYS B 153 4.13 -25.09 -4.08
CA LYS B 153 2.84 -24.85 -3.45
C LYS B 153 2.89 -23.60 -2.60
N LEU B 154 4.01 -23.39 -1.92
CA LEU B 154 4.11 -22.24 -1.02
C LEU B 154 4.18 -20.94 -1.80
N SER B 155 4.67 -20.98 -3.04
CA SER B 155 4.52 -19.81 -3.89
C SER B 155 3.06 -19.42 -4.01
N ARG B 156 2.19 -20.42 -4.19
CA ARG B 156 0.80 -20.06 -4.46
C ARG B 156 0.07 -19.58 -3.19
N ILE B 157 0.47 -20.04 -1.99
CA ILE B 157 -0.11 -19.44 -0.80
C ILE B 157 0.33 -17.99 -0.65
N LEU B 158 1.61 -17.70 -0.92
CA LEU B 158 2.08 -16.33 -0.70
C LEU B 158 1.70 -15.36 -1.80
N ARG B 159 1.46 -15.82 -3.04
CA ARG B 159 0.98 -14.86 -4.04
C ARG B 159 -0.53 -14.61 -3.88
N TYR B 160 -1.28 -15.56 -3.35
CA TYR B 160 -2.64 -15.28 -2.85
C TYR B 160 -2.60 -14.10 -1.88
N LEU B 161 -1.78 -14.23 -0.83
CA LEU B 161 -1.69 -13.17 0.17
C LEU B 161 -1.20 -11.87 -0.46
N CYS B 162 -0.18 -11.95 -1.32
CA CYS B 162 0.34 -10.73 -1.95
C CYS B 162 -0.72 -10.05 -2.80
N SER B 163 -1.47 -10.84 -3.58
CA SER B 163 -2.53 -10.23 -4.37
C SER B 163 -3.52 -9.49 -3.50
N MET B 164 -3.69 -9.93 -2.25
CA MET B 164 -4.64 -9.30 -1.32
C MET B 164 -3.95 -8.39 -0.31
N GLY B 165 -2.72 -7.97 -0.59
CA GLY B 165 -2.11 -6.93 0.23
C GLY B 165 -1.43 -7.41 1.49
N THR B 166 -1.20 -8.71 1.63
CA THR B 166 -0.44 -9.23 2.75
C THR B 166 0.84 -9.84 2.18
N PHE B 167 1.98 -9.36 2.67
CA PHE B 167 3.28 -9.64 2.08
C PHE B 167 3.41 -8.99 0.71
N ARG B 168 4.62 -8.97 0.19
CA ARG B 168 4.92 -8.43 -1.12
C ARG B 168 5.82 -9.41 -1.83
N GLN B 169 5.66 -9.45 -3.15
CA GLN B 169 6.60 -10.13 -4.03
C GLN B 169 7.54 -9.10 -4.64
N VAL B 170 8.84 -9.32 -4.49
CA VAL B 170 9.84 -8.38 -4.99
C VAL B 170 10.60 -8.92 -6.19
N GLY B 171 10.42 -10.20 -6.54
CA GLY B 171 11.15 -10.79 -7.63
C GLY B 171 10.56 -12.11 -8.10
N PRO B 172 11.27 -12.80 -8.99
CA PRO B 172 10.79 -14.11 -9.46
C PRO B 172 10.69 -15.12 -8.33
N ASP B 173 9.48 -15.28 -7.82
CA ASP B 173 9.22 -16.14 -6.65
C ASP B 173 10.14 -15.77 -5.49
N VAL B 174 10.27 -14.47 -5.22
CA VAL B 174 11.10 -14.03 -4.11
C VAL B 174 10.23 -13.04 -3.33
N PHE B 175 10.14 -13.23 -2.01
CA PHE B 175 9.11 -12.59 -1.20
C PHE B 175 9.70 -11.86 0.01
N ALA B 176 8.94 -10.91 0.54
CA ALA B 176 9.37 -10.13 1.69
C ALA B 176 8.14 -9.64 2.44
N ASN B 177 8.35 -9.14 3.66
CA ASN B 177 7.26 -8.55 4.42
C ASN B 177 6.79 -7.26 3.77
N ASN B 178 5.51 -6.97 3.90
CA ASN B 178 5.04 -5.66 3.49
C ASN B 178 4.54 -4.90 4.71
N THR B 179 3.92 -3.75 4.46
CA THR B 179 3.49 -2.90 5.56
C THR B 179 2.47 -3.59 6.46
N ILE B 180 1.68 -4.54 5.93
CA ILE B 180 0.64 -5.20 6.73
C ILE B 180 1.20 -6.42 7.47
N SER B 181 1.97 -7.28 6.81
CA SER B 181 2.51 -8.47 7.47
C SER B 181 3.61 -8.15 8.48
N ALA B 182 4.20 -6.96 8.40
CA ALA B 182 5.28 -6.63 9.32
C ALA B 182 4.82 -6.68 10.77
N CYS B 183 3.53 -6.47 11.02
CA CYS B 183 3.05 -6.40 12.40
C CYS B 183 3.04 -7.75 13.08
N LEU B 184 3.44 -8.84 12.40
CA LEU B 184 3.53 -10.16 13.01
C LEU B 184 4.94 -10.55 13.46
N VAL B 185 5.96 -9.76 13.10
CA VAL B 185 7.32 -10.10 13.49
C VAL B 185 7.49 -9.80 14.97
N ALA B 186 7.97 -10.80 15.71
CA ALA B 186 8.16 -10.71 17.15
C ALA B 186 6.85 -10.30 17.82
N ASN B 187 5.77 -10.96 17.42
CA ASN B 187 4.44 -10.68 17.93
C ASN B 187 3.75 -12.01 18.23
N GLU B 188 4.26 -12.72 19.25
CA GLU B 188 3.64 -13.98 19.63
C GLU B 188 2.20 -13.80 20.13
N PRO B 189 1.85 -12.73 20.85
CA PRO B 189 0.43 -12.56 21.20
C PRO B 189 -0.48 -12.45 20.00
N LEU B 190 -0.05 -11.75 18.95
CA LEU B 190 -0.89 -11.62 17.77
C LEU B 190 -0.87 -12.89 16.94
N ARG B 191 0.30 -13.49 16.75
CA ARG B 191 0.36 -14.74 15.99
C ARG B 191 -0.51 -15.80 16.63
N ALA B 192 -0.52 -15.86 17.97
CA ALA B 192 -1.38 -16.82 18.66
C ALA B 192 -2.85 -16.63 18.30
N TYR B 193 -3.28 -15.39 18.12
CA TYR B 193 -4.67 -15.14 17.80
C TYR B 193 -5.02 -15.70 16.42
N VAL B 194 -4.16 -15.49 15.42
CA VAL B 194 -4.41 -16.10 14.11
C VAL B 194 -4.52 -17.61 14.26
N ARG B 195 -3.59 -18.20 15.00
CA ARG B 195 -3.56 -19.65 15.19
C ARG B 195 -4.83 -20.14 15.86
N LEU B 196 -5.37 -19.35 16.79
CA LEU B 196 -6.60 -19.73 17.45
C LEU B 196 -7.77 -19.70 16.48
N THR B 197 -7.86 -18.64 15.65
CA THR B 197 -8.96 -18.56 14.70
C THR B 197 -8.83 -19.59 13.58
N GLY B 198 -7.62 -20.06 13.30
CA GLY B 198 -7.41 -20.98 12.22
C GLY B 198 -7.33 -22.43 12.61
N SER B 199 -7.49 -22.77 13.89
CA SER B 199 -7.34 -24.16 14.33
C SER B 199 -8.70 -24.66 14.78
N GLU B 200 -9.04 -24.58 16.08
CA GLU B 200 -10.30 -25.14 16.56
C GLU B 200 -11.49 -24.45 15.91
N ALA B 201 -11.44 -23.13 15.85
CA ALA B 201 -12.60 -22.38 15.38
C ALA B 201 -12.99 -22.78 13.96
N PHE B 202 -12.02 -23.17 13.14
CA PHE B 202 -12.31 -23.50 11.76
C PHE B 202 -13.14 -24.78 11.66
N THR B 203 -12.72 -25.83 12.38
CA THR B 203 -13.50 -27.07 12.36
C THR B 203 -14.84 -26.88 13.03
N ALA B 204 -14.92 -26.10 14.10
CA ALA B 204 -16.24 -25.78 14.63
C ALA B 204 -17.10 -25.11 13.58
N SER B 205 -16.50 -24.19 12.82
CA SER B 205 -17.24 -23.49 11.79
C SER B 205 -17.72 -24.44 10.70
N ASP B 206 -16.88 -25.40 10.31
CA ASP B 206 -17.25 -26.34 9.26
C ASP B 206 -18.48 -27.15 9.65
N ARG B 207 -18.58 -27.52 10.91
CA ARG B 207 -19.71 -28.33 11.38
C ARG B 207 -20.83 -27.47 11.93
N LEU B 208 -20.75 -26.16 11.74
CA LEU B 208 -21.77 -25.28 12.32
C LEU B 208 -23.08 -25.29 11.51
N PRO B 209 -23.07 -25.39 10.17
CA PRO B 209 -24.36 -25.61 9.47
C PRO B 209 -25.12 -26.83 9.97
N LYS B 210 -24.47 -27.99 10.03
CA LYS B 210 -25.12 -29.22 10.48
C LYS B 210 -25.66 -29.11 11.89
N THR B 211 -24.90 -28.45 12.79
CA THR B 211 -25.34 -28.23 14.16
C THR B 211 -26.55 -27.31 14.24
N LEU B 212 -26.62 -26.30 13.37
CA LEU B 212 -27.75 -25.36 13.40
C LEU B 212 -29.06 -26.01 12.96
N LEU B 213 -29.01 -27.01 12.07
CA LEU B 213 -30.23 -27.63 11.54
C LEU B 213 -30.66 -28.92 12.22
N ASP B 214 -29.74 -29.63 12.86
CA ASP B 214 -30.13 -30.81 13.61
C ASP B 214 -31.19 -30.39 14.63
N PRO B 215 -32.34 -31.08 14.70
CA PRO B 215 -33.43 -30.61 15.56
C PRO B 215 -33.10 -30.63 17.04
N SER B 216 -32.04 -31.32 17.45
CA SER B 216 -31.65 -31.40 18.85
C SER B 216 -30.63 -30.35 19.27
N THR B 217 -29.55 -30.20 18.48
CA THR B 217 -28.54 -29.18 18.75
C THR B 217 -28.97 -27.79 18.31
N GLY B 218 -29.84 -27.71 17.29
CA GLY B 218 -30.22 -26.47 16.64
C GLY B 218 -30.78 -25.40 17.55
N PRO B 219 -31.80 -25.75 18.34
CA PRO B 219 -32.37 -24.77 19.29
C PRO B 219 -31.52 -24.49 20.51
N SER B 220 -30.56 -25.37 20.84
CA SER B 220 -29.82 -25.31 22.08
C SER B 220 -28.92 -24.08 22.17
N TYR B 221 -28.84 -23.54 23.39
CA TYR B 221 -27.84 -22.55 23.79
C TYR B 221 -26.92 -23.11 24.88
N ASP B 222 -26.76 -24.42 24.93
CA ASP B 222 -25.97 -25.06 25.98
C ASP B 222 -24.50 -25.04 25.59
N VAL B 223 -23.62 -24.71 26.54
CA VAL B 223 -22.20 -24.61 26.24
C VAL B 223 -21.59 -25.91 25.76
N THR B 224 -22.27 -27.03 25.97
CA THR B 224 -21.77 -28.37 25.68
C THR B 224 -22.47 -29.12 24.53
N ARG B 225 -23.24 -28.42 23.75
CA ARG B 225 -23.84 -29.04 22.62
C ARG B 225 -23.69 -28.13 21.45
N THR B 226 -22.45 -27.85 21.11
CA THR B 226 -22.16 -26.87 20.05
C THR B 226 -21.45 -27.56 18.89
N ALA B 227 -21.28 -26.84 17.78
CA ALA B 227 -20.51 -27.38 16.67
C ALA B 227 -19.14 -27.86 17.13
N TRP B 228 -18.58 -27.20 18.15
CA TRP B 228 -17.25 -27.58 18.63
C TRP B 228 -17.26 -28.99 19.22
N GLN B 229 -18.22 -29.29 20.10
CA GLN B 229 -18.33 -30.65 20.64
C GLN B 229 -18.52 -31.68 19.54
N ASP B 230 -19.28 -31.32 18.49
CA ASP B 230 -19.44 -32.25 17.37
C ASP B 230 -18.10 -32.51 16.70
N ALA B 231 -17.23 -31.49 16.67
CA ALA B 231 -15.91 -31.63 16.07
C ALA B 231 -14.98 -32.50 16.93
N ILE B 232 -14.94 -32.27 18.24
CA ILE B 232 -13.99 -32.95 19.12
C ILE B 232 -14.44 -34.35 19.52
N GLY B 233 -15.73 -34.64 19.46
CA GLY B 233 -16.23 -35.91 19.96
C GLY B 233 -16.15 -35.97 21.47
N THR B 234 -16.59 -34.88 22.09
CA THR B 234 -16.66 -34.75 23.54
C THR B 234 -17.93 -34.06 23.99
N THR B 235 -18.14 -34.13 25.32
CA THR B 235 -19.26 -33.50 25.99
C THR B 235 -18.86 -32.39 26.96
N LYS B 236 -17.57 -32.25 27.25
CA LYS B 236 -17.13 -31.32 28.27
C LYS B 236 -17.01 -29.91 27.68
N PRO B 237 -17.30 -28.88 28.47
CA PRO B 237 -17.03 -27.53 27.97
C PRO B 237 -15.57 -27.48 27.56
N ARG B 238 -15.31 -26.72 26.50
CA ARG B 238 -13.98 -26.75 25.93
C ARG B 238 -12.94 -25.99 26.75
N TRP B 239 -13.36 -25.20 27.75
CA TRP B 239 -12.38 -24.59 28.65
C TRP B 239 -11.58 -25.62 29.40
N GLU B 240 -12.11 -26.83 29.53
CA GLU B 240 -11.45 -27.92 30.24
C GLU B 240 -10.83 -28.93 29.31
N TRP B 241 -11.29 -28.99 28.07
CA TRP B 241 -10.66 -29.88 27.10
C TRP B 241 -9.26 -29.39 26.74
N ILE B 242 -9.06 -28.09 26.75
CA ILE B 242 -7.76 -27.55 26.44
C ILE B 242 -6.79 -27.92 27.52
N GLU B 243 -7.31 -28.08 28.73
CA GLU B 243 -6.50 -28.30 29.91
C GLU B 243 -6.23 -29.77 30.22
N GLU B 244 -6.75 -30.68 29.40
CA GLU B 244 -6.46 -32.09 29.62
C GLU B 244 -4.96 -32.31 29.47
N ARG B 245 -4.46 -33.33 30.17
CA ARG B 245 -3.08 -33.76 30.02
C ARG B 245 -3.12 -35.07 29.22
N VAL B 246 -2.53 -35.06 28.02
CA VAL B 246 -2.57 -36.23 27.14
C VAL B 246 -1.14 -36.72 26.95
N GLU B 247 -0.98 -38.07 26.61
CA GLU B 247 0.31 -38.67 26.30
C GLU B 247 0.64 -38.54 24.82
N PRO B 248 1.95 -38.36 24.49
CA PRO B 248 2.37 -38.08 23.10
C PRO B 248 1.86 -38.97 21.99
N ASP B 249 1.68 -40.27 22.22
CA ASP B 249 1.27 -41.11 21.09
C ASP B 249 -0.19 -40.91 20.74
N LYS B 250 -0.97 -40.33 21.63
CA LYS B 250 -2.38 -40.12 21.35
C LYS B 250 -2.70 -38.70 20.93
N LEU B 251 -1.73 -37.78 21.02
CA LEU B 251 -2.10 -36.37 21.04
C LEU B 251 -2.44 -35.80 19.67
N LEU B 252 -1.78 -36.23 18.59
CA LEU B 252 -1.92 -35.41 17.39
C LEU B 252 -3.33 -35.55 16.80
N ASP B 253 -3.96 -36.73 16.96
CA ASP B 253 -5.31 -36.99 16.48
C ASP B 253 -6.34 -37.01 17.59
N SER B 254 -5.98 -36.49 18.77
CA SER B 254 -6.94 -36.33 19.84
C SER B 254 -8.13 -35.44 19.48
N GLY B 255 -7.97 -34.55 18.51
CA GLY B 255 -9.06 -33.67 18.16
C GLY B 255 -10.14 -34.28 17.31
N PHE B 256 -10.04 -35.56 16.98
CA PHE B 256 -11.04 -36.23 16.15
C PHE B 256 -11.13 -35.55 14.80
N HIS B 257 -12.25 -34.87 14.54
CA HIS B 257 -12.39 -34.15 13.28
C HIS B 257 -11.56 -32.88 13.26
N TYR B 258 -11.26 -32.30 14.42
CA TYR B 258 -10.28 -31.22 14.51
C TYR B 258 -8.89 -31.74 14.18
N PRO B 259 -8.23 -31.23 13.13
CA PRO B 259 -6.91 -31.76 12.77
C PRO B 259 -5.83 -31.52 13.82
N GLY B 260 -5.98 -30.49 14.66
CA GLY B 260 -4.98 -30.13 15.63
C GLY B 260 -4.06 -29.06 15.11
N ILE B 261 -3.21 -28.55 15.97
CA ILE B 261 -2.26 -27.55 15.53
C ILE B 261 -1.45 -28.20 14.47
N PRO B 262 -1.26 -27.55 13.34
CA PRO B 262 -0.55 -28.22 12.25
C PRO B 262 0.93 -28.45 12.50
N SER B 263 1.56 -27.62 13.31
CA SER B 263 3.00 -27.71 13.55
C SER B 263 3.43 -28.95 14.35
N LEU B 264 2.49 -29.66 14.97
CA LEU B 264 2.87 -30.79 15.79
C LEU B 264 3.55 -31.89 14.98
N ILE B 265 3.20 -32.04 13.70
CA ILE B 265 3.75 -33.09 12.85
C ILE B 265 5.29 -33.03 12.85
N LEU B 266 5.83 -31.82 12.92
CA LEU B 266 7.27 -31.59 12.89
C LEU B 266 7.85 -31.04 14.18
N GLU B 267 7.03 -30.53 15.09
CA GLU B 267 7.51 -29.93 16.34
C GLU B 267 6.76 -30.58 17.49
N PRO B 268 7.11 -31.83 17.83
CA PRO B 268 6.42 -32.53 18.91
C PRO B 268 6.46 -31.73 20.20
N GLN B 269 5.43 -31.90 21.02
CA GLN B 269 5.37 -31.18 22.29
C GLN B 269 6.23 -31.85 23.35
N ALA B 270 6.78 -31.02 24.27
CA ALA B 270 7.72 -31.60 25.22
C ALA B 270 6.98 -32.09 26.47
N PRO B 271 7.20 -33.33 26.89
CA PRO B 271 6.56 -33.81 28.13
C PRO B 271 7.03 -33.00 29.32
N GLY B 272 6.10 -32.75 30.25
CA GLY B 272 6.45 -32.08 31.49
C GLY B 272 7.03 -33.05 32.51
N GLU B 273 7.15 -32.55 33.74
CA GLU B 273 7.83 -33.31 34.79
C GLU B 273 7.03 -34.54 35.25
N ASP B 274 5.73 -34.59 34.93
CA ASP B 274 4.89 -35.73 35.27
C ASP B 274 4.73 -36.70 34.10
N GLY B 275 5.44 -36.48 33.00
CA GLY B 275 5.36 -37.33 31.83
C GLY B 275 4.21 -37.06 30.89
N LEU B 276 3.36 -36.07 31.19
CA LEU B 276 2.24 -35.73 30.33
C LEU B 276 2.56 -34.45 29.58
N VAL B 277 1.89 -34.23 28.45
CA VAL B 277 2.04 -32.99 27.71
C VAL B 277 0.76 -32.19 27.90
N ALA B 278 0.91 -30.87 27.98
CA ALA B 278 -0.25 -30.00 27.96
C ALA B 278 -0.69 -29.89 26.51
N ARG B 279 -1.93 -29.53 26.29
CA ARG B 279 -2.33 -29.42 24.90
C ARG B 279 -1.99 -28.04 24.35
N PRO B 280 -1.49 -27.94 23.09
CA PRO B 280 -1.03 -26.64 22.57
C PRO B 280 -2.06 -25.55 22.69
N GLU B 281 -3.34 -25.89 22.64
CA GLU B 281 -4.37 -24.87 22.57
C GLU B 281 -4.45 -24.07 23.86
N LEU B 282 -4.03 -24.65 24.99
CA LEU B 282 -4.06 -23.95 26.26
C LEU B 282 -3.07 -22.78 26.27
N GLU B 283 -1.83 -23.02 25.82
CA GLU B 283 -0.86 -21.95 25.80
C GLU B 283 -1.21 -20.91 24.75
N ILE B 284 -1.81 -21.36 23.64
CA ILE B 284 -2.19 -20.44 22.57
C ILE B 284 -3.30 -19.50 23.04
N MET B 285 -4.32 -20.05 23.70
CA MET B 285 -5.47 -19.22 24.03
C MET B 285 -5.11 -18.17 25.07
N GLY B 286 -4.31 -18.53 26.06
CA GLY B 286 -3.88 -17.55 27.04
C GLY B 286 -3.17 -16.37 26.41
N LEU B 287 -2.26 -16.64 25.46
CA LEU B 287 -1.54 -15.57 24.77
C LEU B 287 -2.41 -14.87 23.74
N ALA B 288 -3.38 -15.57 23.16
CA ALA B 288 -4.23 -14.99 22.12
C ALA B 288 -5.02 -13.80 22.65
N MET B 289 -5.53 -13.90 23.87
CA MET B 289 -6.33 -12.81 24.39
C MET B 289 -5.50 -11.59 24.78
N VAL B 290 -4.21 -11.75 25.07
CA VAL B 290 -3.30 -10.58 24.99
C VAL B 290 -3.30 -9.98 23.59
N GLY B 291 -2.98 -10.78 22.57
CA GLY B 291 -2.93 -10.26 21.23
C GLY B 291 -4.22 -9.57 20.84
N GLY B 292 -5.34 -10.28 21.01
CA GLY B 292 -6.62 -9.70 20.67
C GLY B 292 -6.95 -8.49 21.51
N GLY B 293 -6.61 -8.52 22.79
CA GLY B 293 -6.89 -7.38 23.65
C GLY B 293 -6.14 -6.12 23.26
N ARG B 294 -4.93 -6.26 22.70
CA ARG B 294 -4.15 -5.11 22.26
C ARG B 294 -4.56 -4.59 20.90
N VAL B 295 -5.40 -5.32 20.17
CA VAL B 295 -5.81 -4.81 18.87
C VAL B 295 -7.11 -4.04 19.05
N PHE B 296 -8.17 -4.70 19.55
CA PHE B 296 -9.47 -4.05 19.69
C PHE B 296 -9.76 -3.58 21.10
N GLY B 297 -8.92 -3.89 22.07
CA GLY B 297 -9.19 -3.46 23.42
C GLY B 297 -8.25 -2.37 23.89
N ALA B 298 -7.36 -1.89 23.01
CA ALA B 298 -6.45 -0.82 23.39
C ALA B 298 -7.17 0.49 23.68
N ALA B 299 -8.30 0.75 23.00
CA ALA B 299 -9.01 2.02 23.14
C ALA B 299 -9.44 2.31 24.58
N HIS B 300 -9.80 1.26 25.27
CA HIS B 300 -10.40 1.35 26.58
C HIS B 300 -9.42 1.82 27.61
N VAL B 301 -8.16 1.74 27.29
CA VAL B 301 -7.14 2.25 28.17
C VAL B 301 -7.05 3.74 28.13
N PHE B 302 -7.74 4.40 27.21
CA PHE B 302 -7.59 5.83 27.10
C PHE B 302 -8.86 6.60 27.01
N ASP B 303 -9.91 5.98 26.51
CA ASP B 303 -11.17 6.71 26.41
C ASP B 303 -12.12 6.41 27.55
N PHE B 304 -11.60 5.95 28.70
CA PHE B 304 -12.22 5.92 30.01
C PHE B 304 -11.30 6.59 31.03
N PRO B 305 -11.84 7.43 31.95
CA PRO B 305 -10.99 8.21 32.89
C PRO B 305 -10.40 7.41 34.06
N TRP B 306 -9.48 6.48 33.79
CA TRP B 306 -8.90 5.65 34.84
C TRP B 306 -8.13 6.49 35.86
N ALA B 307 -7.42 7.52 35.38
CA ALA B 307 -6.62 8.33 36.28
C ALA B 307 -7.46 8.96 37.39
N SER B 308 -8.72 9.30 37.07
CA SER B 308 -9.63 9.94 38.01
C SER B 308 -10.03 9.04 39.19
N LEU B 309 -9.69 7.76 39.17
CA LEU B 309 -10.06 6.86 40.27
C LEU B 309 -9.08 6.92 41.43
N GLY B 310 -7.93 7.60 41.28
CA GLY B 310 -6.92 7.64 42.32
C GLY B 310 -6.11 6.36 42.28
N ASN B 311 -5.67 5.90 43.46
CA ASN B 311 -5.10 4.57 43.54
C ASN B 311 -6.27 3.59 43.70
N ALA B 312 -6.59 2.88 42.63
CA ALA B 312 -7.73 1.97 42.58
C ALA B 312 -7.27 0.54 42.34
N LEU B 313 -8.16 -0.36 42.73
CA LEU B 313 -8.01 -1.80 42.54
C LEU B 313 -9.03 -2.30 41.53
N VAL B 314 -8.58 -2.78 40.38
CA VAL B 314 -9.49 -3.38 39.43
C VAL B 314 -9.32 -4.90 39.56
N VAL B 315 -10.44 -5.62 39.56
CA VAL B 315 -10.41 -7.07 39.61
C VAL B 315 -10.75 -7.55 38.20
N ASP B 316 -9.81 -8.25 37.56
CA ASP B 316 -9.98 -8.66 36.16
C ASP B 316 -10.59 -10.07 36.16
N VAL B 317 -11.91 -10.12 36.33
CA VAL B 317 -12.62 -11.39 36.45
C VAL B 317 -12.72 -12.08 35.09
N GLY B 318 -12.34 -13.36 35.06
CA GLY B 318 -12.11 -14.04 33.80
C GLY B 318 -10.99 -13.38 33.03
N GLY B 319 -10.01 -12.84 33.74
CA GLY B 319 -8.94 -12.06 33.15
C GLY B 319 -7.94 -12.83 32.32
N GLY B 320 -8.10 -14.15 32.22
CA GLY B 320 -7.13 -14.90 31.47
C GLY B 320 -5.76 -14.75 32.11
N VAL B 321 -4.75 -14.63 31.26
CA VAL B 321 -3.40 -14.30 31.72
C VAL B 321 -3.31 -12.91 32.34
N GLY B 322 -4.30 -12.05 32.13
CA GLY B 322 -4.23 -10.68 32.59
C GLY B 322 -3.65 -9.72 31.57
N GLY B 323 -3.81 -10.02 30.28
CA GLY B 323 -3.23 -9.19 29.25
C GLY B 323 -3.67 -7.75 29.31
N PHE B 324 -4.87 -7.50 29.83
CA PHE B 324 -5.36 -6.13 29.91
C PHE B 324 -4.85 -5.40 31.16
N ALA B 325 -4.58 -6.14 32.23
CA ALA B 325 -3.84 -5.52 33.33
C ALA B 325 -2.48 -5.06 32.84
N LEU B 326 -1.87 -5.84 31.94
CA LEU B 326 -0.62 -5.42 31.30
C LEU B 326 -0.79 -4.12 30.52
N GLN B 327 -1.87 -4.01 29.76
CA GLN B 327 -2.06 -2.79 28.98
C GLN B 327 -2.29 -1.60 29.89
N LEU B 328 -3.00 -1.80 31.00
CA LEU B 328 -3.28 -0.65 31.88
C LEU B 328 -2.10 -0.33 32.78
N SER B 329 -1.38 -1.35 33.25
CA SER B 329 -0.30 -1.16 34.21
C SER B 329 0.75 -0.17 33.71
N LYS B 330 1.04 -0.18 32.41
CA LYS B 330 2.05 0.73 31.88
C LYS B 330 1.64 2.18 32.11
N VAL B 331 0.35 2.50 32.08
CA VAL B 331 -0.10 3.87 31.89
C VAL B 331 -0.56 4.52 33.19
N TYR B 332 -1.22 3.79 34.08
CA TYR B 332 -1.69 4.40 35.34
C TYR B 332 -1.02 3.69 36.51
N PRO B 333 0.06 4.26 37.05
CA PRO B 333 0.81 3.55 38.08
C PRO B 333 0.08 3.47 39.41
N ASP B 334 -1.06 4.13 39.57
CA ASP B 334 -1.77 4.07 40.84
C ASP B 334 -2.75 2.90 40.94
N LEU B 335 -2.93 2.10 39.90
CA LEU B 335 -3.93 1.06 39.97
C LEU B 335 -3.39 -0.26 40.43
N ARG B 336 -4.19 -0.99 41.18
CA ARG B 336 -3.78 -2.30 41.68
C ARG B 336 -4.73 -3.38 41.20
N PHE B 337 -4.22 -4.58 41.03
CA PHE B 337 -4.91 -5.62 40.30
C PHE B 337 -4.96 -7.00 40.90
N VAL B 338 -6.05 -7.69 40.61
CA VAL B 338 -6.11 -9.12 40.89
C VAL B 338 -6.76 -9.80 39.69
N ILE B 339 -6.11 -10.83 39.18
CA ILE B 339 -6.53 -11.51 37.96
C ILE B 339 -7.18 -12.84 38.36
N GLN B 340 -8.41 -13.06 37.93
CA GLN B 340 -9.19 -14.22 38.35
C GLN B 340 -9.44 -15.10 37.14
N ASP B 341 -8.92 -16.33 37.18
CA ASP B 341 -9.23 -17.26 36.13
C ASP B 341 -8.88 -18.66 36.64
N ARG B 342 -8.82 -19.60 35.70
CA ARG B 342 -8.63 -21.01 35.97
C ARG B 342 -7.15 -21.27 36.23
N GLY B 343 -6.86 -22.29 37.03
CA GLY B 343 -5.52 -22.63 37.42
C GLY B 343 -4.45 -22.54 36.34
N PRO B 344 -4.55 -23.33 35.27
CA PRO B 344 -3.44 -23.39 34.29
C PRO B 344 -3.05 -22.08 33.60
N VAL B 345 -3.99 -21.18 33.32
CA VAL B 345 -3.67 -19.89 32.71
C VAL B 345 -3.07 -18.92 33.72
N ILE B 346 -3.70 -18.80 34.90
CA ILE B 346 -3.03 -18.14 36.03
C ILE B 346 -1.63 -18.70 36.19
N GLN B 347 -1.48 -20.01 35.94
CA GLN B 347 -0.19 -20.69 36.05
C GLN B 347 0.77 -20.25 34.95
N GLN B 348 0.35 -20.37 33.68
CA GLN B 348 1.13 -19.89 32.55
C GLN B 348 1.43 -18.40 32.68
N ALA B 349 0.51 -17.63 33.28
CA ALA B 349 0.76 -16.21 33.50
C ALA B 349 1.96 -15.99 34.38
N LEU B 350 2.12 -16.81 35.43
CA LEU B 350 3.19 -16.61 36.39
C LEU B 350 4.51 -17.19 35.92
N GLU B 351 4.50 -18.23 35.10
CA GLU B 351 5.74 -18.93 34.82
C GLU B 351 6.36 -18.58 33.47
N SER B 352 5.60 -18.03 32.53
CA SER B 352 6.15 -17.61 31.26
C SER B 352 5.72 -16.22 30.79
N VAL B 353 4.59 -15.68 31.26
CA VAL B 353 4.07 -14.44 30.70
C VAL B 353 4.54 -13.21 31.45
N TRP B 354 4.18 -13.11 32.73
CA TRP B 354 4.55 -11.92 33.50
C TRP B 354 6.05 -11.84 33.82
N PRO B 355 6.77 -12.98 34.04
CA PRO B 355 8.25 -12.88 34.10
C PRO B 355 8.85 -12.05 32.97
N ASN B 356 8.31 -12.23 31.76
CA ASN B 356 8.89 -11.67 30.54
C ASN B 356 8.14 -10.43 30.05
N GLU B 357 7.10 -9.99 30.74
CA GLU B 357 6.34 -8.84 30.30
C GLU B 357 6.27 -7.71 31.32
N ASN B 358 6.51 -8.00 32.59
CA ASN B 358 6.60 -7.01 33.67
C ASN B 358 7.02 -7.75 34.94
N PRO B 359 8.29 -8.08 35.12
CA PRO B 359 8.71 -8.72 36.37
C PRO B 359 8.60 -7.78 37.56
N ALA B 360 8.63 -6.46 37.33
CA ALA B 360 8.54 -5.49 38.41
C ALA B 360 7.16 -5.49 39.09
N ALA B 361 6.10 -5.83 38.34
CA ALA B 361 4.76 -5.85 38.92
C ALA B 361 4.57 -7.02 39.89
N LEU B 362 5.37 -8.09 39.73
CA LEU B 362 5.28 -9.22 40.64
C LEU B 362 6.12 -9.01 41.89
N LYS B 363 7.17 -8.18 41.81
CA LYS B 363 7.95 -7.84 42.99
C LYS B 363 7.26 -6.80 43.88
N ASP B 364 6.40 -5.96 43.30
CA ASP B 364 5.74 -4.89 44.07
C ASP B 364 4.33 -5.24 44.57
N GLN B 365 3.90 -6.46 44.28
CA GLN B 365 2.59 -6.97 44.68
C GLN B 365 1.47 -6.09 44.15
N ARG B 366 1.76 -5.28 43.13
CA ARG B 366 0.69 -4.58 42.41
C ARG B 366 -0.28 -5.57 41.78
N VAL B 367 0.20 -6.73 41.37
CA VAL B 367 -0.70 -7.74 40.82
C VAL B 367 -0.64 -8.97 41.71
N GLN B 368 -1.82 -9.42 42.14
CA GLN B 368 -1.97 -10.69 42.83
C GLN B 368 -2.90 -11.55 41.98
N PHE B 369 -2.71 -12.86 42.06
CA PHE B 369 -3.47 -13.78 41.22
C PHE B 369 -4.30 -14.73 42.06
N MET B 370 -5.37 -15.22 41.45
CA MET B 370 -6.32 -16.08 42.13
C MET B 370 -6.85 -17.09 41.15
N GLU B 371 -6.60 -18.36 41.44
CA GLU B 371 -7.28 -19.42 40.71
C GLU B 371 -8.71 -19.43 41.20
N HIS B 372 -9.65 -19.17 40.31
CA HIS B 372 -11.02 -18.92 40.72
C HIS B 372 -11.95 -19.21 39.56
N SER B 373 -13.13 -19.74 39.87
CA SER B 373 -14.18 -19.96 38.90
C SER B 373 -15.22 -18.87 39.09
N PHE B 374 -15.45 -18.04 38.05
CA PHE B 374 -16.36 -16.89 38.26
C PHE B 374 -17.80 -17.30 38.41
N PHE B 375 -18.07 -18.61 38.47
CA PHE B 375 -19.35 -19.12 38.93
C PHE B 375 -19.44 -19.20 40.44
N ASP B 376 -18.38 -18.86 41.18
CA ASP B 376 -18.48 -18.75 42.63
C ASP B 376 -18.45 -17.29 43.05
N LYS B 377 -19.03 -17.03 44.23
CA LYS B 377 -19.02 -15.71 44.84
C LYS B 377 -17.67 -15.04 44.69
N ASN B 378 -17.70 -13.78 44.30
CA ASN B 378 -16.47 -13.07 44.02
C ASN B 378 -15.67 -12.98 45.30
N PRO B 379 -14.44 -13.49 45.33
CA PRO B 379 -13.68 -13.52 46.59
C PRO B 379 -13.22 -12.15 47.08
N VAL B 380 -13.08 -11.16 46.20
CA VAL B 380 -12.64 -9.81 46.56
C VAL B 380 -13.84 -8.89 46.56
N GLU B 381 -14.09 -8.25 47.71
CA GLU B 381 -15.30 -7.51 47.96
C GLU B 381 -15.03 -6.01 47.96
N GLY B 382 -15.94 -5.25 47.35
CA GLY B 382 -15.86 -3.79 47.40
C GLY B 382 -14.75 -3.16 46.59
N ALA B 383 -14.27 -3.82 45.54
CA ALA B 383 -13.21 -3.28 44.70
C ALA B 383 -13.71 -2.07 43.89
N ASP B 384 -12.77 -1.26 43.40
CA ASP B 384 -13.12 -0.10 42.60
C ASP B 384 -13.72 -0.47 41.24
N VAL B 385 -13.10 -1.44 40.57
CA VAL B 385 -13.53 -1.87 39.24
C VAL B 385 -13.51 -3.39 39.16
N TYR B 386 -14.58 -3.98 38.69
CA TYR B 386 -14.57 -5.36 38.27
C TYR B 386 -14.54 -5.31 36.75
N TYR B 387 -13.41 -5.71 36.16
CA TYR B 387 -13.27 -5.69 34.71
C TYR B 387 -13.64 -7.06 34.18
N LEU B 388 -14.56 -7.08 33.22
CA LEU B 388 -15.05 -8.33 32.64
C LEU B 388 -15.09 -8.11 31.15
N ARG B 389 -14.07 -8.58 30.45
CA ARG B 389 -13.97 -8.36 29.01
C ARG B 389 -13.90 -9.71 28.30
N TYR B 390 -14.70 -9.85 27.25
CA TYR B 390 -14.76 -11.07 26.45
C TYR B 390 -15.04 -12.31 27.30
N VAL B 391 -15.90 -12.09 28.29
CA VAL B 391 -16.41 -13.15 29.16
C VAL B 391 -17.91 -13.36 28.95
N LEU B 392 -18.69 -12.30 28.74
CA LEU B 392 -20.12 -12.49 28.57
C LEU B 392 -20.44 -13.06 27.19
N HIS B 393 -19.65 -12.73 26.18
CA HIS B 393 -19.93 -13.23 24.84
C HIS B 393 -19.64 -14.73 24.71
N ASP B 394 -19.07 -15.37 25.73
CA ASP B 394 -18.79 -16.80 25.69
C ASP B 394 -19.90 -17.67 26.22
N TRP B 395 -21.04 -17.09 26.56
CA TRP B 395 -22.11 -17.84 27.21
C TRP B 395 -23.46 -17.28 26.80
N SER B 396 -24.45 -18.17 26.75
CA SER B 396 -25.82 -17.74 26.51
C SER B 396 -26.36 -17.09 27.79
N ASP B 397 -27.65 -16.72 27.77
CA ASP B 397 -28.15 -15.77 28.77
C ASP B 397 -28.15 -16.36 30.17
N ASP B 398 -28.43 -17.66 30.31
CA ASP B 398 -28.51 -18.25 31.65
C ASP B 398 -27.19 -18.15 32.38
N TYR B 399 -26.09 -18.52 31.71
CA TYR B 399 -24.79 -18.47 32.37
C TYR B 399 -24.42 -17.05 32.73
N CYS B 400 -24.74 -16.08 31.85
CA CYS B 400 -24.34 -14.71 32.10
C CYS B 400 -25.00 -14.15 33.35
N VAL B 401 -26.28 -14.48 33.59
CA VAL B 401 -26.95 -13.86 34.73
C VAL B 401 -26.34 -14.34 36.05
N ASN B 402 -25.78 -15.55 36.07
CA ASN B 402 -25.14 -16.01 37.30
C ASN B 402 -23.77 -15.39 37.55
N ILE B 403 -22.96 -15.25 36.50
CA ILE B 403 -21.66 -14.63 36.67
C ILE B 403 -21.83 -13.16 37.02
N LEU B 404 -22.85 -12.50 36.44
CA LEU B 404 -23.03 -11.08 36.73
C LEU B 404 -23.52 -10.88 38.16
N SER B 405 -24.28 -11.84 38.71
CA SER B 405 -24.73 -11.68 40.09
C SER B 405 -23.62 -12.00 41.09
N ARG B 406 -22.76 -12.97 40.80
CA ARG B 406 -21.67 -13.23 41.74
C ARG B 406 -20.66 -12.09 41.77
N ILE B 407 -20.48 -11.38 40.66
CA ILE B 407 -19.70 -10.18 40.73
C ILE B 407 -20.40 -9.16 41.62
N ARG B 408 -21.70 -8.91 41.37
CA ARG B 408 -22.38 -7.85 42.14
C ARG B 408 -22.62 -8.24 43.59
N GLU B 409 -22.74 -9.54 43.91
CA GLU B 409 -22.85 -9.95 45.31
C GLU B 409 -21.67 -9.48 46.15
N SER B 410 -20.61 -8.99 45.53
CA SER B 410 -19.42 -8.54 46.23
C SER B 410 -19.12 -7.07 45.97
N MET B 411 -20.00 -6.36 45.26
CA MET B 411 -19.79 -4.96 44.94
C MET B 411 -20.31 -4.07 46.06
N ALA B 412 -19.57 -3.00 46.32
CA ALA B 412 -20.08 -1.95 47.18
C ALA B 412 -20.94 -1.01 46.33
N PRO B 413 -21.73 -0.15 46.96
CA PRO B 413 -22.52 0.82 46.17
C PRO B 413 -21.68 1.78 45.36
N HIS B 414 -20.45 2.08 45.79
CA HIS B 414 -19.54 2.92 45.02
C HIS B 414 -18.71 2.12 44.02
N SER B 415 -18.93 0.81 43.94
CA SER B 415 -18.20 -0.04 43.02
C SER B 415 -18.76 0.13 41.61
N ARG B 416 -17.92 -0.15 40.62
CA ARG B 416 -18.23 0.04 39.21
C ARG B 416 -17.82 -1.23 38.46
N LEU B 417 -18.75 -1.79 37.66
CA LEU B 417 -18.42 -2.93 36.80
C LEU B 417 -18.35 -2.46 35.36
N LEU B 418 -17.22 -2.70 34.72
CA LEU B 418 -16.97 -2.35 33.32
C LEU B 418 -16.83 -3.64 32.53
N ILE B 419 -17.75 -3.87 31.59
CA ILE B 419 -17.63 -4.99 30.68
C ILE B 419 -17.24 -4.45 29.30
N CYS B 420 -16.23 -5.09 28.73
CA CYS B 420 -15.64 -4.69 27.49
C CYS B 420 -16.05 -5.74 26.47
N GLU B 421 -17.05 -5.41 25.64
CA GLU B 421 -17.55 -6.33 24.63
C GLU B 421 -18.08 -5.54 23.45
N GLN B 422 -18.28 -6.23 22.34
CA GLN B 422 -18.97 -5.62 21.22
C GLN B 422 -20.39 -5.31 21.67
N VAL B 423 -20.79 -4.07 21.52
CA VAL B 423 -22.18 -3.67 21.71
C VAL B 423 -22.75 -3.55 20.29
N MET B 424 -23.44 -4.61 19.85
CA MET B 424 -23.71 -4.79 18.43
C MET B 424 -24.79 -3.83 17.93
N ASN B 425 -24.46 -3.12 16.87
CA ASN B 425 -25.38 -2.30 16.10
C ASN B 425 -25.75 -3.07 14.83
N THR B 426 -26.67 -2.51 14.05
CA THR B 426 -27.08 -3.14 12.81
C THR B 426 -26.98 -2.12 11.71
N THR B 427 -27.29 -2.56 10.48
CA THR B 427 -27.29 -1.73 9.29
C THR B 427 -28.39 -0.68 9.30
N ILE B 428 -29.34 -0.73 10.25
CA ILE B 428 -30.37 0.30 10.36
C ILE B 428 -30.28 1.08 11.66
N GLY B 429 -29.19 0.96 12.42
CA GLY B 429 -28.95 1.82 13.56
C GLY B 429 -29.64 1.34 14.83
N ASP B 430 -29.18 1.90 15.96
CA ASP B 430 -29.66 1.58 17.30
C ASP B 430 -29.83 2.89 18.06
N PRO B 431 -30.93 3.07 18.82
CA PRO B 431 -31.12 4.36 19.52
C PRO B 431 -29.94 4.81 20.37
N ASP B 432 -29.23 3.88 21.02
CA ASP B 432 -28.16 4.22 21.94
C ASP B 432 -26.77 4.13 21.31
N LEU B 433 -26.67 4.06 20.00
CA LEU B 433 -25.38 4.08 19.32
C LEU B 433 -25.41 5.04 18.14
N THR B 434 -24.26 5.67 17.90
CA THR B 434 -24.20 6.71 16.87
C THR B 434 -24.09 6.06 15.51
N SER B 435 -24.89 6.56 14.58
CA SER B 435 -24.98 6.02 13.23
C SER B 435 -24.01 6.71 12.28
N ALA B 436 -23.58 5.96 11.27
CA ALA B 436 -22.79 6.50 10.19
C ALA B 436 -23.64 7.43 9.31
N PRO B 437 -23.01 8.36 8.58
CA PRO B 437 -23.73 9.18 7.59
C PRO B 437 -24.45 8.33 6.55
N ALA B 438 -25.58 8.83 6.06
CA ALA B 438 -26.19 8.20 4.89
C ALA B 438 -25.33 8.59 3.68
N PRO B 439 -25.22 7.71 2.67
CA PRO B 439 -25.90 6.42 2.50
C PRO B 439 -25.18 5.25 3.14
N LEU B 440 -24.42 5.46 4.19
CA LEU B 440 -23.68 4.31 4.65
C LEU B 440 -24.51 3.52 5.65
N PRO B 441 -24.23 2.23 5.80
CA PRO B 441 -24.86 1.46 6.88
C PRO B 441 -24.57 2.10 8.23
N ALA B 442 -25.60 2.18 9.07
CA ALA B 442 -25.49 2.91 10.31
C ALA B 442 -24.44 2.34 11.22
N ASN B 443 -24.09 1.06 11.07
CA ASN B 443 -23.08 0.42 11.90
C ASN B 443 -21.72 0.45 11.25
N TYR B 444 -21.57 1.21 10.16
CA TYR B 444 -20.33 1.32 9.40
C TYR B 444 -19.98 0.03 8.65
N GLY B 445 -20.96 -0.85 8.43
CA GLY B 445 -20.82 -2.00 7.55
C GLY B 445 -19.55 -2.82 7.70
N PHE B 446 -18.68 -2.77 6.68
CA PHE B 446 -17.43 -3.54 6.71
C PHE B 446 -16.58 -3.26 7.93
N HIS B 447 -16.65 -2.04 8.49
CA HIS B 447 -15.84 -1.74 9.67
C HIS B 447 -16.08 -2.75 10.78
N ALA B 448 -17.26 -3.38 10.79
CA ALA B 448 -17.64 -4.31 11.83
C ALA B 448 -17.49 -5.78 11.41
N ARG B 449 -16.75 -6.06 10.32
CA ARG B 449 -16.65 -7.43 9.86
C ARG B 449 -16.05 -8.35 10.94
N PHE B 450 -15.12 -7.83 11.73
CA PHE B 450 -14.51 -8.64 12.78
C PHE B 450 -15.52 -9.03 13.86
N SER B 451 -16.40 -8.11 14.25
CA SER B 451 -17.39 -8.45 15.28
C SER B 451 -18.30 -9.58 14.82
N HIS B 452 -18.67 -9.58 13.54
CA HIS B 452 -19.53 -10.64 13.04
C HIS B 452 -18.77 -11.96 12.89
N SER B 453 -17.51 -11.92 12.48
CA SER B 453 -16.76 -13.17 12.44
C SER B 453 -16.68 -13.80 13.82
N ARG B 454 -16.51 -12.97 14.85
CA ARG B 454 -16.42 -13.47 16.21
C ARG B 454 -17.80 -13.88 16.73
N ASP B 455 -18.86 -13.21 16.28
CA ASP B 455 -20.21 -13.63 16.62
C ASP B 455 -20.43 -15.10 16.24
N LEU B 456 -19.95 -15.50 15.06
CA LEU B 456 -20.14 -16.89 14.66
C LEU B 456 -19.15 -17.84 15.32
N THR B 457 -17.96 -17.35 15.69
CA THR B 457 -17.08 -18.18 16.52
C THR B 457 -17.72 -18.51 17.85
N MET B 458 -18.31 -17.51 18.51
CA MET B 458 -18.95 -17.79 19.79
C MET B 458 -20.14 -18.70 19.61
N MET B 459 -20.83 -18.60 18.47
CA MET B 459 -21.95 -19.49 18.25
C MET B 459 -21.45 -20.90 18.01
N ALA B 460 -20.31 -21.01 17.31
CA ALA B 460 -19.81 -22.30 16.90
C ALA B 460 -19.16 -23.07 18.03
N ALA B 461 -18.49 -22.39 18.95
CA ALA B 461 -17.64 -23.09 19.91
C ALA B 461 -18.24 -23.26 21.30
N ILE B 462 -19.08 -22.35 21.76
CA ILE B 462 -19.50 -22.30 23.16
C ILE B 462 -20.94 -21.80 23.26
N ASN B 463 -21.60 -21.71 22.12
CA ASN B 463 -22.94 -21.14 22.00
C ASN B 463 -23.02 -19.78 22.68
N GLY B 464 -21.98 -18.98 22.53
CA GLY B 464 -22.01 -17.62 23.00
C GLY B 464 -22.83 -16.73 22.09
N ILE B 465 -22.90 -15.44 22.46
CA ILE B 465 -23.70 -14.47 21.72
C ILE B 465 -23.04 -13.11 21.87
N GLU B 466 -22.85 -12.40 20.75
CA GLU B 466 -22.52 -10.98 20.86
C GLU B 466 -23.82 -10.21 20.78
N ARG B 467 -23.94 -9.17 21.60
CA ARG B 467 -25.24 -8.70 22.04
C ARG B 467 -25.48 -7.26 21.63
N THR B 468 -26.76 -6.97 21.40
CA THR B 468 -27.19 -5.61 21.11
C THR B 468 -27.34 -4.87 22.44
N PRO B 469 -27.50 -3.55 22.42
CA PRO B 469 -27.69 -2.87 23.70
C PRO B 469 -28.88 -3.39 24.48
N GLU B 470 -30.01 -3.62 23.82
CA GLU B 470 -31.20 -4.08 24.54
C GLU B 470 -31.00 -5.49 25.09
N GLU B 471 -30.22 -6.32 24.41
CA GLU B 471 -30.01 -7.66 24.93
C GLU B 471 -29.07 -7.64 26.14
N PHE B 472 -28.13 -6.67 26.16
CA PHE B 472 -27.32 -6.46 27.35
C PHE B 472 -28.13 -5.95 28.53
N LYS B 473 -29.10 -5.05 28.26
CA LYS B 473 -29.88 -4.47 29.35
C LYS B 473 -30.68 -5.51 30.10
N THR B 474 -31.30 -6.45 29.39
CA THR B 474 -32.17 -7.42 30.08
C THR B 474 -31.36 -8.38 30.93
N ILE B 475 -30.17 -8.79 30.47
CA ILE B 475 -29.41 -9.72 31.29
C ILE B 475 -28.78 -9.00 32.48
N LEU B 476 -28.56 -7.68 32.39
CA LEU B 476 -28.10 -6.96 33.57
C LEU B 476 -29.22 -6.74 34.59
N LYS B 477 -30.47 -6.51 34.15
CA LYS B 477 -31.54 -6.36 35.15
C LYS B 477 -31.95 -7.69 35.78
N SER B 478 -31.64 -8.81 35.13
CA SER B 478 -31.89 -10.10 35.80
C SER B 478 -30.82 -10.39 36.84
N ALA B 479 -29.64 -9.79 36.70
CA ALA B 479 -28.61 -9.91 37.72
C ALA B 479 -28.69 -8.81 38.77
N GLY B 480 -29.65 -7.90 38.65
CA GLY B 480 -29.73 -6.80 39.59
C GLY B 480 -28.73 -5.68 39.36
N LEU B 481 -28.41 -5.38 38.10
CA LEU B 481 -27.52 -4.29 37.75
C LEU B 481 -28.27 -3.37 36.79
N ALA B 482 -27.91 -2.09 36.79
CA ALA B 482 -28.48 -1.15 35.83
C ALA B 482 -27.36 -0.61 34.94
N LEU B 483 -27.68 -0.38 33.67
CA LEU B 483 -26.70 0.10 32.71
C LEU B 483 -26.57 1.61 32.89
N LYS B 484 -25.40 2.07 33.35
CA LYS B 484 -25.23 3.48 33.67
C LYS B 484 -24.85 4.31 32.46
N GLN B 485 -23.97 3.77 31.60
CA GLN B 485 -23.51 4.45 30.40
C GLN B 485 -22.87 3.43 29.48
N ILE B 486 -23.04 3.66 28.18
CA ILE B 486 -22.28 2.96 27.14
C ILE B 486 -21.18 3.90 26.70
N TRP B 487 -19.94 3.41 26.66
CA TRP B 487 -18.79 4.22 26.26
C TRP B 487 -18.41 3.86 24.83
N GLU B 488 -18.66 4.78 23.90
CA GLU B 488 -18.20 4.60 22.53
C GLU B 488 -16.74 5.02 22.45
N CYS B 489 -15.90 4.13 21.91
CA CYS B 489 -14.47 4.34 21.91
C CYS B 489 -13.90 4.18 20.50
N ARG B 490 -12.57 4.34 20.41
CA ARG B 490 -11.84 4.10 19.17
C ARG B 490 -11.67 2.60 18.92
N SER B 491 -12.79 1.90 18.94
CA SER B 491 -12.85 0.48 18.70
C SER B 491 -14.29 0.09 18.46
N GLN B 492 -14.48 -1.00 17.70
CA GLN B 492 -15.81 -1.57 17.54
C GLN B 492 -16.30 -2.09 18.89
N VAL B 493 -15.36 -2.50 19.74
CA VAL B 493 -15.68 -2.95 21.08
C VAL B 493 -15.90 -1.72 21.94
N SER B 494 -16.89 -1.77 22.81
CA SER B 494 -17.24 -0.63 23.63
C SER B 494 -17.16 -1.03 25.10
N LEU B 495 -17.47 -0.09 25.98
CA LEU B 495 -17.53 -0.35 27.41
C LEU B 495 -18.95 -0.13 27.89
N LEU B 496 -19.45 -1.08 28.67
CA LEU B 496 -20.69 -0.92 29.42
C LEU B 496 -20.31 -0.75 30.88
N GLU B 497 -20.72 0.34 31.48
CA GLU B 497 -20.47 0.57 32.90
C GLU B 497 -21.75 0.25 33.67
N ALA B 498 -21.65 -0.63 34.68
CA ALA B 498 -22.82 -1.11 35.38
C ALA B 498 -22.79 -0.69 36.84
N VAL B 499 -23.98 -0.44 37.39
CA VAL B 499 -24.14 -0.12 38.80
C VAL B 499 -24.83 -1.28 39.51
N ARG B 500 -24.99 -1.16 40.82
CA ARG B 500 -25.88 -2.04 41.56
C ARG B 500 -27.28 -1.43 41.51
N ALA B 501 -28.31 -2.28 41.45
CA ALA B 501 -29.67 -1.76 41.36
C ALA B 501 -30.05 -0.91 42.57
N ASP B 502 -29.27 -0.98 43.64
CA ASP B 502 -29.46 -0.13 44.81
C ASP B 502 -29.22 1.36 44.51
N MET C 21 4.99 -4.63 19.64
CA MET C 21 4.45 -4.00 18.44
C MET C 21 3.94 -2.62 18.67
N GLU C 22 4.59 -1.67 18.02
CA GLU C 22 4.14 -0.30 18.06
C GLU C 22 3.65 0.08 16.70
N ARG C 23 2.87 1.16 16.67
CA ARG C 23 2.35 1.70 15.41
C ARG C 23 3.42 2.52 14.74
N GLN C 24 3.58 2.33 13.44
CA GLN C 24 4.66 2.99 12.71
C GLN C 24 4.15 4.26 12.03
N PRO C 25 4.99 5.27 11.80
CA PRO C 25 4.56 6.42 11.00
C PRO C 25 4.38 6.04 9.53
N LYS C 26 3.41 6.67 8.88
CA LYS C 26 3.24 6.43 7.45
C LYS C 26 4.24 7.27 6.66
N SER C 27 4.64 6.75 5.50
CA SER C 27 5.64 7.40 4.68
C SER C 27 5.02 8.31 3.63
N LEU C 28 5.87 9.17 3.07
CA LEU C 28 5.43 9.98 1.94
C LEU C 28 4.82 9.14 0.83
N SER C 29 5.44 8.01 0.51
CA SER C 29 4.92 7.26 -0.62
C SER C 29 3.55 6.70 -0.31
N ASP C 30 3.32 6.27 0.94
CA ASP C 30 1.99 5.79 1.30
C ASP C 30 0.95 6.86 1.02
N ALA C 31 1.23 8.09 1.42
CA ALA C 31 0.26 9.16 1.18
C ALA C 31 0.06 9.36 -0.30
N VAL C 32 1.15 9.40 -1.07
CA VAL C 32 1.01 9.70 -2.48
C VAL C 32 0.23 8.62 -3.18
N GLN C 33 0.50 7.34 -2.91
CA GLN C 33 -0.33 6.33 -3.58
C GLN C 33 -1.75 6.28 -3.03
N LEU C 34 -1.97 6.64 -1.77
CA LEU C 34 -3.35 6.67 -1.31
C LEU C 34 -4.14 7.74 -2.07
N LEU C 35 -3.50 8.87 -2.39
CA LEU C 35 -4.12 9.88 -3.25
C LEU C 35 -4.28 9.35 -4.66
N GLN C 36 -3.22 8.77 -5.21
CA GLN C 36 -3.31 8.26 -6.57
C GLN C 36 -4.43 7.24 -6.69
N THR C 37 -4.51 6.27 -5.75
CA THR C 37 -5.56 5.27 -5.92
C THR C 37 -6.93 5.87 -5.65
N THR C 38 -7.05 6.84 -4.73
CA THR C 38 -8.33 7.51 -4.55
C THR C 38 -8.77 8.22 -5.84
N GLU C 39 -7.84 8.87 -6.54
CA GLU C 39 -8.23 9.49 -7.80
C GLU C 39 -8.61 8.43 -8.84
N ILE C 40 -7.99 7.24 -8.79
CA ILE C 40 -8.39 6.18 -9.71
C ILE C 40 -9.79 5.72 -9.38
N ILE C 41 -10.07 5.52 -8.10
CA ILE C 41 -11.41 5.15 -7.68
C ILE C 41 -12.41 6.18 -8.19
N SER C 42 -12.03 7.46 -8.14
CA SER C 42 -12.98 8.50 -8.49
C SER C 42 -13.23 8.54 -10.00
N LYS C 43 -12.18 8.30 -10.80
CA LYS C 43 -12.37 8.21 -12.25
C LYS C 43 -13.17 6.99 -12.65
N CYS C 44 -12.92 5.86 -11.98
CA CYS C 44 -13.67 4.65 -12.31
C CYS C 44 -15.15 4.85 -12.05
N THR C 45 -15.48 5.60 -11.01
CA THR C 45 -16.88 5.89 -10.73
C THR C 45 -17.54 6.64 -11.88
N GLN C 46 -16.85 7.62 -12.45
CA GLN C 46 -17.44 8.34 -13.58
C GLN C 46 -17.57 7.46 -14.81
N THR C 47 -16.63 6.54 -15.03
CA THR C 47 -16.78 5.59 -16.12
C THR C 47 -17.95 4.64 -15.88
N ILE C 48 -18.08 4.15 -14.64
CA ILE C 48 -19.09 3.16 -14.32
C ILE C 48 -20.49 3.73 -14.48
N ILE C 49 -20.72 4.96 -14.01
CA ILE C 49 -22.09 5.46 -14.13
C ILE C 49 -22.38 5.81 -15.59
N ALA C 50 -21.38 6.28 -16.33
CA ALA C 50 -21.57 6.47 -17.78
C ALA C 50 -21.98 5.16 -18.45
N GLU C 51 -21.35 4.05 -18.09
CA GLU C 51 -21.64 2.79 -18.78
C GLU C 51 -22.85 2.08 -18.24
N TRP C 52 -23.23 2.36 -17.00
CA TRP C 52 -24.54 1.97 -16.54
C TRP C 52 -25.62 2.59 -17.41
N SER C 53 -25.41 3.83 -17.85
CA SER C 53 -26.44 4.49 -18.63
C SER C 53 -26.47 4.01 -20.08
N ASN C 54 -25.31 3.62 -20.63
CA ASN C 54 -25.30 2.96 -21.93
C ASN C 54 -25.87 1.55 -21.82
N GLU C 55 -25.57 0.84 -20.73
CA GLU C 55 -26.18 -0.47 -20.53
C GLU C 55 -27.69 -0.38 -20.48
N ALA C 56 -28.18 0.59 -19.72
CA ALA C 56 -29.63 0.81 -19.64
C ALA C 56 -30.19 0.99 -21.03
N GLU C 57 -29.47 1.78 -21.84
CA GLU C 57 -29.90 2.07 -23.21
C GLU C 57 -29.89 0.79 -24.03
N THR C 58 -29.06 -0.23 -23.67
CA THR C 58 -29.07 -1.46 -24.49
C THR C 58 -30.21 -2.35 -24.06
N PHE C 59 -30.47 -2.38 -22.76
CA PHE C 59 -31.61 -3.11 -22.22
C PHE C 59 -32.93 -2.63 -22.78
N LYS C 60 -33.22 -1.32 -22.75
CA LYS C 60 -34.56 -0.89 -23.18
C LYS C 60 -34.84 -1.32 -24.62
N LYS C 61 -33.87 -1.11 -25.51
CA LYS C 61 -34.17 -1.16 -26.93
C LYS C 61 -34.52 -2.57 -27.36
N ARG C 62 -34.01 -3.57 -26.65
CA ARG C 62 -34.27 -4.96 -27.00
C ARG C 62 -35.61 -5.42 -26.46
N GLY C 69 -29.46 -10.56 -26.41
CA GLY C 69 -28.06 -10.36 -26.76
C GLY C 69 -27.03 -10.45 -25.64
N ALA C 70 -25.89 -9.78 -25.83
CA ALA C 70 -24.78 -9.87 -24.88
C ALA C 70 -25.05 -9.06 -23.61
N GLU C 71 -25.95 -8.08 -23.70
CA GLU C 71 -26.42 -7.26 -22.60
C GLU C 71 -26.72 -8.07 -21.34
N LEU C 72 -27.38 -9.21 -21.52
CA LEU C 72 -27.93 -9.99 -20.44
C LEU C 72 -26.94 -10.96 -19.85
N VAL C 73 -25.70 -10.99 -20.34
CA VAL C 73 -24.72 -11.96 -19.84
C VAL C 73 -23.41 -11.33 -19.43
N LEU C 74 -23.07 -10.15 -19.93
CA LEU C 74 -21.72 -9.68 -19.88
C LEU C 74 -21.71 -8.18 -19.66
N PRO C 75 -20.81 -7.68 -18.84
CA PRO C 75 -20.53 -6.24 -18.86
C PRO C 75 -19.91 -5.89 -20.20
N SER C 76 -20.18 -4.66 -20.66
CA SER C 76 -19.42 -4.16 -21.79
C SER C 76 -17.93 -4.14 -21.45
N HIS C 77 -17.10 -4.09 -22.50
CA HIS C 77 -15.65 -3.98 -22.29
C HIS C 77 -15.32 -2.78 -21.41
N GLU C 78 -15.97 -1.65 -21.65
CA GLU C 78 -15.64 -0.47 -20.85
C GLU C 78 -16.07 -0.67 -19.40
N LEU C 79 -17.25 -1.26 -19.18
CA LEU C 79 -17.68 -1.43 -17.80
C LEU C 79 -16.81 -2.45 -17.09
N PHE C 80 -16.37 -3.48 -17.80
CA PHE C 80 -15.56 -4.51 -17.15
C PHE C 80 -14.19 -3.98 -16.78
N ASN C 81 -13.59 -3.15 -17.63
CA ASN C 81 -12.30 -2.58 -17.27
C ASN C 81 -12.42 -1.65 -16.08
N ALA C 82 -13.54 -0.93 -15.94
CA ALA C 82 -13.67 -0.05 -14.78
C ALA C 82 -13.87 -0.84 -13.50
N GLN C 83 -14.67 -1.92 -13.55
CA GLN C 83 -14.86 -2.71 -12.34
C GLN C 83 -13.54 -3.34 -11.92
N ARG C 84 -12.78 -3.84 -12.89
CA ARG C 84 -11.53 -4.50 -12.53
C ARG C 84 -10.51 -3.52 -11.97
N THR C 85 -10.40 -2.37 -12.59
CA THR C 85 -9.52 -1.34 -12.12
C THR C 85 -9.96 -0.93 -10.75
N ILE C 86 -11.21 -0.62 -10.61
CA ILE C 86 -11.73 -0.07 -9.35
C ILE C 86 -11.66 -1.11 -8.23
N THR C 87 -11.83 -2.40 -8.54
CA THR C 87 -11.57 -3.42 -7.53
C THR C 87 -10.11 -3.43 -7.09
N ALA C 88 -9.18 -3.38 -8.06
CA ALA C 88 -7.76 -3.31 -7.71
C ALA C 88 -7.47 -2.12 -6.81
N ALA C 89 -8.01 -0.95 -7.14
CA ALA C 89 -7.76 0.20 -6.30
C ALA C 89 -8.34 0.01 -4.91
N ILE C 90 -9.54 -0.57 -4.82
CA ILE C 90 -10.15 -0.87 -3.51
C ILE C 90 -9.17 -1.66 -2.64
N GLY C 91 -8.62 -2.74 -3.18
CA GLY C 91 -7.70 -3.55 -2.41
C GLY C 91 -6.52 -2.75 -1.89
N LYS C 92 -5.96 -1.90 -2.73
CA LYS C 92 -4.75 -1.21 -2.29
C LYS C 92 -5.10 -0.11 -1.30
N LEU C 93 -6.29 0.50 -1.43
CA LEU C 93 -6.70 1.48 -0.43
C LEU C 93 -6.86 0.84 0.94
N ILE C 94 -7.47 -0.35 1.00
CA ILE C 94 -7.60 -1.05 2.27
C ILE C 94 -6.22 -1.36 2.85
N GLU C 95 -5.31 -1.86 2.01
CA GLU C 95 -3.95 -2.13 2.48
C GLU C 95 -3.30 -0.87 3.03
N LEU C 96 -3.62 0.32 2.49
CA LEU C 96 -2.92 1.52 2.91
C LEU C 96 -3.55 2.23 4.09
N VAL C 97 -4.87 2.15 4.26
CA VAL C 97 -5.53 2.90 5.33
C VAL C 97 -5.75 2.08 6.60
N SER C 98 -5.68 0.75 6.52
CA SER C 98 -6.01 -0.09 7.66
C SER C 98 -4.90 -0.09 8.68
N GLU C 99 -5.29 -0.19 9.94
CA GLU C 99 -4.33 -0.55 10.94
C GLU C 99 -3.86 -1.99 10.71
N PRO C 100 -2.55 -2.22 10.60
CA PRO C 100 -2.08 -3.56 10.22
C PRO C 100 -2.62 -4.69 11.07
N SER C 101 -2.62 -4.59 12.41
CA SER C 101 -3.09 -5.72 13.22
C SER C 101 -4.58 -5.95 13.03
N VAL C 102 -5.37 -4.88 12.96
CA VAL C 102 -6.79 -4.99 12.66
C VAL C 102 -6.99 -5.74 11.36
N ARG C 103 -6.20 -5.43 10.34
CA ARG C 103 -6.42 -6.03 9.04
C ARG C 103 -6.00 -7.51 9.06
N ILE C 104 -4.94 -7.83 9.81
CA ILE C 104 -4.53 -9.22 9.97
C ILE C 104 -5.65 -10.04 10.61
N LEU C 105 -6.31 -9.50 11.64
CA LEU C 105 -7.33 -10.30 12.27
C LEU C 105 -8.66 -10.29 11.52
N GLU C 106 -8.91 -9.28 10.68
CA GLU C 106 -10.09 -9.34 9.83
C GLU C 106 -9.95 -10.43 8.78
N ILE C 107 -8.79 -10.50 8.12
CA ILE C 107 -8.55 -11.59 7.19
C ILE C 107 -8.65 -12.92 7.92
N ALA C 108 -8.06 -13.00 9.11
CA ALA C 108 -7.95 -14.28 9.82
C ALA C 108 -9.32 -14.90 10.06
N GLY C 109 -10.32 -14.09 10.36
CA GLY C 109 -11.67 -14.54 10.66
C GLY C 109 -12.64 -14.43 9.52
N GLN C 110 -12.22 -13.92 8.35
CA GLN C 110 -13.20 -13.72 7.28
C GLN C 110 -13.80 -15.03 6.74
N TYR C 111 -13.35 -16.20 7.19
CA TYR C 111 -14.03 -17.42 6.73
C TYR C 111 -15.45 -17.52 7.27
N GLN C 112 -15.75 -16.88 8.41
CA GLN C 112 -17.09 -16.95 8.96
C GLN C 112 -18.13 -16.28 8.06
N GLU C 113 -17.72 -15.30 7.26
CA GLU C 113 -18.68 -14.77 6.31
C GLU C 113 -18.98 -15.78 5.22
N SER C 114 -17.99 -16.64 4.87
CA SER C 114 -18.25 -17.71 3.93
C SER C 114 -19.31 -18.67 4.45
N ARG C 115 -19.20 -19.03 5.73
CA ARG C 115 -20.16 -19.93 6.36
C ARG C 115 -21.56 -19.32 6.36
N ALA C 116 -21.65 -18.04 6.70
CA ALA C 116 -22.94 -17.35 6.72
C ALA C 116 -23.62 -17.42 5.36
N LEU C 117 -22.89 -17.11 4.29
CA LEU C 117 -23.49 -17.15 2.96
C LEU C 117 -23.90 -18.56 2.60
N TYR C 118 -23.03 -19.54 2.89
CA TYR C 118 -23.32 -20.94 2.63
C TYR C 118 -24.59 -21.40 3.34
N ILE C 119 -24.68 -21.12 4.66
CA ILE C 119 -25.86 -21.48 5.45
C ILE C 119 -27.11 -20.87 4.85
N ALA C 120 -27.03 -19.58 4.49
CA ALA C 120 -28.17 -18.85 3.96
C ALA C 120 -28.63 -19.43 2.62
N VAL C 121 -27.68 -19.70 1.73
CA VAL C 121 -28.01 -20.19 0.41
C VAL C 121 -28.43 -21.65 0.48
N GLU C 122 -27.88 -22.39 1.44
CA GLU C 122 -28.20 -23.81 1.54
C GLU C 122 -29.65 -24.03 1.98
N ARG C 123 -30.20 -23.08 2.72
CA ARG C 123 -31.61 -23.13 3.09
C ARG C 123 -32.48 -22.23 2.21
N ARG C 124 -31.97 -21.87 1.02
CA ARG C 124 -32.70 -21.15 -0.02
C ARG C 124 -33.39 -19.89 0.49
N ILE C 125 -32.69 -19.15 1.36
CA ILE C 125 -33.23 -17.90 1.87
C ILE C 125 -33.50 -16.88 0.76
N PRO C 126 -32.64 -16.72 -0.27
CA PRO C 126 -33.03 -15.84 -1.39
C PRO C 126 -34.40 -16.20 -1.95
N ASP C 127 -34.65 -17.48 -2.23
CA ASP C 127 -35.94 -17.89 -2.77
C ASP C 127 -37.09 -17.61 -1.80
N ILE C 128 -36.86 -17.78 -0.49
CA ILE C 128 -37.94 -17.57 0.49
C ILE C 128 -38.32 -16.10 0.57
N LEU C 129 -37.32 -15.20 0.55
CA LEU C 129 -37.61 -13.78 0.62
C LEU C 129 -38.25 -13.26 -0.67
N ALA C 130 -37.94 -13.86 -1.81
CA ALA C 130 -38.56 -13.43 -3.06
C ALA C 130 -40.02 -13.85 -3.17
N SER C 131 -40.53 -14.65 -2.23
CA SER C 131 -41.91 -15.11 -2.25
C SER C 131 -42.91 -14.09 -1.69
N GLN C 132 -42.46 -12.96 -1.14
CA GLN C 132 -43.39 -12.01 -0.53
C GLN C 132 -44.00 -10.99 -1.52
N GLU C 135 -41.95 -7.45 -2.07
CA GLU C 135 -40.97 -7.74 -1.03
C GLU C 135 -40.82 -6.54 -0.09
N GLY C 136 -41.71 -6.48 0.91
CA GLY C 136 -41.60 -5.62 2.09
C GLY C 136 -40.78 -6.22 3.21
N GLY C 137 -40.18 -7.38 2.99
CA GLY C 137 -39.38 -8.07 3.98
C GLY C 137 -40.15 -9.18 4.67
N MET C 138 -39.42 -9.95 5.47
CA MET C 138 -40.02 -11.07 6.20
C MET C 138 -39.54 -11.07 7.64
N PRO C 139 -40.45 -11.19 8.63
CA PRO C 139 -40.01 -11.37 10.01
C PRO C 139 -39.10 -12.59 10.16
N VAL C 140 -38.06 -12.46 10.98
CA VAL C 140 -37.10 -13.55 11.08
C VAL C 140 -37.72 -14.79 11.74
N LYS C 141 -38.73 -14.62 12.59
CA LYS C 141 -39.39 -15.82 13.13
C LYS C 141 -40.03 -16.63 12.01
N GLU C 142 -40.65 -15.96 11.04
CA GLU C 142 -41.25 -16.70 9.95
C GLU C 142 -40.20 -17.20 8.97
N LEU C 143 -39.10 -16.46 8.80
CA LEU C 143 -37.93 -16.97 8.10
C LEU C 143 -37.35 -18.19 8.80
N SER C 144 -37.28 -18.13 10.12
CA SER C 144 -36.78 -19.26 10.90
C SER C 144 -37.61 -20.51 10.67
N SER C 145 -38.93 -20.38 10.65
CA SER C 145 -39.76 -21.57 10.51
C SER C 145 -39.52 -22.28 9.19
N ARG C 146 -39.19 -21.54 8.12
CA ARG C 146 -38.99 -22.14 6.80
C ARG C 146 -37.55 -22.55 6.51
N THR C 147 -36.62 -22.33 7.43
CA THR C 147 -35.23 -22.72 7.19
C THR C 147 -34.74 -23.83 8.11
N GLY C 148 -35.35 -24.01 9.28
CA GLY C 148 -34.83 -24.92 10.28
C GLY C 148 -33.77 -24.32 11.18
N ILE C 149 -33.40 -23.08 10.98
CA ILE C 149 -32.44 -22.41 11.86
C ILE C 149 -33.18 -21.65 12.95
N GLU C 150 -32.59 -21.61 14.15
CA GLU C 150 -33.24 -20.98 15.29
C GLU C 150 -33.17 -19.47 15.12
N HIS C 151 -34.24 -18.77 15.52
CA HIS C 151 -34.49 -17.45 14.96
C HIS C 151 -33.47 -16.41 15.42
N ARG C 152 -33.00 -16.53 16.63
CA ARG C 152 -32.06 -15.58 17.15
C ARG C 152 -30.65 -15.84 16.65
N LYS C 153 -30.33 -17.08 16.38
CA LYS C 153 -29.10 -17.41 15.67
C LYS C 153 -29.22 -17.00 14.21
N LEU C 154 -30.41 -17.18 13.63
CA LEU C 154 -30.53 -16.85 12.21
C LEU C 154 -30.48 -15.34 12.01
N SER C 155 -30.88 -14.59 13.03
CA SER C 155 -30.71 -13.15 13.01
C SER C 155 -29.25 -12.77 12.90
N ARG C 156 -28.38 -13.44 13.66
CA ARG C 156 -26.98 -13.05 13.62
C ARG C 156 -26.31 -13.48 12.32
N ILE C 157 -26.77 -14.58 11.73
CA ILE C 157 -26.23 -14.96 10.44
C ILE C 157 -26.62 -13.96 9.35
N LEU C 158 -27.87 -13.46 9.40
CA LEU C 158 -28.29 -12.53 8.36
C LEU C 158 -27.77 -11.13 8.59
N ARG C 159 -27.52 -10.74 9.84
CA ARG C 159 -26.96 -9.40 10.01
C ARG C 159 -25.47 -9.37 9.70
N TYR C 160 -24.77 -10.48 9.89
CA TYR C 160 -23.43 -10.62 9.33
C TYR C 160 -23.44 -10.30 7.85
N LEU C 161 -24.29 -11.00 7.09
CA LEU C 161 -24.35 -10.78 5.64
C LEU C 161 -24.79 -9.38 5.29
N CYS C 162 -25.77 -8.83 6.03
CA CYS C 162 -26.25 -7.49 5.73
C CYS C 162 -25.15 -6.45 5.90
N SER C 163 -24.37 -6.53 6.98
CA SER C 163 -23.28 -5.57 7.15
C SER C 163 -22.30 -5.65 5.99
N MET C 164 -22.16 -6.81 5.38
CA MET C 164 -21.23 -7.04 4.28
C MET C 164 -21.91 -6.98 2.92
N GLY C 165 -23.11 -6.41 2.84
CA GLY C 165 -23.69 -6.10 1.55
C GLY C 165 -24.43 -7.22 0.86
N THR C 166 -24.75 -8.30 1.58
CA THR C 166 -25.57 -9.39 1.05
C THR C 166 -26.82 -9.48 1.91
N PHE C 167 -28.00 -9.40 1.27
CA PHE C 167 -29.30 -9.22 1.93
C PHE C 167 -29.42 -7.81 2.52
N ARG C 168 -30.61 -7.45 2.96
CA ARG C 168 -30.91 -6.17 3.58
C ARG C 168 -31.68 -6.40 4.87
N GLN C 169 -31.45 -5.52 5.83
CA GLN C 169 -32.35 -5.41 6.97
C GLN C 169 -33.22 -4.18 6.79
N VAL C 170 -34.53 -4.40 6.84
CA VAL C 170 -35.52 -3.35 6.60
C VAL C 170 -36.33 -3.00 7.84
N GLY C 171 -36.20 -3.75 8.93
CA GLY C 171 -36.90 -3.47 10.17
C GLY C 171 -36.27 -4.25 11.32
N PRO C 172 -36.86 -4.15 12.53
CA PRO C 172 -36.37 -4.99 13.64
C PRO C 172 -36.49 -6.48 13.35
N ASP C 173 -35.36 -7.12 13.03
CA ASP C 173 -35.35 -8.53 12.66
C ASP C 173 -36.31 -8.82 11.52
N VAL C 174 -36.30 -7.95 10.51
CA VAL C 174 -37.05 -8.12 9.26
C VAL C 174 -36.09 -7.93 8.11
N PHE C 175 -36.06 -8.90 7.20
CA PHE C 175 -34.99 -9.02 6.21
C PHE C 175 -35.58 -9.15 4.82
N ALA C 176 -34.77 -8.79 3.82
CA ALA C 176 -35.19 -8.81 2.44
C ALA C 176 -33.98 -8.99 1.54
N ASN C 177 -34.23 -9.32 0.28
CA ASN C 177 -33.13 -9.39 -0.69
C ASN C 177 -32.60 -8.00 -1.01
N ASN C 178 -31.32 -7.93 -1.31
CA ASN C 178 -30.74 -6.73 -1.88
C ASN C 178 -30.25 -7.02 -3.29
N THR C 179 -29.62 -6.01 -3.88
CA THR C 179 -29.25 -6.13 -5.29
C THR C 179 -28.26 -7.27 -5.50
N ILE C 180 -27.51 -7.65 -4.47
CA ILE C 180 -26.52 -8.72 -4.59
C ILE C 180 -27.15 -10.09 -4.37
N SER C 181 -27.94 -10.27 -3.30
CA SER C 181 -28.52 -11.58 -3.07
C SER C 181 -29.61 -11.91 -4.08
N ALA C 182 -30.14 -10.90 -4.78
CA ALA C 182 -31.22 -11.16 -5.73
C ALA C 182 -30.78 -12.13 -6.83
N CYS C 183 -29.50 -12.13 -7.20
CA CYS C 183 -29.07 -13.01 -8.29
C CYS C 183 -29.09 -14.47 -7.88
N LEU C 184 -29.49 -14.79 -6.65
CA LEU C 184 -29.61 -16.16 -6.21
C LEU C 184 -31.04 -16.69 -6.31
N VAL C 185 -32.00 -15.83 -6.63
CA VAL C 185 -33.40 -16.23 -6.73
C VAL C 185 -33.59 -17.06 -7.98
N ALA C 186 -34.09 -18.29 -7.83
CA ALA C 186 -34.34 -19.20 -8.94
C ALA C 186 -33.08 -19.38 -9.81
N ASN C 187 -31.96 -19.67 -9.13
CA ASN C 187 -30.67 -19.81 -9.76
C ASN C 187 -29.99 -21.07 -9.19
N GLU C 188 -30.52 -22.23 -9.57
CA GLU C 188 -29.95 -23.47 -9.03
C GLU C 188 -28.50 -23.70 -9.45
N PRO C 189 -28.07 -23.40 -10.67
CA PRO C 189 -26.64 -23.53 -10.95
C PRO C 189 -25.78 -22.67 -10.05
N LEU C 190 -26.21 -21.44 -9.73
CA LEU C 190 -25.35 -20.62 -8.89
C LEU C 190 -25.40 -21.10 -7.44
N ARG C 191 -26.58 -21.49 -6.96
CA ARG C 191 -26.66 -22.05 -5.62
C ARG C 191 -25.84 -23.34 -5.52
N ALA C 192 -25.84 -24.15 -6.58
CA ALA C 192 -25.01 -25.35 -6.56
C ALA C 192 -23.54 -25.00 -6.40
N TYR C 193 -23.08 -23.93 -7.07
CA TYR C 193 -21.67 -23.58 -6.94
C TYR C 193 -21.33 -23.14 -5.51
N VAL C 194 -22.19 -22.33 -4.88
CA VAL C 194 -21.98 -21.95 -3.48
C VAL C 194 -21.89 -23.19 -2.60
N ARG C 195 -22.81 -24.14 -2.82
CA ARG C 195 -22.84 -25.38 -2.07
C ARG C 195 -21.56 -26.20 -2.28
N LEU C 196 -21.02 -26.21 -3.50
CA LEU C 196 -19.79 -26.97 -3.68
C LEU C 196 -18.64 -26.31 -2.95
N THR C 197 -18.58 -24.97 -2.94
CA THR C 197 -17.47 -24.35 -2.23
C THR C 197 -17.59 -24.54 -0.74
N GLY C 198 -18.80 -24.67 -0.20
CA GLY C 198 -18.91 -24.74 1.23
C GLY C 198 -19.00 -26.12 1.81
N SER C 199 -18.93 -27.17 0.98
CA SER C 199 -19.17 -28.51 1.47
C SER C 199 -17.85 -29.27 1.47
N GLU C 200 -17.52 -30.02 0.41
CA GLU C 200 -16.29 -30.79 0.41
C GLU C 200 -15.08 -29.88 0.51
N ALA C 201 -15.09 -28.78 -0.25
CA ALA C 201 -13.95 -27.89 -0.31
C ALA C 201 -13.60 -27.31 1.06
N PHE C 202 -14.59 -27.09 1.91
CA PHE C 202 -14.30 -26.45 3.19
C PHE C 202 -13.49 -27.37 4.08
N THR C 203 -13.92 -28.63 4.23
CA THR C 203 -13.19 -29.51 5.11
C THR C 203 -11.84 -29.89 4.54
N ALA C 204 -11.75 -29.97 3.21
CA ALA C 204 -10.46 -30.13 2.57
C ALA C 204 -9.52 -28.97 2.91
N SER C 205 -10.05 -27.73 2.89
CA SER C 205 -9.25 -26.58 3.28
C SER C 205 -8.80 -26.70 4.74
N ASP C 206 -9.71 -27.16 5.62
CA ASP C 206 -9.38 -27.28 7.03
C ASP C 206 -8.19 -28.19 7.26
N ARG C 207 -8.07 -29.26 6.49
CA ARG C 207 -6.97 -30.19 6.63
C ARG C 207 -5.80 -29.88 5.71
N LEU C 208 -5.83 -28.74 5.06
CA LEU C 208 -4.77 -28.52 4.11
C LEU C 208 -3.46 -28.13 4.80
N PRO C 209 -3.48 -27.35 5.89
CA PRO C 209 -2.21 -27.17 6.63
C PRO C 209 -1.57 -28.48 7.06
N LYS C 210 -2.31 -29.36 7.71
CA LYS C 210 -1.68 -30.60 8.17
C LYS C 210 -1.16 -31.43 7.00
N THR C 211 -1.84 -31.40 5.86
CA THR C 211 -1.36 -32.09 4.66
C THR C 211 -0.06 -31.49 4.13
N LEU C 212 0.07 -30.16 4.18
CA LEU C 212 1.24 -29.50 3.59
C LEU C 212 2.53 -29.75 4.39
N LEU C 213 2.42 -30.00 5.70
CA LEU C 213 3.61 -30.14 6.54
C LEU C 213 4.04 -31.58 6.78
N ASP C 214 3.11 -32.53 6.71
CA ASP C 214 3.49 -33.92 6.81
C ASP C 214 4.50 -34.25 5.72
N PRO C 215 5.64 -34.86 6.06
CA PRO C 215 6.70 -35.07 5.06
C PRO C 215 6.31 -36.06 3.97
N SER C 216 5.25 -36.82 4.14
CA SER C 216 4.80 -37.72 3.09
C SER C 216 3.80 -37.04 2.17
N THR C 217 2.82 -36.32 2.74
CA THR C 217 1.84 -35.63 1.91
C THR C 217 2.42 -34.35 1.31
N GLY C 218 3.37 -33.71 2.01
CA GLY C 218 3.82 -32.37 1.70
C GLY C 218 4.29 -32.18 0.28
N PRO C 219 5.26 -33.00 -0.14
CA PRO C 219 5.71 -32.95 -1.54
C PRO C 219 4.86 -33.64 -2.61
N SER C 220 3.98 -34.61 -2.33
CA SER C 220 3.40 -35.29 -3.49
C SER C 220 2.44 -34.39 -4.22
N TYR C 221 2.37 -34.61 -5.53
CA TYR C 221 1.34 -34.03 -6.40
C TYR C 221 0.36 -35.06 -6.92
N ASP C 222 0.16 -36.13 -6.16
CA ASP C 222 -0.69 -37.25 -6.56
C ASP C 222 -2.17 -36.93 -6.30
N VAL C 223 -3.03 -37.27 -7.27
CA VAL C 223 -4.46 -36.98 -7.15
C VAL C 223 -5.11 -37.73 -5.99
N THR C 224 -4.42 -38.71 -5.40
CA THR C 224 -4.99 -39.58 -4.38
C THR C 224 -4.49 -39.29 -2.97
N ARG C 225 -3.66 -38.26 -2.78
CA ARG C 225 -3.06 -37.93 -1.48
C ARG C 225 -3.17 -36.43 -1.21
N THR C 226 -4.40 -35.96 -1.09
CA THR C 226 -4.67 -34.56 -0.86
C THR C 226 -5.27 -34.39 0.53
N ALA C 227 -5.45 -33.14 0.93
CA ALA C 227 -6.21 -32.90 2.14
C ALA C 227 -7.60 -33.54 2.07
N TRP C 228 -8.19 -33.62 0.88
CA TRP C 228 -9.54 -34.15 0.71
C TRP C 228 -9.63 -35.64 1.04
N GLN C 229 -8.73 -36.46 0.49
CA GLN C 229 -8.69 -37.88 0.87
C GLN C 229 -8.52 -38.03 2.37
N ASP C 230 -7.71 -37.16 2.98
CA ASP C 230 -7.57 -37.20 4.43
C ASP C 230 -8.89 -36.89 5.12
N ALA C 231 -9.67 -35.95 4.58
CA ALA C 231 -10.95 -35.62 5.19
C ALA C 231 -11.96 -36.76 5.05
N ILE C 232 -12.02 -37.36 3.87
CA ILE C 232 -13.01 -38.42 3.65
C ILE C 232 -12.49 -39.74 4.18
N GLY C 233 -11.18 -39.91 4.24
CA GLY C 233 -10.62 -41.19 4.64
C GLY C 233 -10.83 -42.27 3.61
N THR C 234 -10.55 -41.97 2.34
CA THR C 234 -10.68 -42.93 1.25
C THR C 234 -9.45 -42.90 0.36
N THR C 235 -9.38 -43.83 -0.57
CA THR C 235 -8.23 -43.88 -1.45
C THR C 235 -8.66 -43.77 -2.90
N LYS C 236 -9.67 -42.95 -3.18
CA LYS C 236 -10.07 -42.88 -4.57
C LYS C 236 -10.08 -41.48 -5.10
N PRO C 237 -9.70 -41.30 -6.35
CA PRO C 237 -9.78 -39.93 -6.84
C PRO C 237 -11.16 -39.47 -6.44
N ARG C 238 -11.28 -38.16 -6.20
CA ARG C 238 -12.55 -37.66 -5.69
C ARG C 238 -13.65 -37.76 -6.74
N TRP C 239 -13.32 -37.93 -8.02
CA TRP C 239 -14.35 -38.00 -9.05
C TRP C 239 -15.28 -39.19 -8.88
N GLU C 240 -14.78 -40.31 -8.38
CA GLU C 240 -15.64 -41.47 -8.26
C GLU C 240 -16.28 -41.61 -6.89
N TRP C 241 -15.74 -40.95 -5.87
CA TRP C 241 -16.41 -40.98 -4.57
C TRP C 241 -17.76 -40.29 -4.66
N ILE C 242 -17.84 -39.15 -5.38
CA ILE C 242 -19.11 -38.47 -5.55
C ILE C 242 -20.11 -39.30 -6.35
N GLU C 243 -19.66 -40.35 -7.04
CA GLU C 243 -20.55 -41.16 -7.87
C GLU C 243 -21.04 -42.43 -7.16
N GLU C 244 -20.64 -42.65 -5.92
CA GLU C 244 -21.11 -43.81 -5.18
C GLU C 244 -22.59 -43.75 -4.89
N ARG C 245 -23.14 -44.96 -4.76
CA ARG C 245 -24.46 -45.24 -4.22
C ARG C 245 -24.28 -45.76 -2.82
N VAL C 246 -24.88 -45.09 -1.85
CA VAL C 246 -24.65 -45.40 -0.45
C VAL C 246 -25.96 -45.95 0.11
N GLU C 247 -25.85 -46.70 1.21
CA GLU C 247 -27.05 -47.20 1.86
C GLU C 247 -27.65 -46.08 2.70
N PRO C 248 -28.97 -45.99 2.80
CA PRO C 248 -29.58 -44.79 3.40
C PRO C 248 -29.05 -44.44 4.79
N ASP C 249 -28.81 -45.45 5.66
CA ASP C 249 -28.32 -45.20 7.01
C ASP C 249 -26.85 -44.85 7.06
N LYS C 250 -26.11 -45.06 5.99
CA LYS C 250 -24.69 -44.77 5.99
C LYS C 250 -24.35 -43.40 5.44
N LEU C 251 -25.32 -42.69 4.85
CA LEU C 251 -24.96 -41.58 3.98
C LEU C 251 -24.59 -40.30 4.73
N LEU C 252 -25.22 -39.99 5.86
CA LEU C 252 -25.01 -38.66 6.43
C LEU C 252 -23.58 -38.51 6.97
N ASP C 253 -23.04 -39.56 7.58
CA ASP C 253 -21.68 -39.56 8.10
C ASP C 253 -20.75 -40.38 7.23
N SER C 254 -21.21 -40.69 6.03
CA SER C 254 -20.37 -41.29 5.00
C SER C 254 -19.14 -40.44 4.71
N GLY C 255 -19.21 -39.13 4.99
CA GLY C 255 -18.12 -38.23 4.73
C GLY C 255 -17.00 -38.18 5.74
N PHE C 256 -17.06 -38.99 6.81
CA PHE C 256 -16.01 -39.02 7.84
C PHE C 256 -15.81 -37.63 8.47
N HIS C 257 -14.66 -37.00 8.20
CA HIS C 257 -14.40 -35.65 8.75
C HIS C 257 -15.20 -34.59 8.02
N TYR C 258 -15.52 -34.81 6.74
CA TYR C 258 -16.46 -33.99 5.99
C TYR C 258 -17.89 -34.20 6.51
N PRO C 259 -18.54 -33.15 7.04
CA PRO C 259 -19.87 -33.34 7.63
C PRO C 259 -20.96 -33.74 6.64
N GLY C 260 -20.79 -33.47 5.34
CA GLY C 260 -21.82 -33.73 4.36
C GLY C 260 -22.68 -32.50 4.09
N ILE C 261 -23.55 -32.65 3.10
CA ILE C 261 -24.49 -31.60 2.72
C ILE C 261 -25.39 -31.35 3.94
N PRO C 262 -25.47 -30.11 4.42
CA PRO C 262 -26.17 -29.87 5.68
C PRO C 262 -27.66 -30.22 5.62
N SER C 263 -28.34 -30.01 4.48
CA SER C 263 -29.78 -30.22 4.40
C SER C 263 -30.19 -31.68 4.45
N LEU C 264 -29.26 -32.64 4.33
CA LEU C 264 -29.67 -34.04 4.33
C LEU C 264 -30.28 -34.46 5.66
N ILE C 265 -29.85 -33.86 6.77
CA ILE C 265 -30.46 -34.17 8.06
C ILE C 265 -31.96 -33.90 8.06
N LEU C 266 -32.43 -32.95 7.24
CA LEU C 266 -33.83 -32.57 7.24
C LEU C 266 -34.61 -32.98 6.00
N GLU C 267 -33.92 -33.35 4.91
CA GLU C 267 -34.58 -33.75 3.67
C GLU C 267 -34.00 -35.05 3.14
N PRO C 268 -34.19 -36.17 3.87
CA PRO C 268 -33.65 -37.45 3.40
C PRO C 268 -34.29 -37.86 2.07
N GLN C 269 -33.52 -38.53 1.23
CA GLN C 269 -34.04 -39.02 -0.03
C GLN C 269 -34.46 -40.48 0.11
N ALA C 270 -35.57 -40.81 -0.51
CA ALA C 270 -36.08 -42.17 -0.49
C ALA C 270 -35.22 -43.07 -1.35
N PRO C 271 -34.89 -44.27 -0.89
CA PRO C 271 -34.06 -45.17 -1.70
C PRO C 271 -34.70 -45.44 -3.06
N GLY C 272 -33.86 -45.57 -4.06
CA GLY C 272 -34.27 -45.90 -5.40
C GLY C 272 -34.48 -47.39 -5.59
N GLU C 273 -34.49 -47.80 -6.86
CA GLU C 273 -34.89 -49.17 -7.16
C GLU C 273 -33.89 -50.18 -6.63
N ASP C 274 -32.68 -49.76 -6.30
CA ASP C 274 -31.68 -50.66 -5.73
C ASP C 274 -31.57 -50.56 -4.22
N GLY C 275 -32.43 -49.78 -3.57
CA GLY C 275 -32.34 -49.65 -2.13
C GLY C 275 -31.25 -48.71 -1.67
N LEU C 276 -30.53 -48.10 -2.60
CA LEU C 276 -29.46 -47.18 -2.30
C LEU C 276 -29.88 -45.74 -2.64
N VAL C 277 -29.16 -44.80 -2.07
CA VAL C 277 -29.32 -43.37 -2.31
C VAL C 277 -28.08 -42.86 -3.04
N ALA C 278 -28.27 -41.79 -3.82
CA ALA C 278 -27.14 -41.10 -4.44
C ALA C 278 -26.48 -40.14 -3.47
N ARG C 279 -25.25 -39.79 -3.76
CA ARG C 279 -24.66 -38.74 -2.96
C ARG C 279 -25.11 -37.40 -3.51
N PRO C 280 -25.58 -36.47 -2.66
CA PRO C 280 -26.04 -35.19 -3.19
C PRO C 280 -24.96 -34.48 -4.00
N GLU C 281 -23.69 -34.74 -3.67
CA GLU C 281 -22.58 -34.00 -4.26
C GLU C 281 -22.43 -34.23 -5.77
N LEU C 282 -22.94 -35.36 -6.29
CA LEU C 282 -22.78 -35.62 -7.72
C LEU C 282 -23.52 -34.58 -8.55
N GLU C 283 -24.81 -34.40 -8.29
CA GLU C 283 -25.60 -33.44 -9.06
C GLU C 283 -25.25 -31.99 -8.68
N ILE C 284 -24.81 -31.74 -7.45
CA ILE C 284 -24.35 -30.41 -7.10
C ILE C 284 -23.16 -30.03 -7.96
N MET C 285 -22.22 -30.95 -8.13
CA MET C 285 -21.07 -30.64 -8.96
C MET C 285 -21.46 -30.43 -10.41
N GLY C 286 -22.35 -31.28 -10.93
CA GLY C 286 -22.75 -31.12 -12.31
C GLY C 286 -23.35 -29.75 -12.58
N LEU C 287 -24.28 -29.31 -11.72
CA LEU C 287 -24.85 -27.99 -11.93
C LEU C 287 -23.92 -26.86 -11.52
N ALA C 288 -22.98 -27.10 -10.59
CA ALA C 288 -22.10 -26.03 -10.15
C ALA C 288 -21.25 -25.51 -11.30
N MET C 289 -20.80 -26.40 -12.20
CA MET C 289 -19.97 -25.95 -13.32
C MET C 289 -20.78 -25.24 -14.41
N VAL C 290 -22.06 -25.56 -14.56
CA VAL C 290 -22.96 -24.67 -15.29
C VAL C 290 -22.99 -23.30 -14.62
N GLY C 291 -23.29 -23.26 -13.32
CA GLY C 291 -23.35 -21.99 -12.62
C GLY C 291 -22.06 -21.21 -12.71
N GLY C 292 -20.94 -21.86 -12.39
CA GLY C 292 -19.65 -21.19 -12.47
C GLY C 292 -19.29 -20.78 -13.88
N GLY C 293 -19.62 -21.63 -14.85
CA GLY C 293 -19.32 -21.28 -16.23
C GLY C 293 -20.03 -20.02 -16.69
N ARG C 294 -21.22 -19.74 -16.16
CA ARG C 294 -21.95 -18.55 -16.56
C ARG C 294 -21.49 -17.27 -15.87
N VAL C 295 -20.72 -17.39 -14.80
CA VAL C 295 -20.24 -16.20 -14.13
C VAL C 295 -18.88 -15.84 -14.76
N PHE C 296 -17.93 -16.78 -14.75
CA PHE C 296 -16.60 -16.48 -15.21
C PHE C 296 -16.30 -16.96 -16.63
N GLY C 297 -17.15 -17.78 -17.23
CA GLY C 297 -16.86 -18.32 -18.55
C GLY C 297 -17.72 -17.72 -19.63
N ALA C 298 -18.55 -16.76 -19.24
CA ALA C 298 -19.42 -16.08 -20.22
C ALA C 298 -18.63 -15.27 -21.23
N ALA C 299 -17.49 -14.72 -20.83
CA ALA C 299 -16.69 -13.88 -21.74
C ALA C 299 -16.28 -14.63 -22.99
N HIS C 300 -15.94 -15.91 -22.83
CA HIS C 300 -15.35 -16.68 -23.93
C HIS C 300 -16.35 -16.91 -25.05
N VAL C 301 -17.63 -16.73 -24.78
CA VAL C 301 -18.63 -16.87 -25.84
C VAL C 301 -18.59 -15.68 -26.78
N PHE C 302 -18.20 -14.51 -26.30
CA PHE C 302 -18.28 -13.31 -27.11
C PHE C 302 -16.94 -12.70 -27.46
N ASP C 303 -15.88 -12.96 -26.69
CA ASP C 303 -14.56 -12.42 -27.01
C ASP C 303 -13.70 -13.42 -27.74
N PHE C 304 -14.32 -14.41 -28.38
CA PHE C 304 -13.66 -15.25 -29.35
C PHE C 304 -14.48 -15.24 -30.62
N PRO C 305 -13.85 -15.12 -31.80
CA PRO C 305 -14.63 -15.03 -33.04
C PRO C 305 -15.24 -16.34 -33.48
N TRP C 306 -16.15 -16.94 -32.70
CA TRP C 306 -16.67 -18.26 -33.08
C TRP C 306 -17.44 -18.20 -34.39
N ALA C 307 -18.18 -17.12 -34.63
CA ALA C 307 -18.98 -17.01 -35.84
C ALA C 307 -18.11 -17.15 -37.08
N SER C 308 -16.86 -16.69 -37.00
CA SER C 308 -15.99 -16.83 -38.16
C SER C 308 -15.66 -18.29 -38.49
N LEU C 309 -16.04 -19.26 -37.63
CA LEU C 309 -15.77 -20.64 -38.03
C LEU C 309 -16.85 -21.20 -38.95
N GLY C 310 -18.02 -20.57 -39.03
CA GLY C 310 -19.08 -21.12 -39.85
C GLY C 310 -19.74 -22.29 -39.15
N ASN C 311 -20.05 -23.37 -39.88
CA ASN C 311 -20.66 -24.55 -39.28
C ASN C 311 -19.57 -25.54 -38.86
N ALA C 312 -19.08 -25.40 -37.62
CA ALA C 312 -17.93 -26.14 -37.10
C ALA C 312 -18.34 -27.08 -35.96
N LEU C 313 -17.50 -28.08 -35.64
CA LEU C 313 -17.72 -29.02 -34.54
C LEU C 313 -16.77 -28.73 -33.39
N VAL C 314 -17.36 -28.44 -32.23
CA VAL C 314 -16.64 -28.19 -30.98
C VAL C 314 -16.80 -29.45 -30.15
N VAL C 315 -15.71 -30.02 -29.67
CA VAL C 315 -15.82 -31.21 -28.84
C VAL C 315 -15.44 -30.71 -27.44
N ASP C 316 -16.37 -30.78 -26.50
CA ASP C 316 -16.16 -30.25 -25.16
C ASP C 316 -15.59 -31.36 -24.29
N VAL C 317 -14.26 -31.47 -24.29
CA VAL C 317 -13.60 -32.52 -23.53
C VAL C 317 -13.75 -32.19 -22.05
N GLY C 318 -14.14 -33.20 -21.26
CA GLY C 318 -14.48 -32.93 -19.88
C GLY C 318 -15.58 -31.91 -19.77
N GLY C 319 -16.48 -31.87 -20.74
CA GLY C 319 -17.49 -30.84 -20.84
C GLY C 319 -18.50 -30.83 -19.73
N GLY C 320 -18.38 -31.77 -18.79
CA GLY C 320 -19.37 -31.84 -17.73
C GLY C 320 -20.72 -32.12 -18.33
N VAL C 321 -21.76 -31.53 -17.72
CA VAL C 321 -23.12 -31.69 -18.20
C VAL C 321 -23.27 -31.01 -19.56
N GLY C 322 -22.27 -30.22 -19.96
CA GLY C 322 -22.32 -29.42 -21.17
C GLY C 322 -22.71 -27.97 -20.98
N GLY C 323 -22.41 -27.38 -19.83
CA GLY C 323 -22.79 -26.01 -19.58
C GLY C 323 -22.21 -25.03 -20.59
N PHE C 324 -21.04 -25.33 -21.16
CA PHE C 324 -20.48 -24.36 -22.08
C PHE C 324 -21.05 -24.52 -23.48
N ALA C 325 -21.44 -25.74 -23.86
CA ALA C 325 -22.21 -25.89 -25.08
C ALA C 325 -23.55 -25.17 -24.98
N LEU C 326 -24.15 -25.14 -23.79
CA LEU C 326 -25.39 -24.38 -23.61
C LEU C 326 -25.20 -22.91 -23.93
N GLN C 327 -24.11 -22.31 -23.45
CA GLN C 327 -23.88 -20.88 -23.66
C GLN C 327 -23.59 -20.58 -25.12
N LEU C 328 -22.86 -21.47 -25.79
CA LEU C 328 -22.48 -21.23 -27.17
C LEU C 328 -23.65 -21.50 -28.12
N SER C 329 -24.44 -22.54 -27.84
CA SER C 329 -25.54 -22.91 -28.72
C SER C 329 -26.55 -21.77 -28.90
N LYS C 330 -26.84 -21.03 -27.86
CA LYS C 330 -27.82 -19.99 -28.03
C LYS C 330 -27.37 -18.89 -28.97
N VAL C 331 -26.08 -18.81 -29.25
CA VAL C 331 -25.60 -17.63 -29.95
C VAL C 331 -25.04 -17.88 -31.32
N TYR C 332 -24.37 -18.99 -31.50
CA TYR C 332 -23.87 -19.33 -32.83
C TYR C 332 -24.57 -20.57 -33.35
N PRO C 333 -25.60 -20.39 -34.21
CA PRO C 333 -26.51 -21.49 -34.54
C PRO C 333 -25.90 -22.54 -35.44
N ASP C 334 -24.76 -22.26 -36.04
CA ASP C 334 -24.13 -23.15 -36.99
C ASP C 334 -23.13 -24.11 -36.35
N LEU C 335 -22.89 -24.05 -35.05
CA LEU C 335 -21.90 -24.97 -34.48
C LEU C 335 -22.58 -26.23 -33.96
N ARG C 336 -21.88 -27.34 -34.15
CA ARG C 336 -22.25 -28.68 -33.74
C ARG C 336 -21.30 -29.11 -32.62
N PHE C 337 -21.83 -29.82 -31.61
CA PHE C 337 -21.09 -30.14 -30.38
C PHE C 337 -21.19 -31.61 -30.04
N VAL C 338 -20.16 -32.13 -29.36
CA VAL C 338 -20.24 -33.41 -28.66
C VAL C 338 -19.57 -33.23 -27.30
N ILE C 339 -20.27 -33.62 -26.24
CA ILE C 339 -19.84 -33.37 -24.87
C ILE C 339 -19.25 -34.66 -24.32
N GLN C 340 -18.03 -34.60 -23.82
CA GLN C 340 -17.31 -35.78 -23.38
C GLN C 340 -16.97 -35.68 -21.91
N ASP C 341 -17.47 -36.63 -21.14
CA ASP C 341 -17.16 -36.67 -19.72
C ASP C 341 -17.48 -38.10 -19.24
N ARG C 342 -17.62 -38.27 -17.92
CA ARG C 342 -17.85 -39.58 -17.34
C ARG C 342 -19.32 -39.97 -17.53
N GLY C 343 -19.57 -41.27 -17.65
CA GLY C 343 -20.91 -41.78 -17.86
C GLY C 343 -21.97 -41.06 -17.05
N PRO C 344 -21.88 -41.16 -15.71
CA PRO C 344 -22.94 -40.59 -14.84
C PRO C 344 -23.17 -39.11 -15.00
N VAL C 345 -22.13 -38.35 -15.33
CA VAL C 345 -22.32 -36.92 -15.55
C VAL C 345 -23.09 -36.69 -16.85
N ILE C 346 -22.68 -37.36 -17.94
CA ILE C 346 -23.41 -37.38 -19.22
C ILE C 346 -24.88 -37.66 -19.01
N GLN C 347 -25.20 -38.70 -18.23
CA GLN C 347 -26.60 -39.07 -18.13
C GLN C 347 -27.40 -37.97 -17.42
N GLN C 348 -26.81 -37.30 -16.43
CA GLN C 348 -27.50 -36.15 -15.85
C GLN C 348 -27.72 -35.06 -16.87
N ALA C 349 -26.77 -34.86 -17.78
CA ALA C 349 -26.94 -33.89 -18.85
C ALA C 349 -28.13 -34.25 -19.73
N LEU C 350 -28.31 -35.55 -20.00
CA LEU C 350 -29.32 -36.04 -20.95
C LEU C 350 -30.71 -36.17 -20.34
N GLU C 351 -30.79 -36.43 -19.05
CA GLU C 351 -32.06 -36.70 -18.41
C GLU C 351 -32.63 -35.51 -17.68
N SER C 352 -31.82 -34.56 -17.24
CA SER C 352 -32.42 -33.44 -16.53
C SER C 352 -31.93 -32.06 -16.94
N VAL C 353 -30.76 -31.96 -17.55
CA VAL C 353 -30.23 -30.61 -17.63
C VAL C 353 -30.68 -30.09 -18.99
N TRP C 354 -30.31 -30.81 -20.06
CA TRP C 354 -30.62 -30.35 -21.41
C TRP C 354 -32.10 -30.45 -21.77
N PRO C 355 -32.85 -31.52 -21.34
CA PRO C 355 -34.30 -31.47 -21.50
C PRO C 355 -34.91 -30.16 -21.02
N ASN C 356 -34.37 -29.61 -19.95
CA ASN C 356 -34.99 -28.49 -19.27
C ASN C 356 -34.36 -27.14 -19.62
N GLU C 357 -33.27 -27.10 -20.40
CA GLU C 357 -32.69 -25.82 -20.83
C GLU C 357 -32.45 -25.67 -22.33
N ASN C 358 -32.53 -26.74 -23.11
CA ASN C 358 -32.44 -26.56 -24.55
C ASN C 358 -32.83 -27.89 -25.21
N PRO C 359 -34.12 -28.23 -25.22
CA PRO C 359 -34.53 -29.52 -25.79
C PRO C 359 -34.43 -29.58 -27.31
N ALA C 360 -34.57 -28.45 -28.00
CA ALA C 360 -34.49 -28.48 -29.46
C ALA C 360 -33.09 -28.85 -29.94
N ALA C 361 -32.06 -28.53 -29.14
CA ALA C 361 -30.71 -28.81 -29.58
C ALA C 361 -30.39 -30.29 -29.61
N LEU C 362 -31.05 -31.07 -28.75
CA LEU C 362 -30.85 -32.51 -28.72
C LEU C 362 -31.70 -33.21 -29.77
N LYS C 363 -32.97 -32.80 -29.87
CA LYS C 363 -33.90 -33.38 -30.83
C LYS C 363 -33.41 -33.19 -32.27
N ASP C 364 -32.57 -32.18 -32.52
CA ASP C 364 -31.91 -31.99 -33.80
C ASP C 364 -30.51 -32.58 -33.86
N GLN C 365 -30.04 -33.20 -32.77
CA GLN C 365 -28.72 -33.84 -32.71
C GLN C 365 -27.59 -32.84 -32.95
N ARG C 366 -27.91 -31.55 -32.78
CA ARG C 366 -26.89 -30.51 -32.77
C ARG C 366 -25.85 -30.74 -31.69
N VAL C 367 -26.28 -31.27 -30.53
CA VAL C 367 -25.41 -31.59 -29.40
C VAL C 367 -25.49 -33.08 -29.15
N GLN C 368 -24.34 -33.74 -29.13
CA GLN C 368 -24.26 -35.16 -28.82
C GLN C 368 -23.42 -35.37 -27.57
N PHE C 369 -23.69 -36.46 -26.86
CA PHE C 369 -22.97 -36.76 -25.64
C PHE C 369 -22.24 -38.09 -25.80
N MET C 370 -21.11 -38.23 -25.10
CA MET C 370 -20.23 -39.37 -25.30
C MET C 370 -19.53 -39.67 -23.98
N GLU C 371 -19.72 -40.86 -23.44
CA GLU C 371 -19.01 -41.25 -22.24
C GLU C 371 -17.55 -41.53 -22.59
N HIS C 372 -16.61 -40.83 -21.94
CA HIS C 372 -15.22 -40.89 -22.37
C HIS C 372 -14.32 -40.51 -21.20
N SER C 373 -13.17 -41.17 -21.10
CA SER C 373 -12.11 -40.85 -20.15
C SER C 373 -11.00 -40.11 -20.87
N PHE C 374 -10.76 -38.83 -20.50
CA PHE C 374 -9.76 -38.13 -21.30
C PHE C 374 -8.30 -38.62 -21.06
N PHE C 375 -8.03 -39.70 -20.33
CA PHE C 375 -6.72 -40.30 -20.36
C PHE C 375 -6.55 -41.22 -21.56
N ASP C 376 -7.60 -41.42 -22.35
CA ASP C 376 -7.48 -42.18 -23.59
C ASP C 376 -7.63 -41.31 -24.83
N LYS C 377 -7.06 -41.83 -25.91
CA LYS C 377 -7.19 -41.35 -27.27
C LYS C 377 -8.62 -40.90 -27.54
N ASN C 378 -8.79 -39.66 -28.00
CA ASN C 378 -10.14 -39.13 -28.24
C ASN C 378 -10.74 -39.76 -29.49
N PRO C 379 -11.97 -40.28 -29.42
CA PRO C 379 -12.58 -40.94 -30.59
C PRO C 379 -12.84 -39.99 -31.75
N VAL C 380 -12.84 -38.69 -31.53
CA VAL C 380 -13.22 -37.73 -32.55
C VAL C 380 -11.95 -37.15 -33.16
N GLU C 381 -11.74 -37.37 -34.46
CA GLU C 381 -10.52 -36.92 -35.14
C GLU C 381 -10.83 -35.78 -36.09
N GLY C 382 -9.94 -34.79 -36.11
CA GLY C 382 -10.04 -33.68 -37.04
C GLY C 382 -11.13 -32.67 -36.78
N ALA C 383 -11.61 -32.54 -35.55
CA ALA C 383 -12.60 -31.51 -35.28
C ALA C 383 -11.95 -30.14 -35.32
N ASP C 384 -12.78 -29.12 -35.58
CA ASP C 384 -12.32 -27.74 -35.66
C ASP C 384 -11.72 -27.25 -34.35
N VAL C 385 -12.49 -27.36 -33.27
CA VAL C 385 -12.13 -26.82 -31.96
C VAL C 385 -12.33 -27.91 -30.91
N TYR C 386 -11.31 -28.13 -30.11
CA TYR C 386 -11.42 -28.92 -28.90
C TYR C 386 -11.43 -27.95 -27.74
N TYR C 387 -12.55 -27.87 -27.05
CA TYR C 387 -12.69 -26.99 -25.90
C TYR C 387 -12.37 -27.77 -24.64
N LEU C 388 -11.47 -27.23 -23.82
CA LEU C 388 -11.18 -27.85 -22.54
C LEU C 388 -11.10 -26.76 -21.47
N ARG C 389 -12.15 -26.70 -20.67
CA ARG C 389 -12.37 -25.65 -19.67
C ARG C 389 -12.34 -26.27 -18.29
N TYR C 390 -11.55 -25.67 -17.40
CA TYR C 390 -11.49 -26.08 -16.00
C TYR C 390 -11.23 -27.58 -15.85
N VAL C 391 -10.46 -28.20 -16.75
CA VAL C 391 -10.00 -29.57 -16.58
C VAL C 391 -8.52 -29.64 -16.28
N LEU C 392 -7.71 -28.83 -16.97
CA LEU C 392 -6.27 -28.93 -16.75
C LEU C 392 -5.89 -28.54 -15.34
N HIS C 393 -6.64 -27.63 -14.73
CA HIS C 393 -6.35 -27.19 -13.38
C HIS C 393 -6.72 -28.20 -12.31
N ASP C 394 -7.37 -29.32 -12.65
CA ASP C 394 -7.72 -30.34 -11.68
C ASP C 394 -6.66 -31.41 -11.53
N TRP C 395 -5.52 -31.27 -12.21
CA TRP C 395 -4.50 -32.30 -12.21
C TRP C 395 -3.12 -31.66 -12.22
N SER C 396 -2.17 -32.33 -11.58
CA SER C 396 -0.80 -31.88 -11.64
C SER C 396 -0.24 -32.22 -13.03
N ASP C 397 1.02 -31.85 -13.24
CA ASP C 397 1.52 -31.67 -14.60
C ASP C 397 1.62 -32.99 -15.37
N ASP C 398 1.92 -34.10 -14.68
CA ASP C 398 2.07 -35.38 -15.37
C ASP C 398 0.76 -35.83 -16.03
N TYR C 399 -0.36 -35.75 -15.30
CA TYR C 399 -1.65 -36.10 -15.89
C TYR C 399 -2.00 -35.16 -17.00
N CYS C 400 -1.64 -33.88 -16.82
CA CYS C 400 -2.08 -32.88 -17.77
C CYS C 400 -1.49 -33.11 -19.15
N VAL C 401 -0.20 -33.39 -19.23
CA VAL C 401 0.38 -33.61 -20.55
C VAL C 401 -0.14 -34.92 -21.16
N ASN C 402 -0.60 -35.86 -20.34
CA ASN C 402 -1.24 -37.05 -20.90
C ASN C 402 -2.57 -36.69 -21.55
N ILE C 403 -3.34 -35.83 -20.89
CA ILE C 403 -4.65 -35.44 -21.41
C ILE C 403 -4.51 -34.63 -22.69
N LEU C 404 -3.51 -33.75 -22.75
CA LEU C 404 -3.29 -33.00 -23.99
C LEU C 404 -2.73 -33.88 -25.08
N SER C 405 -1.93 -34.88 -24.73
CA SER C 405 -1.39 -35.76 -25.76
C SER C 405 -2.49 -36.61 -26.36
N ARG C 406 -3.47 -36.97 -25.53
CA ARG C 406 -4.64 -37.70 -25.98
C ARG C 406 -5.34 -36.96 -27.11
N ILE C 407 -5.67 -35.69 -26.88
CA ILE C 407 -6.31 -34.90 -27.94
C ILE C 407 -5.42 -34.78 -29.16
N ARG C 408 -4.18 -34.34 -28.95
CA ARG C 408 -3.28 -34.02 -30.06
C ARG C 408 -3.26 -35.11 -31.12
N GLU C 409 -3.17 -36.35 -30.65
CA GLU C 409 -3.10 -37.52 -31.53
C GLU C 409 -4.30 -37.60 -32.46
N SER C 410 -5.29 -36.73 -32.24
CA SER C 410 -6.55 -36.78 -32.97
C SER C 410 -6.88 -35.47 -33.70
N MET C 411 -5.96 -34.50 -33.72
CA MET C 411 -6.24 -33.21 -34.34
C MET C 411 -5.82 -33.16 -35.81
N ALA C 412 -6.61 -32.44 -36.61
CA ALA C 412 -6.29 -32.15 -38.00
C ALA C 412 -5.34 -30.97 -38.09
N PRO C 413 -4.78 -30.72 -39.28
CA PRO C 413 -3.88 -29.55 -39.39
C PRO C 413 -4.57 -28.22 -39.11
N HIS C 414 -5.86 -28.09 -39.41
CA HIS C 414 -6.60 -26.88 -39.12
C HIS C 414 -7.27 -26.87 -37.75
N SER C 415 -7.01 -27.89 -36.92
CA SER C 415 -7.68 -28.00 -35.63
C SER C 415 -7.12 -27.00 -34.63
N ARG C 416 -7.96 -26.61 -33.69
CA ARG C 416 -7.63 -25.61 -32.68
C ARG C 416 -8.01 -26.18 -31.33
N LEU C 417 -7.08 -26.18 -30.38
CA LEU C 417 -7.39 -26.58 -29.02
C LEU C 417 -7.45 -25.31 -28.16
N LEU C 418 -8.58 -25.10 -27.50
CA LEU C 418 -8.80 -23.91 -26.69
C LEU C 418 -8.89 -24.36 -25.24
N ILE C 419 -7.92 -23.92 -24.45
CA ILE C 419 -7.90 -24.18 -23.03
C ILE C 419 -8.48 -22.95 -22.35
N CYS C 420 -9.47 -23.16 -21.51
CA CYS C 420 -10.17 -22.08 -20.82
C CYS C 420 -9.84 -22.28 -19.35
N GLU C 421 -8.88 -21.50 -18.85
CA GLU C 421 -8.40 -21.61 -17.49
C GLU C 421 -7.88 -20.27 -17.04
N GLN C 422 -7.69 -20.13 -15.74
CA GLN C 422 -6.97 -18.98 -15.22
C GLN C 422 -5.53 -19.05 -15.70
N VAL C 423 -5.10 -18.02 -16.40
CA VAL C 423 -3.70 -17.84 -16.77
C VAL C 423 -3.16 -16.83 -15.78
N MET C 424 -2.45 -17.34 -14.76
CA MET C 424 -2.19 -16.55 -13.57
C MET C 424 -1.14 -15.50 -13.84
N ASN C 425 -1.45 -14.28 -13.41
CA ASN C 425 -0.51 -13.17 -13.36
C ASN C 425 -0.06 -13.03 -11.91
N THR C 426 0.85 -12.09 -11.68
CA THR C 426 1.41 -11.91 -10.36
C THR C 426 1.31 -10.43 -9.99
N THR C 427 1.59 -10.11 -8.73
CA THR C 427 1.54 -8.71 -8.33
C THR C 427 2.63 -7.88 -9.00
N ILE C 428 3.61 -8.51 -9.65
CA ILE C 428 4.67 -7.77 -10.32
C ILE C 428 4.67 -7.99 -11.84
N GLY C 429 3.58 -8.51 -12.41
CA GLY C 429 3.39 -8.51 -13.85
C GLY C 429 4.05 -9.67 -14.57
N ASP C 430 3.62 -9.88 -15.83
CA ASP C 430 4.09 -10.97 -16.68
C ASP C 430 4.33 -10.45 -18.10
N PRO C 431 5.40 -10.90 -18.74
CA PRO C 431 5.67 -10.47 -20.12
C PRO C 431 4.48 -10.65 -21.06
N ASP C 432 3.70 -11.74 -20.91
CA ASP C 432 2.64 -12.10 -21.84
C ASP C 432 1.23 -11.71 -21.38
N LEU C 433 1.10 -10.95 -20.31
CA LEU C 433 -0.20 -10.47 -19.85
C LEU C 433 -0.12 -8.98 -19.56
N THR C 434 -1.22 -8.28 -19.81
CA THR C 434 -1.22 -6.84 -19.69
C THR C 434 -1.31 -6.44 -18.23
N SER C 435 -0.47 -5.51 -17.83
CA SER C 435 -0.39 -5.12 -16.43
C SER C 435 -1.35 -3.98 -16.11
N ALA C 436 -1.77 -3.92 -14.86
CA ALA C 436 -2.56 -2.81 -14.41
C ALA C 436 -1.71 -1.54 -14.37
N PRO C 437 -2.33 -0.37 -14.50
CA PRO C 437 -1.61 0.89 -14.32
C PRO C 437 -0.86 0.94 -13.00
N ALA C 438 0.23 1.70 -12.98
CA ALA C 438 0.83 2.03 -11.71
C ALA C 438 -0.09 3.06 -11.07
N PRO C 439 -0.26 3.04 -9.72
CA PRO C 439 0.32 2.29 -8.59
C PRO C 439 -0.37 0.98 -8.21
N LEU C 440 -1.12 0.31 -9.13
CA LEU C 440 -1.89 -0.87 -8.74
C LEU C 440 -1.06 -2.14 -8.83
N PRO C 441 -1.47 -3.20 -8.12
CA PRO C 441 -0.87 -4.51 -8.36
C PRO C 441 -1.06 -4.87 -9.82
N ALA C 442 0.00 -5.43 -10.43
CA ALA C 442 -0.05 -5.66 -11.88
C ALA C 442 -1.15 -6.64 -12.27
N ASN C 443 -1.56 -7.53 -11.36
CA ASN C 443 -2.61 -8.47 -11.68
C ASN C 443 -3.98 -7.99 -11.24
N TYR C 444 -4.10 -6.72 -10.87
CA TYR C 444 -5.33 -6.10 -10.37
C TYR C 444 -5.75 -6.65 -9.01
N GLY C 445 -4.83 -7.28 -8.28
CA GLY C 445 -5.05 -7.62 -6.88
C GLY C 445 -6.39 -8.23 -6.51
N PHE C 446 -7.23 -7.49 -5.78
CA PHE C 446 -8.51 -8.04 -5.35
C PHE C 446 -9.32 -8.57 -6.52
N HIS C 447 -9.15 -8.00 -7.71
CA HIS C 447 -9.91 -8.49 -8.85
C HIS C 447 -9.67 -9.97 -9.10
N ALA C 448 -8.54 -10.50 -8.63
CA ALA C 448 -8.19 -11.90 -8.87
C ALA C 448 -8.41 -12.79 -7.65
N ARG C 449 -9.12 -12.31 -6.62
CA ARG C 449 -9.27 -13.06 -5.38
C ARG C 449 -9.92 -14.41 -5.59
N PHE C 450 -10.87 -14.48 -6.53
CA PHE C 450 -11.53 -15.75 -6.80
C PHE C 450 -10.55 -16.75 -7.40
N SER C 451 -9.69 -16.30 -8.31
CA SER C 451 -8.72 -17.19 -8.93
C SER C 451 -7.79 -17.79 -7.90
N HIS C 452 -7.40 -17.02 -6.89
CA HIS C 452 -6.54 -17.56 -5.85
C HIS C 452 -7.30 -18.50 -4.92
N SER C 453 -8.56 -18.18 -4.62
CA SER C 453 -9.35 -19.11 -3.81
C SER C 453 -9.46 -20.46 -4.48
N ARG C 454 -9.67 -20.47 -5.79
CA ARG C 454 -9.78 -21.74 -6.48
C ARG C 454 -8.43 -22.43 -6.59
N ASP C 455 -7.35 -21.65 -6.60
CA ASP C 455 -6.01 -22.24 -6.59
C ASP C 455 -5.83 -23.12 -5.36
N LEU C 456 -6.32 -22.67 -4.20
CA LEU C 456 -6.18 -23.49 -3.00
C LEU C 456 -7.21 -24.61 -2.93
N THR C 457 -8.39 -24.42 -3.52
CA THR C 457 -9.33 -25.53 -3.66
C THR C 457 -8.71 -26.65 -4.50
N MET C 458 -8.03 -26.29 -5.60
CA MET C 458 -7.38 -27.32 -6.42
C MET C 458 -6.27 -28.02 -5.67
N MET C 459 -5.58 -27.33 -4.76
CA MET C 459 -4.51 -27.99 -4.03
C MET C 459 -5.10 -28.94 -2.98
N ALA C 460 -6.20 -28.54 -2.35
CA ALA C 460 -6.76 -29.32 -1.26
C ALA C 460 -7.50 -30.56 -1.74
N ALA C 461 -8.05 -30.50 -2.93
CA ALA C 461 -8.91 -31.55 -3.38
C ALA C 461 -8.28 -32.47 -4.37
N ILE C 462 -7.59 -31.90 -5.36
CA ILE C 462 -7.16 -32.69 -6.50
C ILE C 462 -5.69 -32.53 -6.74
N ASN C 463 -5.04 -31.76 -5.88
CA ASN C 463 -3.63 -31.45 -6.03
C ASN C 463 -3.41 -30.67 -7.31
N GLY C 464 -4.50 -30.24 -7.94
CA GLY C 464 -4.40 -29.51 -9.18
C GLY C 464 -3.56 -28.27 -8.98
N ILE C 465 -3.45 -27.51 -10.05
CA ILE C 465 -2.66 -26.30 -10.04
C ILE C 465 -3.21 -25.30 -11.03
N GLU C 466 -3.45 -24.08 -10.55
CA GLU C 466 -3.77 -22.95 -11.41
C GLU C 466 -2.41 -22.49 -11.92
N ARG C 467 -2.31 -22.19 -13.21
CA ARG C 467 -0.99 -22.09 -13.79
C ARG C 467 -0.64 -20.80 -14.50
N THR C 468 0.62 -20.39 -14.35
CA THR C 468 1.12 -19.20 -15.03
C THR C 468 1.36 -19.53 -16.49
N PRO C 469 1.57 -18.51 -17.35
CA PRO C 469 1.88 -18.83 -18.75
C PRO C 469 3.10 -19.72 -18.90
N GLU C 470 4.16 -19.47 -18.13
CA GLU C 470 5.35 -20.30 -18.27
C GLU C 470 5.09 -21.73 -17.88
N GLU C 471 4.21 -21.96 -16.92
CA GLU C 471 3.94 -23.34 -16.54
C GLU C 471 3.03 -24.04 -17.53
N PHE C 472 2.15 -23.28 -18.20
CA PHE C 472 1.34 -23.86 -19.27
C PHE C 472 2.21 -24.21 -20.48
N LYS C 473 3.18 -23.36 -20.80
CA LYS C 473 4.07 -23.61 -21.93
C LYS C 473 4.86 -24.90 -21.75
N THR C 474 5.33 -25.15 -20.52
CA THR C 474 6.16 -26.31 -20.27
C THR C 474 5.37 -27.61 -20.47
N ILE C 475 4.09 -27.63 -20.11
CA ILE C 475 3.32 -28.85 -20.36
C ILE C 475 2.80 -28.91 -21.79
N LEU C 476 2.62 -27.76 -22.47
CA LEU C 476 2.20 -27.83 -23.86
C LEU C 476 3.34 -28.29 -24.77
N LYS C 477 4.58 -27.89 -24.47
CA LYS C 477 5.71 -28.32 -25.27
C LYS C 477 6.10 -29.75 -24.96
N SER C 478 5.70 -30.26 -23.79
CA SER C 478 5.92 -31.66 -23.47
C SER C 478 4.89 -32.55 -24.17
N ALA C 479 3.73 -32.00 -24.49
CA ALA C 479 2.68 -32.69 -25.21
C ALA C 479 2.77 -32.56 -26.72
N GLY C 480 3.79 -31.88 -27.23
CA GLY C 480 3.88 -31.68 -28.66
C GLY C 480 2.88 -30.68 -29.18
N LEU C 481 2.52 -29.69 -28.37
CA LEU C 481 1.61 -28.63 -28.78
C LEU C 481 2.31 -27.29 -28.63
N ALA C 482 1.89 -26.35 -29.46
CA ALA C 482 2.41 -24.98 -29.42
C ALA C 482 1.29 -24.02 -29.06
N LEU C 483 1.62 -23.03 -28.24
CA LEU C 483 0.67 -22.00 -27.85
C LEU C 483 0.71 -20.89 -28.90
N LYS C 484 -0.39 -20.72 -29.63
CA LYS C 484 -0.38 -19.70 -30.67
C LYS C 484 -0.85 -18.35 -30.12
N GLN C 485 -1.77 -18.34 -29.16
CA GLN C 485 -2.25 -17.06 -28.65
C GLN C 485 -2.87 -17.22 -27.27
N ILE C 486 -2.70 -16.18 -26.44
CA ILE C 486 -3.46 -16.00 -25.22
C ILE C 486 -4.58 -15.01 -25.49
N TRP C 487 -5.79 -15.36 -25.10
CA TRP C 487 -6.95 -14.48 -25.26
C TRP C 487 -7.32 -13.89 -23.91
N GLU C 488 -7.04 -12.60 -23.74
CA GLU C 488 -7.48 -11.87 -22.58
C GLU C 488 -8.92 -11.45 -22.80
N CYS C 489 -9.79 -11.79 -21.85
CA CYS C 489 -11.22 -11.55 -22.04
C CYS C 489 -11.78 -10.78 -20.85
N ARG C 490 -13.07 -10.49 -20.93
CA ARG C 490 -13.82 -9.88 -19.84
C ARG C 490 -14.06 -10.92 -18.74
N SER C 491 -12.95 -11.47 -18.28
CA SER C 491 -12.93 -12.41 -17.18
C SER C 491 -11.49 -12.57 -16.72
N GLN C 492 -11.32 -12.89 -15.44
CA GLN C 492 -10.01 -13.28 -14.95
C GLN C 492 -9.60 -14.66 -15.41
N VAL C 493 -10.55 -15.45 -15.98
CA VAL C 493 -10.23 -16.68 -16.69
C VAL C 493 -10.08 -16.31 -18.16
N SER C 494 -9.10 -16.94 -18.83
CA SER C 494 -8.72 -16.62 -20.19
C SER C 494 -8.79 -17.88 -21.04
N LEU C 495 -8.41 -17.75 -22.31
CA LEU C 495 -8.31 -18.87 -23.24
C LEU C 495 -6.88 -19.03 -23.73
N LEU C 496 -6.36 -20.25 -23.68
CA LEU C 496 -5.10 -20.57 -24.32
C LEU C 496 -5.40 -21.35 -25.58
N GLU C 497 -4.99 -20.80 -26.70
CA GLU C 497 -5.20 -21.41 -28.01
C GLU C 497 -3.92 -22.08 -28.48
N ALA C 498 -3.99 -23.41 -28.64
CA ALA C 498 -2.85 -24.23 -29.02
C ALA C 498 -3.12 -25.10 -30.24
N VAL C 499 -2.09 -25.27 -31.06
CA VAL C 499 -2.04 -26.27 -32.11
C VAL C 499 -0.82 -27.15 -31.83
N ARG C 500 -0.65 -28.19 -32.64
CA ARG C 500 0.52 -29.06 -32.55
C ARG C 500 1.72 -28.43 -33.26
N ALA C 501 2.91 -28.72 -32.74
CA ALA C 501 4.17 -28.13 -33.18
C ALA C 501 4.45 -28.32 -34.68
N ASP C 502 3.63 -29.11 -35.37
CA ASP C 502 3.76 -29.27 -36.81
C ASP C 502 3.58 -27.94 -37.54
#